data_5QOK
# 
_entry.id   5QOK 
# 
_audit_conform.dict_name       mmcif_pdbx.dic 
_audit_conform.dict_version    5.387 
_audit_conform.dict_location   http://mmcif.pdb.org/dictionaries/ascii/mmcif_pdbx.dic 
# 
loop_
_database_2.database_id 
_database_2.database_code 
_database_2.pdbx_database_accession 
_database_2.pdbx_DOI 
PDB   5QOK         pdb_00005qok 10.2210/pdb5qok/pdb 
WWPDB D_1001402209 ?            ?                   
# 
loop_
_pdbx_audit_revision_history.ordinal 
_pdbx_audit_revision_history.data_content_type 
_pdbx_audit_revision_history.major_revision 
_pdbx_audit_revision_history.minor_revision 
_pdbx_audit_revision_history.revision_date 
1 'Structure model' 1 0 2019-05-08 
2 'Structure model' 1 1 2019-11-20 
3 'Structure model' 1 2 2024-03-06 
# 
_pdbx_audit_revision_details.ordinal             1 
_pdbx_audit_revision_details.revision_ordinal    1 
_pdbx_audit_revision_details.data_content_type   'Structure model' 
_pdbx_audit_revision_details.provider            repository 
_pdbx_audit_revision_details.type                'Initial release' 
_pdbx_audit_revision_details.description         ? 
_pdbx_audit_revision_details.details             ? 
# 
loop_
_pdbx_audit_revision_group.ordinal 
_pdbx_audit_revision_group.revision_ordinal 
_pdbx_audit_revision_group.data_content_type 
_pdbx_audit_revision_group.group 
1 2 'Structure model' 'Data collection'     
2 3 'Structure model' 'Data collection'     
3 3 'Structure model' 'Database references' 
# 
loop_
_pdbx_audit_revision_category.ordinal 
_pdbx_audit_revision_category.revision_ordinal 
_pdbx_audit_revision_category.data_content_type 
_pdbx_audit_revision_category.category 
1 2 'Structure model' diffrn_source  
2 3 'Structure model' chem_comp_atom 
3 3 'Structure model' chem_comp_bond 
4 3 'Structure model' database_2     
# 
loop_
_pdbx_audit_revision_item.ordinal 
_pdbx_audit_revision_item.revision_ordinal 
_pdbx_audit_revision_item.data_content_type 
_pdbx_audit_revision_item.item 
1 2 'Structure model' '_diffrn_source.pdbx_synchrotron_beamline' 
2 2 'Structure model' '_diffrn_source.type'                      
3 3 'Structure model' '_database_2.pdbx_DOI'                     
4 3 'Structure model' '_database_2.pdbx_database_accession'      
# 
_pdbx_database_status.entry_id                        5QOK 
_pdbx_database_status.status_code                     REL 
_pdbx_database_status.status_code_sf                  REL 
_pdbx_database_status.status_code_mr                  ? 
_pdbx_database_status.status_code_cs                  ? 
_pdbx_database_status.recvd_initial_deposition_date   2019-02-22 
_pdbx_database_status.deposit_site                    RCSB 
_pdbx_database_status.process_site                    RCSB 
_pdbx_database_status.SG_entry                        ? 
_pdbx_database_status.pdb_format_compatible           Y 
_pdbx_database_status.methods_development_category    ? 
_pdbx_database_status.status_code_nmr_data            ? 
# 
loop_
_audit_author.name 
_audit_author.pdbx_ordinal 
_audit_author.identifier_ORCID 
'Nelson, E.R.'      1  ? 
'Velupillai, S.'    2  ? 
'Talon, R.'         3  ? 
'Collins, P.M.'     4  ? 
'Krojer, T.'        5  ? 
'Wang, D.'          6  ? 
'Brandao-Neto, J.'  7  ? 
'Douangamath, A.'   8  ? 
'Burgess-Brown, N.' 9  ? 
'Arrowsmith, C.H.'  10 ? 
'Bountra, C.'       11 ? 
'Huber, K.'         12 ? 
'von Delft, F.'     13 ? 
# 
_citation.id                        primary 
_citation.title                     'PanDDA analysis group deposition' 
_citation.journal_abbrev            'To Be Published' 
_citation.journal_volume            ? 
_citation.page_first                ? 
_citation.page_last                 ? 
_citation.year                      ? 
_citation.journal_id_ASTM           ? 
_citation.country                   ? 
_citation.journal_id_ISSN           ? 
_citation.journal_id_CSD            0353 
_citation.book_publisher            ? 
_citation.pdbx_database_id_PubMed   ? 
_citation.pdbx_database_id_DOI      ? 
# 
loop_
_citation_author.citation_id 
_citation_author.name 
_citation_author.identifier_ORCID 
_citation_author.ordinal 
primary 'Nelson, E.R.'      ? 1  
primary 'Velupillai, S.'    ? 2  
primary 'Talon, R.'         ? 3  
primary 'Collins, P.M.'     ? 4  
primary 'Krojer, T.'        ? 5  
primary 'Wang, D.'          ? 6  
primary 'Brandao-Neto, J.'  ? 7  
primary 'Douangamath, A.'   ? 8  
primary 'Burgess-Brown, N.' ? 9  
primary 'Arrowsmith, C.H.'  ? 10 
primary 'Bountra, C.'       ? 11 
primary 'Huber, K.'         ? 12 
primary 'von Delft, F.'     ? 13 
# 
loop_
_entity.id 
_entity.type 
_entity.src_method 
_entity.pdbx_description 
_entity.formula_weight 
_entity.pdbx_number_of_molecules 
_entity.pdbx_ec 
_entity.pdbx_mutation 
_entity.pdbx_fragment 
_entity.details 
1 polymer     man 'DCP2 (NUDT20)'                                               19073.738 1  3.6.1.62 ? 'UNP residues 95-260' ? 
2 non-polymer syn 1,2-ETHANEDIOL                                                62.068    1  ?        ? ?                     ? 
3 non-polymer syn 'DIMETHYL SULFOXIDE'                                          78.133    1  ?        ? ?                     ? 
4 non-polymer syn 'ACETATE ION'                                                 59.044    2  ?        ? ?                     ? 
5 non-polymer syn 'DI(HYDROXYETHYL)ETHER'                                       106.120   1  ?        ? ?                     ? 
6 non-polymer syn '8-[(dimethylamino)methyl]-4-methyl-7-oxidanyl-chromen-2-one' 233.263   1  ?        ? ?                     ? 
7 water       nat water                                                         18.015    67 ?        ? ?                     ? 
# 
_entity_name_com.entity_id   1 
_entity_name_com.name        
'Nucleoside diphosphate-linked moiety X motif 20, Nudix motif 20, mRNA-decapping enzyme 2, hDpc, m7GpppN-mRNA hydrolase' 
# 
_entity_poly.entity_id                      1 
_entity_poly.type                           'polypeptide(L)' 
_entity_poly.nstd_linkage                   no 
_entity_poly.nstd_monomer                   no 
_entity_poly.pdbx_seq_one_letter_code       
;SMGVPTYGAIILDETLENVLLVQGYLAKSGWGFPKGKVNKEEAPHDCAAREVFEETGFDIKDYICKDDYIELRINDQLAR
LYIIPGIPKDTKFNPKTRREIRNIEWFSIEKLPCHRNDMTPKSKLGLAPNKFFMAIPFIRPLRDWLSRRFGDSSDSDNGF
SSTGSTP
;
_entity_poly.pdbx_seq_one_letter_code_can   
;SMGVPTYGAIILDETLENVLLVQGYLAKSGWGFPKGKVNKEEAPHDCAAREVFEETGFDIKDYICKDDYIELRINDQLAR
LYIIPGIPKDTKFNPKTRREIRNIEWFSIEKLPCHRNDMTPKSKLGLAPNKFFMAIPFIRPLRDWLSRRFGDSSDSDNGF
SSTGSTP
;
_entity_poly.pdbx_strand_id                 A 
_entity_poly.pdbx_target_identifier         ? 
# 
loop_
_pdbx_entity_nonpoly.entity_id 
_pdbx_entity_nonpoly.name 
_pdbx_entity_nonpoly.comp_id 
2 1,2-ETHANEDIOL                                                EDO 
3 'DIMETHYL SULFOXIDE'                                          DMS 
4 'ACETATE ION'                                                 ACT 
5 'DI(HYDROXYETHYL)ETHER'                                       PEG 
6 '8-[(dimethylamino)methyl]-4-methyl-7-oxidanyl-chromen-2-one' AWS 
7 water                                                         HOH 
# 
loop_
_entity_poly_seq.entity_id 
_entity_poly_seq.num 
_entity_poly_seq.mon_id 
_entity_poly_seq.hetero 
1 1   SER n 
1 2   MET n 
1 3   GLY n 
1 4   VAL n 
1 5   PRO n 
1 6   THR n 
1 7   TYR n 
1 8   GLY n 
1 9   ALA n 
1 10  ILE n 
1 11  ILE n 
1 12  LEU n 
1 13  ASP n 
1 14  GLU n 
1 15  THR n 
1 16  LEU n 
1 17  GLU n 
1 18  ASN n 
1 19  VAL n 
1 20  LEU n 
1 21  LEU n 
1 22  VAL n 
1 23  GLN n 
1 24  GLY n 
1 25  TYR n 
1 26  LEU n 
1 27  ALA n 
1 28  LYS n 
1 29  SER n 
1 30  GLY n 
1 31  TRP n 
1 32  GLY n 
1 33  PHE n 
1 34  PRO n 
1 35  LYS n 
1 36  GLY n 
1 37  LYS n 
1 38  VAL n 
1 39  ASN n 
1 40  LYS n 
1 41  GLU n 
1 42  GLU n 
1 43  ALA n 
1 44  PRO n 
1 45  HIS n 
1 46  ASP n 
1 47  CYS n 
1 48  ALA n 
1 49  ALA n 
1 50  ARG n 
1 51  GLU n 
1 52  VAL n 
1 53  PHE n 
1 54  GLU n 
1 55  GLU n 
1 56  THR n 
1 57  GLY n 
1 58  PHE n 
1 59  ASP n 
1 60  ILE n 
1 61  LYS n 
1 62  ASP n 
1 63  TYR n 
1 64  ILE n 
1 65  CYS n 
1 66  LYS n 
1 67  ASP n 
1 68  ASP n 
1 69  TYR n 
1 70  ILE n 
1 71  GLU n 
1 72  LEU n 
1 73  ARG n 
1 74  ILE n 
1 75  ASN n 
1 76  ASP n 
1 77  GLN n 
1 78  LEU n 
1 79  ALA n 
1 80  ARG n 
1 81  LEU n 
1 82  TYR n 
1 83  ILE n 
1 84  ILE n 
1 85  PRO n 
1 86  GLY n 
1 87  ILE n 
1 88  PRO n 
1 89  LYS n 
1 90  ASP n 
1 91  THR n 
1 92  LYS n 
1 93  PHE n 
1 94  ASN n 
1 95  PRO n 
1 96  LYS n 
1 97  THR n 
1 98  ARG n 
1 99  ARG n 
1 100 GLU n 
1 101 ILE n 
1 102 ARG n 
1 103 ASN n 
1 104 ILE n 
1 105 GLU n 
1 106 TRP n 
1 107 PHE n 
1 108 SER n 
1 109 ILE n 
1 110 GLU n 
1 111 LYS n 
1 112 LEU n 
1 113 PRO n 
1 114 CYS n 
1 115 HIS n 
1 116 ARG n 
1 117 ASN n 
1 118 ASP n 
1 119 MET n 
1 120 THR n 
1 121 PRO n 
1 122 LYS n 
1 123 SER n 
1 124 LYS n 
1 125 LEU n 
1 126 GLY n 
1 127 LEU n 
1 128 ALA n 
1 129 PRO n 
1 130 ASN n 
1 131 LYS n 
1 132 PHE n 
1 133 PHE n 
1 134 MET n 
1 135 ALA n 
1 136 ILE n 
1 137 PRO n 
1 138 PHE n 
1 139 ILE n 
1 140 ARG n 
1 141 PRO n 
1 142 LEU n 
1 143 ARG n 
1 144 ASP n 
1 145 TRP n 
1 146 LEU n 
1 147 SER n 
1 148 ARG n 
1 149 ARG n 
1 150 PHE n 
1 151 GLY n 
1 152 ASP n 
1 153 SER n 
1 154 SER n 
1 155 ASP n 
1 156 SER n 
1 157 ASP n 
1 158 ASN n 
1 159 GLY n 
1 160 PHE n 
1 161 SER n 
1 162 SER n 
1 163 THR n 
1 164 GLY n 
1 165 SER n 
1 166 THR n 
1 167 PRO n 
# 
_entity_src_gen.entity_id                          1 
_entity_src_gen.pdbx_src_id                        1 
_entity_src_gen.pdbx_alt_source_flag               sample 
_entity_src_gen.pdbx_seq_type                      'Biological sequence' 
_entity_src_gen.pdbx_beg_seq_num                   1 
_entity_src_gen.pdbx_end_seq_num                   167 
_entity_src_gen.gene_src_common_name               Human 
_entity_src_gen.gene_src_genus                     ? 
_entity_src_gen.pdbx_gene_src_gene                 'DCP2, NUDT20' 
_entity_src_gen.gene_src_species                   ? 
_entity_src_gen.gene_src_strain                    ? 
_entity_src_gen.gene_src_tissue                    ? 
_entity_src_gen.gene_src_tissue_fraction           ? 
_entity_src_gen.gene_src_details                   ? 
_entity_src_gen.pdbx_gene_src_fragment             ? 
_entity_src_gen.pdbx_gene_src_scientific_name      'Homo sapiens' 
_entity_src_gen.pdbx_gene_src_ncbi_taxonomy_id     9606 
_entity_src_gen.pdbx_gene_src_variant              ? 
_entity_src_gen.pdbx_gene_src_cell_line            ? 
_entity_src_gen.pdbx_gene_src_atcc                 ? 
_entity_src_gen.pdbx_gene_src_organ                ? 
_entity_src_gen.pdbx_gene_src_organelle            ? 
_entity_src_gen.pdbx_gene_src_cell                 ? 
_entity_src_gen.pdbx_gene_src_cellular_location    ? 
_entity_src_gen.host_org_common_name               ? 
_entity_src_gen.pdbx_host_org_scientific_name      'Escherichia coli' 
_entity_src_gen.pdbx_host_org_ncbi_taxonomy_id     562 
_entity_src_gen.host_org_genus                     ? 
_entity_src_gen.pdbx_host_org_gene                 ? 
_entity_src_gen.pdbx_host_org_organ                ? 
_entity_src_gen.host_org_species                   ? 
_entity_src_gen.pdbx_host_org_tissue               ? 
_entity_src_gen.pdbx_host_org_tissue_fraction      ? 
_entity_src_gen.pdbx_host_org_strain               ? 
_entity_src_gen.pdbx_host_org_variant              ? 
_entity_src_gen.pdbx_host_org_cell_line            ? 
_entity_src_gen.pdbx_host_org_atcc                 ? 
_entity_src_gen.pdbx_host_org_culture_collection   ? 
_entity_src_gen.pdbx_host_org_cell                 ? 
_entity_src_gen.pdbx_host_org_organelle            ? 
_entity_src_gen.pdbx_host_org_cellular_location    ? 
_entity_src_gen.pdbx_host_org_vector_type          ? 
_entity_src_gen.pdbx_host_org_vector               ? 
_entity_src_gen.host_org_details                   ? 
_entity_src_gen.expression_system_id               ? 
_entity_src_gen.plasmid_name                       ? 
_entity_src_gen.plasmid_details                    ? 
_entity_src_gen.pdbx_description                   ? 
# 
loop_
_chem_comp.id 
_chem_comp.type 
_chem_comp.mon_nstd_flag 
_chem_comp.name 
_chem_comp.pdbx_synonyms 
_chem_comp.formula 
_chem_comp.formula_weight 
ACT non-polymer         . 'ACETATE ION'                                                 ?                 'C2 H3 O2 -1'    59.044  
ALA 'L-peptide linking' y ALANINE                                                       ?                 'C3 H7 N O2'     89.093  
ARG 'L-peptide linking' y ARGININE                                                      ?                 'C6 H15 N4 O2 1' 175.209 
ASN 'L-peptide linking' y ASPARAGINE                                                    ?                 'C4 H8 N2 O3'    132.118 
ASP 'L-peptide linking' y 'ASPARTIC ACID'                                               ?                 'C4 H7 N O4'     133.103 
AWS non-polymer         . '8-[(dimethylamino)methyl]-4-methyl-7-oxidanyl-chromen-2-one' ?                 'C13 H15 N O3'   233.263 
CYS 'L-peptide linking' y CYSTEINE                                                      ?                 'C3 H7 N O2 S'   121.158 
DMS non-polymer         . 'DIMETHYL SULFOXIDE'                                          ?                 'C2 H6 O S'      78.133  
EDO non-polymer         . 1,2-ETHANEDIOL                                                'ETHYLENE GLYCOL' 'C2 H6 O2'       62.068  
GLN 'L-peptide linking' y GLUTAMINE                                                     ?                 'C5 H10 N2 O3'   146.144 
GLU 'L-peptide linking' y 'GLUTAMIC ACID'                                               ?                 'C5 H9 N O4'     147.129 
GLY 'peptide linking'   y GLYCINE                                                       ?                 'C2 H5 N O2'     75.067  
HIS 'L-peptide linking' y HISTIDINE                                                     ?                 'C6 H10 N3 O2 1' 156.162 
HOH non-polymer         . WATER                                                         ?                 'H2 O'           18.015  
ILE 'L-peptide linking' y ISOLEUCINE                                                    ?                 'C6 H13 N O2'    131.173 
LEU 'L-peptide linking' y LEUCINE                                                       ?                 'C6 H13 N O2'    131.173 
LYS 'L-peptide linking' y LYSINE                                                        ?                 'C6 H15 N2 O2 1' 147.195 
MET 'L-peptide linking' y METHIONINE                                                    ?                 'C5 H11 N O2 S'  149.211 
PEG non-polymer         . 'DI(HYDROXYETHYL)ETHER'                                       ?                 'C4 H10 O3'      106.120 
PHE 'L-peptide linking' y PHENYLALANINE                                                 ?                 'C9 H11 N O2'    165.189 
PRO 'L-peptide linking' y PROLINE                                                       ?                 'C5 H9 N O2'     115.130 
SER 'L-peptide linking' y SERINE                                                        ?                 'C3 H7 N O3'     105.093 
THR 'L-peptide linking' y THREONINE                                                     ?                 'C4 H9 N O3'     119.119 
TRP 'L-peptide linking' y TRYPTOPHAN                                                    ?                 'C11 H12 N2 O2'  204.225 
TYR 'L-peptide linking' y TYROSINE                                                      ?                 'C9 H11 N O3'    181.189 
VAL 'L-peptide linking' y VALINE                                                        ?                 'C5 H11 N O2'    117.146 
# 
loop_
_pdbx_poly_seq_scheme.asym_id 
_pdbx_poly_seq_scheme.entity_id 
_pdbx_poly_seq_scheme.seq_id 
_pdbx_poly_seq_scheme.mon_id 
_pdbx_poly_seq_scheme.ndb_seq_num 
_pdbx_poly_seq_scheme.pdb_seq_num 
_pdbx_poly_seq_scheme.auth_seq_num 
_pdbx_poly_seq_scheme.pdb_mon_id 
_pdbx_poly_seq_scheme.auth_mon_id 
_pdbx_poly_seq_scheme.pdb_strand_id 
_pdbx_poly_seq_scheme.pdb_ins_code 
_pdbx_poly_seq_scheme.hetero 
A 1 1   SER 1   94  ?   ?   ?   A . n 
A 1 2   MET 2   95  ?   ?   ?   A . n 
A 1 3   GLY 3   96  96  GLY GLY A . n 
A 1 4   VAL 4   97  97  VAL VAL A . n 
A 1 5   PRO 5   98  98  PRO PRO A . n 
A 1 6   THR 6   99  99  THR THR A . n 
A 1 7   TYR 7   100 100 TYR TYR A . n 
A 1 8   GLY 8   101 101 GLY GLY A . n 
A 1 9   ALA 9   102 102 ALA ALA A . n 
A 1 10  ILE 10  103 103 ILE ILE A . n 
A 1 11  ILE 11  104 104 ILE ILE A . n 
A 1 12  LEU 12  105 105 LEU LEU A . n 
A 1 13  ASP 13  106 106 ASP ASP A . n 
A 1 14  GLU 14  107 107 GLU GLU A . n 
A 1 15  THR 15  108 108 THR THR A . n 
A 1 16  LEU 16  109 109 LEU LEU A . n 
A 1 17  GLU 17  110 110 GLU GLU A . n 
A 1 18  ASN 18  111 111 ASN ASN A . n 
A 1 19  VAL 19  112 112 VAL VAL A . n 
A 1 20  LEU 20  113 113 LEU LEU A . n 
A 1 21  LEU 21  114 114 LEU LEU A . n 
A 1 22  VAL 22  115 115 VAL VAL A . n 
A 1 23  GLN 23  116 116 GLN GLN A . n 
A 1 24  GLY 24  117 117 GLY GLY A . n 
A 1 25  TYR 25  118 118 TYR TYR A . n 
A 1 26  LEU 26  119 119 LEU LEU A . n 
A 1 27  ALA 27  120 120 ALA ALA A . n 
A 1 28  LYS 28  121 121 LYS LYS A . n 
A 1 29  SER 29  122 122 SER SER A . n 
A 1 30  GLY 30  123 123 GLY GLY A . n 
A 1 31  TRP 31  124 124 TRP TRP A . n 
A 1 32  GLY 32  125 125 GLY GLY A . n 
A 1 33  PHE 33  126 126 PHE PHE A . n 
A 1 34  PRO 34  127 127 PRO PRO A . n 
A 1 35  LYS 35  128 128 LYS LYS A . n 
A 1 36  GLY 36  129 129 GLY GLY A . n 
A 1 37  LYS 37  130 130 LYS LYS A . n 
A 1 38  VAL 38  131 131 VAL VAL A . n 
A 1 39  ASN 39  132 132 ASN ASN A . n 
A 1 40  LYS 40  133 133 LYS LYS A . n 
A 1 41  GLU 41  134 134 GLU GLU A . n 
A 1 42  GLU 42  135 135 GLU GLU A . n 
A 1 43  ALA 43  136 136 ALA ALA A . n 
A 1 44  PRO 44  137 137 PRO PRO A . n 
A 1 45  HIS 45  138 138 HIS HIS A . n 
A 1 46  ASP 46  139 139 ASP ASP A . n 
A 1 47  CYS 47  140 140 CYS CYS A . n 
A 1 48  ALA 48  141 141 ALA ALA A . n 
A 1 49  ALA 49  142 142 ALA ALA A . n 
A 1 50  ARG 50  143 143 ARG ARG A . n 
A 1 51  GLU 51  144 144 GLU GLU A . n 
A 1 52  VAL 52  145 145 VAL VAL A . n 
A 1 53  PHE 53  146 146 PHE PHE A . n 
A 1 54  GLU 54  147 147 GLU GLU A . n 
A 1 55  GLU 55  148 148 GLU GLU A . n 
A 1 56  THR 56  149 149 THR THR A . n 
A 1 57  GLY 57  150 150 GLY GLY A . n 
A 1 58  PHE 58  151 151 PHE PHE A . n 
A 1 59  ASP 59  152 152 ASP ASP A . n 
A 1 60  ILE 60  153 153 ILE ILE A . n 
A 1 61  LYS 61  154 154 LYS LYS A . n 
A 1 62  ASP 62  155 155 ASP ASP A . n 
A 1 63  TYR 63  156 156 TYR TYR A . n 
A 1 64  ILE 64  157 157 ILE ILE A . n 
A 1 65  CYS 65  158 158 CYS CYS A . n 
A 1 66  LYS 66  159 159 LYS LYS A . n 
A 1 67  ASP 67  160 160 ASP ASP A . n 
A 1 68  ASP 68  161 161 ASP ASP A . n 
A 1 69  TYR 69  162 162 TYR TYR A . n 
A 1 70  ILE 70  163 163 ILE ILE A . n 
A 1 71  GLU 71  164 164 GLU GLU A . n 
A 1 72  LEU 72  165 165 LEU LEU A . n 
A 1 73  ARG 73  166 166 ARG ARG A . n 
A 1 74  ILE 74  167 167 ILE ILE A . n 
A 1 75  ASN 75  168 168 ASN ASN A . n 
A 1 76  ASP 76  169 169 ASP ASP A . n 
A 1 77  GLN 77  170 170 GLN GLN A . n 
A 1 78  LEU 78  171 171 LEU LEU A . n 
A 1 79  ALA 79  172 172 ALA ALA A . n 
A 1 80  ARG 80  173 173 ARG ARG A . n 
A 1 81  LEU 81  174 174 LEU LEU A . n 
A 1 82  TYR 82  175 175 TYR TYR A . n 
A 1 83  ILE 83  176 176 ILE ILE A . n 
A 1 84  ILE 84  177 177 ILE ILE A . n 
A 1 85  PRO 85  178 178 PRO PRO A . n 
A 1 86  GLY 86  179 179 GLY GLY A . n 
A 1 87  ILE 87  180 180 ILE ILE A . n 
A 1 88  PRO 88  181 181 PRO PRO A . n 
A 1 89  LYS 89  182 182 LYS LYS A . n 
A 1 90  ASP 90  183 183 ASP ASP A . n 
A 1 91  THR 91  184 184 THR THR A . n 
A 1 92  LYS 92  185 185 LYS LYS A . n 
A 1 93  PHE 93  186 186 PHE PHE A . n 
A 1 94  ASN 94  187 187 ASN ASN A . n 
A 1 95  PRO 95  188 188 PRO PRO A . n 
A 1 96  LYS 96  189 189 LYS LYS A . n 
A 1 97  THR 97  190 190 THR THR A . n 
A 1 98  ARG 98  191 191 ARG ARG A . n 
A 1 99  ARG 99  192 192 ARG ARG A . n 
A 1 100 GLU 100 193 193 GLU GLU A . n 
A 1 101 ILE 101 194 194 ILE ILE A . n 
A 1 102 ARG 102 195 195 ARG ARG A . n 
A 1 103 ASN 103 196 196 ASN ASN A . n 
A 1 104 ILE 104 197 197 ILE ILE A . n 
A 1 105 GLU 105 198 198 GLU GLU A . n 
A 1 106 TRP 106 199 199 TRP TRP A . n 
A 1 107 PHE 107 200 200 PHE PHE A . n 
A 1 108 SER 108 201 201 SER SER A . n 
A 1 109 ILE 109 202 202 ILE ILE A . n 
A 1 110 GLU 110 203 203 GLU GLU A . n 
A 1 111 LYS 111 204 204 LYS LYS A . n 
A 1 112 LEU 112 205 205 LEU LEU A . n 
A 1 113 PRO 113 206 206 PRO PRO A . n 
A 1 114 CYS 114 207 207 CYS CYS A . n 
A 1 115 HIS 115 208 208 HIS HIS A . n 
A 1 116 ARG 116 209 209 ARG ARG A . n 
A 1 117 ASN 117 210 210 ASN ASN A . n 
A 1 118 ASP 118 211 211 ASP ASP A . n 
A 1 119 MET 119 212 212 MET MET A . n 
A 1 120 THR 120 213 213 THR THR A . n 
A 1 121 PRO 121 214 214 PRO PRO A . n 
A 1 122 LYS 122 215 215 LYS LYS A . n 
A 1 123 SER 123 216 216 SER SER A . n 
A 1 124 LYS 124 217 217 LYS LYS A . n 
A 1 125 LEU 125 218 218 LEU LEU A . n 
A 1 126 GLY 126 219 219 GLY GLY A . n 
A 1 127 LEU 127 220 220 LEU LEU A . n 
A 1 128 ALA 128 221 221 ALA ALA A . n 
A 1 129 PRO 129 222 222 PRO PRO A . n 
A 1 130 ASN 130 223 223 ASN ASN A . n 
A 1 131 LYS 131 224 224 LYS LYS A . n 
A 1 132 PHE 132 225 225 PHE PHE A . n 
A 1 133 PHE 133 226 226 PHE PHE A . n 
A 1 134 MET 134 227 227 MET MET A . n 
A 1 135 ALA 135 228 228 ALA ALA A . n 
A 1 136 ILE 136 229 229 ILE ILE A . n 
A 1 137 PRO 137 230 230 PRO PRO A . n 
A 1 138 PHE 138 231 231 PHE PHE A . n 
A 1 139 ILE 139 232 232 ILE ILE A . n 
A 1 140 ARG 140 233 233 ARG ARG A . n 
A 1 141 PRO 141 234 234 PRO PRO A . n 
A 1 142 LEU 142 235 235 LEU LEU A . n 
A 1 143 ARG 143 236 236 ARG ARG A . n 
A 1 144 ASP 144 237 237 ASP ASP A . n 
A 1 145 TRP 145 238 238 TRP TRP A . n 
A 1 146 LEU 146 239 239 LEU LEU A . n 
A 1 147 SER 147 240 240 SER SER A . n 
A 1 148 ARG 148 241 241 ARG ARG A . n 
A 1 149 ARG 149 242 242 ARG ARG A . n 
A 1 150 PHE 150 243 243 PHE PHE A . n 
A 1 151 GLY 151 244 244 GLY GLY A . n 
A 1 152 ASP 152 245 ?   ?   ?   A . n 
A 1 153 SER 153 246 ?   ?   ?   A . n 
A 1 154 SER 154 247 ?   ?   ?   A . n 
A 1 155 ASP 155 248 ?   ?   ?   A . n 
A 1 156 SER 156 249 ?   ?   ?   A . n 
A 1 157 ASP 157 250 ?   ?   ?   A . n 
A 1 158 ASN 158 251 ?   ?   ?   A . n 
A 1 159 GLY 159 252 ?   ?   ?   A . n 
A 1 160 PHE 160 253 ?   ?   ?   A . n 
A 1 161 SER 161 254 ?   ?   ?   A . n 
A 1 162 SER 162 255 ?   ?   ?   A . n 
A 1 163 THR 163 256 ?   ?   ?   A . n 
A 1 164 GLY 164 257 ?   ?   ?   A . n 
A 1 165 SER 165 258 ?   ?   ?   A . n 
A 1 166 THR 166 259 ?   ?   ?   A . n 
A 1 167 PRO 167 260 ?   ?   ?   A . n 
# 
loop_
_pdbx_nonpoly_scheme.asym_id 
_pdbx_nonpoly_scheme.entity_id 
_pdbx_nonpoly_scheme.mon_id 
_pdbx_nonpoly_scheme.ndb_seq_num 
_pdbx_nonpoly_scheme.pdb_seq_num 
_pdbx_nonpoly_scheme.auth_seq_num 
_pdbx_nonpoly_scheme.pdb_mon_id 
_pdbx_nonpoly_scheme.auth_mon_id 
_pdbx_nonpoly_scheme.pdb_strand_id 
_pdbx_nonpoly_scheme.pdb_ins_code 
B 2 EDO 1  301 3   EDO EDO A . 
C 3 DMS 1  302 1   DMS DMS A . 
D 4 ACT 1  303 1   ACT ACT A . 
E 4 ACT 1  304 2   ACT ACT A . 
F 5 PEG 1  305 1   PEG PEG A . 
G 6 AWS 1  306 1   AWS LIG A . 
H 7 HOH 1  401 65  HOH HOH A . 
H 7 HOH 2  402 100 HOH HOH A . 
H 7 HOH 3  403 85  HOH HOH A . 
H 7 HOH 4  404 28  HOH HOH A . 
H 7 HOH 5  405 38  HOH HOH A . 
H 7 HOH 6  406 70  HOH HOH A . 
H 7 HOH 7  407 43  HOH HOH A . 
H 7 HOH 8  408 71  HOH HOH A . 
H 7 HOH 9  409 23  HOH HOH A . 
H 7 HOH 10 410 17  HOH HOH A . 
H 7 HOH 11 411 1   HOH HOH A . 
H 7 HOH 12 412 102 HOH HOH A . 
H 7 HOH 13 413 2   HOH HOH A . 
H 7 HOH 14 414 32  HOH HOH A . 
H 7 HOH 15 415 13  HOH HOH A . 
H 7 HOH 16 416 7   HOH HOH A . 
H 7 HOH 17 417 3   HOH HOH A . 
H 7 HOH 18 418 5   HOH HOH A . 
H 7 HOH 19 419 83  HOH HOH A . 
H 7 HOH 20 420 78  HOH HOH A . 
H 7 HOH 21 421 11  HOH HOH A . 
H 7 HOH 22 422 80  HOH HOH A . 
H 7 HOH 23 423 4   HOH HOH A . 
H 7 HOH 24 424 24  HOH HOH A . 
H 7 HOH 25 425 22  HOH HOH A . 
H 7 HOH 26 426 60  HOH HOH A . 
H 7 HOH 27 427 76  HOH HOH A . 
H 7 HOH 28 428 27  HOH HOH A . 
H 7 HOH 29 429 68  HOH HOH A . 
H 7 HOH 30 430 94  HOH HOH A . 
H 7 HOH 31 431 86  HOH HOH A . 
H 7 HOH 32 432 10  HOH HOH A . 
H 7 HOH 33 433 35  HOH HOH A . 
H 7 HOH 34 434 79  HOH HOH A . 
H 7 HOH 35 435 50  HOH HOH A . 
H 7 HOH 36 436 14  HOH HOH A . 
H 7 HOH 37 437 20  HOH HOH A . 
H 7 HOH 38 438 30  HOH HOH A . 
H 7 HOH 39 439 25  HOH HOH A . 
H 7 HOH 40 440 8   HOH HOH A . 
H 7 HOH 41 441 29  HOH HOH A . 
H 7 HOH 42 442 74  HOH HOH A . 
H 7 HOH 43 443 31  HOH HOH A . 
H 7 HOH 44 444 69  HOH HOH A . 
H 7 HOH 45 445 92  HOH HOH A . 
H 7 HOH 46 446 91  HOH HOH A . 
H 7 HOH 47 447 18  HOH HOH A . 
H 7 HOH 48 448 72  HOH HOH A . 
H 7 HOH 49 449 6   HOH HOH A . 
H 7 HOH 50 450 90  HOH HOH A . 
H 7 HOH 51 451 40  HOH HOH A . 
H 7 HOH 52 452 101 HOH HOH A . 
H 7 HOH 53 453 42  HOH HOH A . 
H 7 HOH 54 454 107 HOH HOH A . 
H 7 HOH 55 455 75  HOH HOH A . 
H 7 HOH 56 456 57  HOH HOH A . 
H 7 HOH 57 457 103 HOH HOH A . 
H 7 HOH 58 458 33  HOH HOH A . 
H 7 HOH 59 459 106 HOH HOH A . 
H 7 HOH 60 460 26  HOH HOH A . 
H 7 HOH 61 461 56  HOH HOH A . 
H 7 HOH 62 462 105 HOH HOH A . 
H 7 HOH 63 463 41  HOH HOH A . 
H 7 HOH 64 464 98  HOH HOH A . 
H 7 HOH 65 465 47  HOH HOH A . 
H 7 HOH 66 466 51  HOH HOH A . 
H 7 HOH 67 467 93  HOH HOH A . 
# 
loop_
_pdbx_unobs_or_zero_occ_atoms.id 
_pdbx_unobs_or_zero_occ_atoms.PDB_model_num 
_pdbx_unobs_or_zero_occ_atoms.polymer_flag 
_pdbx_unobs_or_zero_occ_atoms.occupancy_flag 
_pdbx_unobs_or_zero_occ_atoms.auth_asym_id 
_pdbx_unobs_or_zero_occ_atoms.auth_comp_id 
_pdbx_unobs_or_zero_occ_atoms.auth_seq_id 
_pdbx_unobs_or_zero_occ_atoms.PDB_ins_code 
_pdbx_unobs_or_zero_occ_atoms.auth_atom_id 
_pdbx_unobs_or_zero_occ_atoms.label_alt_id 
_pdbx_unobs_or_zero_occ_atoms.label_asym_id 
_pdbx_unobs_or_zero_occ_atoms.label_comp_id 
_pdbx_unobs_or_zero_occ_atoms.label_seq_id 
_pdbx_unobs_or_zero_occ_atoms.label_atom_id 
1  1 Y 1 A LYS 130 ? CE  ? A LYS 37  CE  
2  1 Y 1 A LYS 130 ? NZ  ? A LYS 37  NZ  
3  1 Y 1 A LYS 133 ? CG  ? A LYS 40  CG  
4  1 Y 1 A LYS 133 ? CD  ? A LYS 40  CD  
5  1 Y 1 A LYS 133 ? CE  ? A LYS 40  CE  
6  1 Y 1 A LYS 133 ? NZ  ? A LYS 40  NZ  
7  1 Y 1 A GLU 134 ? CG  ? A GLU 41  CG  
8  1 Y 1 A GLU 134 ? CD  ? A GLU 41  CD  
9  1 Y 1 A GLU 134 ? OE1 ? A GLU 41  OE1 
10 1 Y 1 A GLU 134 ? OE2 ? A GLU 41  OE2 
11 1 Y 1 A LYS 159 ? CD  ? A LYS 66  CD  
12 1 Y 1 A LYS 159 ? CE  ? A LYS 66  CE  
13 1 Y 1 A LYS 159 ? NZ  ? A LYS 66  NZ  
14 1 Y 1 A LYS 185 ? CE  ? A LYS 92  CE  
15 1 Y 1 A LYS 185 ? NZ  ? A LYS 92  NZ  
16 1 Y 1 A ARG 191 ? CG  ? A ARG 98  CG  
17 1 Y 1 A ARG 191 ? CD  ? A ARG 98  CD  
18 1 Y 1 A ARG 191 ? NE  ? A ARG 98  NE  
19 1 Y 1 A ARG 191 ? NH1 ? A ARG 98  NH1 
20 1 Y 1 A ARG 191 ? NH2 ? A ARG 98  NH2 
21 1 Y 1 A LYS 215 ? CD  ? A LYS 122 CD  
22 1 Y 1 A LYS 215 ? CE  ? A LYS 122 CE  
23 1 Y 1 A LYS 215 ? NZ  ? A LYS 122 NZ  
24 1 Y 1 A LYS 217 ? CE  ? A LYS 124 CE  
25 1 Y 1 A LYS 217 ? NZ  ? A LYS 124 NZ  
26 1 Y 1 A ARG 241 ? CD  ? A ARG 148 CD  
27 1 Y 1 A ARG 241 ? NE  ? A ARG 148 NE  
28 1 Y 1 A ARG 241 ? CZ  ? A ARG 148 CZ  
29 1 Y 1 A ARG 241 ? NH1 ? A ARG 148 NH1 
30 1 Y 1 A ARG 241 ? NH2 ? A ARG 148 NH2 
# 
loop_
_software.pdbx_ordinal 
_software.name 
_software.version 
_software.date 
_software.type 
_software.contact_author 
_software.contact_author_email 
_software.classification 
_software.location 
_software.language 
_software.citation_id 
1 REFMAC      5.8.0189 ?               program 'Garib N. Murshudov' garib@ysbl.york.ac.uk    refinement        
http://www.ccp4.ac.uk/dist/html/refmac5.html        Fortran_77 ? 
2 Aimless     0.5.29   17/10/16        program 'Phil Evans'         ?                        'data scaling'    
http://www.mrc-lmb.cam.ac.uk/harry/pre/aimless.html ?          ? 
3 PDB_EXTRACT 3.23     'SEP. 23, 2016' package PDB                  deposit@deposit.rcsb.org 'data extraction' 
http://sw-tools.pdb.org/apps/PDB_EXTRACT/           C++        ? 
4 XDS         .        ?               program ?                    ?                        'data reduction'  ? ?          ? 
5 REFMAC      .        ?               program ?                    ?                        phasing           ? ?          ? 
# 
_cell.entry_id           5QOK 
_cell.length_a           48.160 
_cell.length_b           61.090 
_cell.length_c           65.730 
_cell.angle_alpha        90.000 
_cell.angle_beta         90.000 
_cell.angle_gamma        90.000 
_cell.Z_PDB              4 
_cell.pdbx_unique_axis   ? 
# 
_symmetry.entry_id                         5QOK 
_symmetry.Int_Tables_number                19 
_symmetry.space_group_name_H-M             'P 21 21 21' 
_symmetry.pdbx_full_space_group_name_H-M   ? 
_symmetry.cell_setting                     ? 
# 
_exptl.crystals_number   1 
_exptl.entry_id          5QOK 
_exptl.method            'X-RAY DIFFRACTION' 
# 
_exptl_crystal.id                    1 
_exptl_crystal.pdbx_mosaicity        0.000 
_exptl_crystal.pdbx_mosaicity_esd    ? 
_exptl_crystal.density_Matthews      2.53 
_exptl_crystal.density_diffrn        ? 
_exptl_crystal.density_meas          ? 
_exptl_crystal.density_meas_temp     ? 
_exptl_crystal.density_percent_sol   51.47 
_exptl_crystal.size_max              ? 
_exptl_crystal.size_mid              ? 
_exptl_crystal.size_min              ? 
_exptl_crystal.size_rad              ? 
_exptl_crystal.description           ? 
# 
_exptl_crystal_grow.crystal_id      1 
_exptl_crystal_grow.method          'VAPOR DIFFUSION, SITTING DROP' 
_exptl_crystal_grow.pH              4.5 
_exptl_crystal_grow.temp            277 
_exptl_crystal_grow.pdbx_details    '0.1 M acetate, pH 4.5, 5-25% PEG3350' 
_exptl_crystal_grow.temp_details    ? 
_exptl_crystal_grow.pdbx_pH_range   ? 
# 
_diffrn.id                     1 
_diffrn.ambient_temp           ? 
_diffrn.crystal_id             1 
_diffrn.ambient_temp_details   ? 
# 
_diffrn_detector.detector               PIXEL 
_diffrn_detector.type                   'DECTRIS PILATUS 2M' 
_diffrn_detector.pdbx_collection_date   2016-12-05 
_diffrn_detector.diffrn_id              1 
_diffrn_detector.details                ? 
# 
_diffrn_radiation.diffrn_id                        1 
_diffrn_radiation.wavelength_id                    1 
_diffrn_radiation.pdbx_diffrn_protocol             'SINGLE WAVELENGTH' 
_diffrn_radiation.pdbx_monochromatic_or_laue_m_l   ? 
_diffrn_radiation.monochromator                    ? 
_diffrn_radiation.pdbx_scattering_type             x-ray 
# 
_diffrn_radiation_wavelength.id           1 
_diffrn_radiation_wavelength.wavelength   0.92819 
_diffrn_radiation_wavelength.wt           1.0 
# 
_diffrn_source.diffrn_id                   1 
_diffrn_source.source                      SYNCHROTRON 
_diffrn_source.type                        'DIAMOND BEAMLINE I04-1' 
_diffrn_source.pdbx_wavelength_list        0.92819 
_diffrn_source.pdbx_synchrotron_site       Diamond 
_diffrn_source.pdbx_synchrotron_beamline   I04-1 
_diffrn_source.pdbx_wavelength             ? 
# 
_reflns.entry_id                     5QOK 
_reflns.pdbx_diffrn_id               1 
_reflns.pdbx_ordinal                 1 
_reflns.observed_criterion_sigma_I   ? 
_reflns.observed_criterion_sigma_F   ? 
_reflns.d_resolution_low             37.820 
_reflns.d_resolution_high            2.280 
_reflns.number_obs                   9314 
_reflns.number_all                   ? 
_reflns.percent_possible_obs         99.900 
_reflns.pdbx_Rmerge_I_obs            0.177 
_reflns.pdbx_Rsym_value              ? 
_reflns.pdbx_netI_over_sigmaI        8.800 
_reflns.B_iso_Wilson_estimate        ? 
_reflns.pdbx_redundancy              6.400 
_reflns.pdbx_Rrim_I_all              0.192 
_reflns.pdbx_Rpim_I_all              0.075 
_reflns.pdbx_CC_half                 0.995 
_reflns.pdbx_netI_over_av_sigmaI     ? 
_reflns.pdbx_number_measured_all     59810 
_reflns.pdbx_scaling_rejects         0 
_reflns.pdbx_chi_squared             ? 
_reflns.Rmerge_F_all                 ? 
_reflns.Rmerge_F_obs                 ? 
_reflns.observed_criterion_F_max     ? 
_reflns.observed_criterion_F_min     ? 
_reflns.observed_criterion_I_max     ? 
_reflns.observed_criterion_I_min     ? 
_reflns.pdbx_d_res_high_opt          ? 
_reflns.pdbx_d_res_low_opt           ? 
_reflns.details                      ? 
# 
loop_
_reflns_shell.pdbx_diffrn_id 
_reflns_shell.pdbx_ordinal 
_reflns_shell.d_res_high 
_reflns_shell.d_res_low 
_reflns_shell.number_measured_obs 
_reflns_shell.number_measured_all 
_reflns_shell.number_unique_obs 
_reflns_shell.pdbx_rejects 
_reflns_shell.Rmerge_I_obs 
_reflns_shell.meanI_over_sigI_obs 
_reflns_shell.pdbx_Rsym_value 
_reflns_shell.pdbx_chi_squared 
_reflns_shell.pdbx_redundancy 
_reflns_shell.percent_possible_obs 
_reflns_shell.pdbx_netI_over_sigmaI_obs 
_reflns_shell.number_possible 
_reflns_shell.number_unique_all 
_reflns_shell.Rmerge_F_all 
_reflns_shell.Rmerge_F_obs 
_reflns_shell.Rmerge_I_all 
_reflns_shell.meanI_over_sigI_all 
_reflns_shell.percent_possible_all 
_reflns_shell.pdbx_Rrim_I_all 
_reflns_shell.pdbx_Rpim_I_all 
_reflns_shell.pdbx_CC_half 
1 1 2.280  2.340  ? 4132 ? ? 0.812 ? ? ? 6.300 ? 2.400  ? 660 ? ? ? ? 99.700 0.886 0.350 0.786 
1 2 10.200 37.820 ? 697  ? ? 0.047 ? ? ? 5.400 ? 26.900 ? 130 ? ? ? ? 98.600 0.052 0.022 0.998 
# 
_refine.entry_id                                 5QOK 
_refine.pdbx_refine_id                           'X-RAY DIFFRACTION' 
_refine.ls_d_res_high                            2.2800 
_refine.ls_d_res_low                             44.7900 
_refine.pdbx_ls_sigma_F                          0.000 
_refine.pdbx_data_cutoff_high_absF               ? 
_refine.pdbx_data_cutoff_low_absF                ? 
_refine.ls_percent_reflns_obs                    99.9000 
_refine.ls_number_reflns_obs                     8846 
_refine.ls_number_reflns_all                     ? 
_refine.pdbx_ls_cross_valid_method               THROUGHOUT 
_refine.ls_matrix_type                           ? 
_refine.pdbx_R_Free_selection_details            RANDOM 
_refine.details                                  
'HYDROGENS HAVE BEEN ADDED IN THE RIDING POSITIONS U VALUES : REFINED INDIVIDUALLY' 
_refine.ls_R_factor_all                          ? 
_refine.ls_R_factor_obs                          0.2056 
_refine.ls_R_factor_R_work                       0.2026 
_refine.ls_wR_factor_R_work                      ? 
_refine.ls_R_factor_R_free                       0.2706 
_refine.ls_wR_factor_R_free                      ? 
_refine.ls_percent_reflns_R_free                 4.7000 
_refine.ls_number_reflns_R_free                  433 
_refine.ls_number_reflns_R_work                  ? 
_refine.ls_R_factor_R_free_error                 ? 
_refine.B_iso_mean                               39.1230 
_refine.solvent_model_param_bsol                 ? 
_refine.solvent_model_param_ksol                 ? 
_refine.pdbx_isotropic_thermal_model             ? 
_refine.aniso_B[1][1]                            3.0500 
_refine.aniso_B[2][2]                            -3.7100 
_refine.aniso_B[3][3]                            0.6500 
_refine.aniso_B[1][2]                            0.0000 
_refine.aniso_B[1][3]                            -0.0000 
_refine.aniso_B[2][3]                            0.0000 
_refine.correlation_coeff_Fo_to_Fc               0.9440 
_refine.correlation_coeff_Fo_to_Fc_free          0.8870 
_refine.overall_SU_R_Cruickshank_DPI             ? 
_refine.pdbx_overall_SU_R_free_Cruickshank_DPI   ? 
_refine.pdbx_overall_SU_R_Blow_DPI               ? 
_refine.pdbx_overall_SU_R_free_Blow_DPI          ? 
_refine.overall_SU_R_free                        ? 
_refine.pdbx_overall_ESU_R                       0.3760 
_refine.pdbx_overall_ESU_R_Free                  0.2660 
_refine.overall_SU_ML                            0.2480 
_refine.overall_SU_B                             10.8420 
_refine.solvent_model_details                    MASK 
_refine.pdbx_solvent_vdw_probe_radii             1.2000 
_refine.pdbx_solvent_ion_probe_radii             0.8000 
_refine.pdbx_solvent_shrinkage_radii             0.8000 
_refine.ls_number_parameters                     ? 
_refine.ls_number_restraints                     ? 
_refine.pdbx_starting_model                      'PDB entry 5MP0' 
_refine.pdbx_method_to_determine_struct          'FOURIER SYNTHESIS' 
_refine.pdbx_stereochemistry_target_values       'MAXIMUM LIKELIHOOD' 
_refine.pdbx_stereochem_target_val_spec_case     ? 
_refine.overall_FOM_work_R_set                   ? 
_refine.B_iso_max                                93.730 
_refine.B_iso_min                                5.230 
_refine.pdbx_overall_phase_error                 ? 
_refine.occupancy_max                            ? 
_refine.occupancy_min                            ? 
_refine.pdbx_diffrn_id                           1 
_refine.pdbx_TLS_residual_ADP_flag               ? 
_refine.pdbx_ls_sigma_I                          ? 
_refine.pdbx_data_cutoff_high_rms_absF           ? 
_refine.ls_R_factor_R_free_error_details         ? 
# 
_refine_hist.cycle_id                         final 
_refine_hist.pdbx_refine_id                   'X-RAY DIFFRACTION' 
_refine_hist.d_res_high                       2.2800 
_refine_hist.d_res_low                        44.7900 
_refine_hist.pdbx_number_atoms_ligand         40 
_refine_hist.number_atoms_solvent             67 
_refine_hist.number_atoms_total               1297 
_refine_hist.pdbx_number_residues_total       149 
_refine_hist.pdbx_B_iso_mean_ligand           58.17 
_refine_hist.pdbx_B_iso_mean_solvent          41.40 
_refine_hist.pdbx_number_atoms_protein        1190 
_refine_hist.pdbx_number_atoms_nucleic_acid   0 
# 
loop_
_refine_ls_restr.pdbx_refine_id 
_refine_ls_restr.type 
_refine_ls_restr.number 
_refine_ls_restr.dev_ideal 
_refine_ls_restr.dev_ideal_target 
_refine_ls_restr.weight 
_refine_ls_restr.pdbx_restraint_function 
'X-RAY DIFFRACTION' r_bond_refined_d       1744 0.012  0.019  ? ? 
'X-RAY DIFFRACTION' r_bond_other_d         1397 0.002  0.020  ? ? 
'X-RAY DIFFRACTION' r_angle_refined_deg    2085 1.601  1.957  ? ? 
'X-RAY DIFFRACTION' r_angle_other_deg      3232 0.992  2.972  ? ? 
'X-RAY DIFFRACTION' r_dihedral_angle_1_deg 193  6.035  5.000  ? ? 
'X-RAY DIFFRACTION' r_dihedral_angle_2_deg 74   33.340 22.432 ? ? 
'X-RAY DIFFRACTION' r_dihedral_angle_3_deg 247  15.860 15.000 ? ? 
'X-RAY DIFFRACTION' r_dihedral_angle_4_deg 17   18.314 15.000 ? ? 
'X-RAY DIFFRACTION' r_chiral_restr         205  0.095  0.200  ? ? 
'X-RAY DIFFRACTION' r_gen_planes_refined   1803 0.007  0.021  ? ? 
'X-RAY DIFFRACTION' r_gen_planes_other     358  0.002  0.020  ? ? 
'X-RAY DIFFRACTION' r_mcbond_it            815  2.525  3.878  ? ? 
'X-RAY DIFFRACTION' r_mcbond_other         787  2.567  3.873  ? ? 
'X-RAY DIFFRACTION' r_mcangle_it           925  4.293  5.735  ? ? 
# 
_refine_ls_shell.d_res_high                       2.2800 
_refine_ls_shell.d_res_low                        2.3390 
_refine_ls_shell.pdbx_total_number_of_bins_used   20 
_refine_ls_shell.percent_reflns_obs               99.7000 
_refine_ls_shell.number_reflns_R_work             624 
_refine_ls_shell.R_factor_all                     ? 
_refine_ls_shell.R_factor_R_work                  0.3060 
_refine_ls_shell.R_factor_R_free                  0.3490 
_refine_ls_shell.percent_reflns_R_free            ? 
_refine_ls_shell.number_reflns_R_free             33 
_refine_ls_shell.R_factor_R_free_error            ? 
_refine_ls_shell.number_reflns_all                657 
_refine_ls_shell.number_reflns_obs                ? 
_refine_ls_shell.pdbx_refine_id                   'X-RAY DIFFRACTION' 
# 
_struct.entry_id                  5QOK 
_struct.title                     
'PanDDA analysis group deposition -- Crystal Structure of DCP2 (NUDT20) in complex with FMOPL000294a' 
_struct.pdbx_model_details        ? 
_struct.pdbx_CASP_flag            ? 
_struct.pdbx_model_type_details   ? 
# 
_struct_keywords.entry_id        5QOK 
_struct_keywords.text            'SGC - Diamond I04-1 fragment screening, PanDDA, XChemExplorer, HYDROLASE' 
_struct_keywords.pdbx_keywords   HYDROLASE 
# 
loop_
_struct_asym.id 
_struct_asym.pdbx_blank_PDB_chainid_flag 
_struct_asym.pdbx_modified 
_struct_asym.entity_id 
_struct_asym.details 
A N N 1 ? 
B N N 2 ? 
C N N 3 ? 
D N N 4 ? 
E N N 4 ? 
F N N 5 ? 
G N N 6 ? 
H N N 7 ? 
# 
_struct_ref.id                         1 
_struct_ref.db_name                    UNP 
_struct_ref.db_code                    DCP2_HUMAN 
_struct_ref.pdbx_db_accession          Q8IU60 
_struct_ref.pdbx_db_isoform            ? 
_struct_ref.entity_id                  1 
_struct_ref.pdbx_seq_one_letter_code   
;MGVPTYGAIILDETLENVLLVQGYLAKSGWGFPKGKVNKEEAPHDCAAREVFEETGFDIKDYICKDDYIELRINDQLARL
YIIPGIPKDTKFNPKTRREIRNIEWFSIEKLPCHRNDMTPKSKLGLAPNKFFMAIPFIRPLRDWLSRRFGDSSDSDNGFS
STGSTP
;
_struct_ref.pdbx_align_begin           95 
# 
_struct_ref_seq.align_id                      1 
_struct_ref_seq.ref_id                        1 
_struct_ref_seq.pdbx_PDB_id_code              5QOK 
_struct_ref_seq.pdbx_strand_id                A 
_struct_ref_seq.seq_align_beg                 2 
_struct_ref_seq.pdbx_seq_align_beg_ins_code   ? 
_struct_ref_seq.seq_align_end                 167 
_struct_ref_seq.pdbx_seq_align_end_ins_code   ? 
_struct_ref_seq.pdbx_db_accession             Q8IU60 
_struct_ref_seq.db_align_beg                  95 
_struct_ref_seq.pdbx_db_align_beg_ins_code    ? 
_struct_ref_seq.db_align_end                  260 
_struct_ref_seq.pdbx_db_align_end_ins_code    ? 
_struct_ref_seq.pdbx_auth_seq_align_beg       95 
_struct_ref_seq.pdbx_auth_seq_align_end       260 
# 
_struct_ref_seq_dif.align_id                     1 
_struct_ref_seq_dif.pdbx_pdb_id_code             5QOK 
_struct_ref_seq_dif.mon_id                       SER 
_struct_ref_seq_dif.pdbx_pdb_strand_id           A 
_struct_ref_seq_dif.seq_num                      1 
_struct_ref_seq_dif.pdbx_pdb_ins_code            ? 
_struct_ref_seq_dif.pdbx_seq_db_name             UNP 
_struct_ref_seq_dif.pdbx_seq_db_accession_code   Q8IU60 
_struct_ref_seq_dif.db_mon_id                    ? 
_struct_ref_seq_dif.pdbx_seq_db_seq_num          ? 
_struct_ref_seq_dif.details                      'expression tag' 
_struct_ref_seq_dif.pdbx_auth_seq_num            94 
_struct_ref_seq_dif.pdbx_ordinal                 1 
# 
_pdbx_struct_assembly.id                   1 
_pdbx_struct_assembly.details              author_and_software_defined_assembly 
_pdbx_struct_assembly.method_details       PISA 
_pdbx_struct_assembly.oligomeric_details   monomeric 
_pdbx_struct_assembly.oligomeric_count     1 
# 
loop_
_pdbx_struct_assembly_prop.biol_id 
_pdbx_struct_assembly_prop.type 
_pdbx_struct_assembly_prop.value 
_pdbx_struct_assembly_prop.details 
1 'ABSA (A^2)' 980  ? 
1 MORE         7    ? 
1 'SSA (A^2)'  8930 ? 
# 
_pdbx_struct_assembly_gen.assembly_id       1 
_pdbx_struct_assembly_gen.oper_expression   1 
_pdbx_struct_assembly_gen.asym_id_list      A,B,C,D,E,F,G,H 
# 
_pdbx_struct_oper_list.id                   1 
_pdbx_struct_oper_list.type                 'identity operation' 
_pdbx_struct_oper_list.name                 1_555 
_pdbx_struct_oper_list.symmetry_operation   x,y,z 
_pdbx_struct_oper_list.matrix[1][1]         1.0000000000 
_pdbx_struct_oper_list.matrix[1][2]         0.0000000000 
_pdbx_struct_oper_list.matrix[1][3]         0.0000000000 
_pdbx_struct_oper_list.vector[1]            0.0000000000 
_pdbx_struct_oper_list.matrix[2][1]         0.0000000000 
_pdbx_struct_oper_list.matrix[2][2]         1.0000000000 
_pdbx_struct_oper_list.matrix[2][3]         0.0000000000 
_pdbx_struct_oper_list.vector[2]            0.0000000000 
_pdbx_struct_oper_list.matrix[3][1]         0.0000000000 
_pdbx_struct_oper_list.matrix[3][2]         0.0000000000 
_pdbx_struct_oper_list.matrix[3][3]         1.0000000000 
_pdbx_struct_oper_list.vector[3]            0.0000000000 
# 
loop_
_struct_conf.conf_type_id 
_struct_conf.id 
_struct_conf.pdbx_PDB_helix_id 
_struct_conf.beg_label_comp_id 
_struct_conf.beg_label_asym_id 
_struct_conf.beg_label_seq_id 
_struct_conf.pdbx_beg_PDB_ins_code 
_struct_conf.end_label_comp_id 
_struct_conf.end_label_asym_id 
_struct_conf.end_label_seq_id 
_struct_conf.pdbx_end_PDB_ins_code 
_struct_conf.beg_auth_comp_id 
_struct_conf.beg_auth_asym_id 
_struct_conf.beg_auth_seq_id 
_struct_conf.end_auth_comp_id 
_struct_conf.end_auth_asym_id 
_struct_conf.end_auth_seq_id 
_struct_conf.pdbx_PDB_helix_class 
_struct_conf.details 
_struct_conf.pdbx_PDB_helix_length 
HELX_P HELX_P1 AA1 TYR A 25  ? SER A 29  ? TYR A 118 SER A 122 5 ? 5  
HELX_P HELX_P2 AA2 ALA A 43  ? GLY A 57  ? ALA A 136 GLY A 150 1 ? 15 
HELX_P HELX_P3 AA3 ALA A 135 ? PRO A 137 ? ALA A 228 PRO A 230 5 ? 3  
HELX_P HELX_P4 AA4 PHE A 138 ? GLY A 151 ? PHE A 231 GLY A 244 1 ? 14 
# 
_struct_conf_type.id          HELX_P 
_struct_conf_type.criteria    ? 
_struct_conf_type.reference   ? 
# 
loop_
_struct_sheet.id 
_struct_sheet.type 
_struct_sheet.number_strands 
_struct_sheet.details 
AA1 ? 4 ? 
AA2 ? 3 ? 
# 
loop_
_struct_sheet_order.sheet_id 
_struct_sheet_order.range_id_1 
_struct_sheet_order.range_id_2 
_struct_sheet_order.offset 
_struct_sheet_order.sense 
AA1 1 2 ? anti-parallel 
AA1 2 3 ? parallel      
AA1 3 4 ? anti-parallel 
AA2 1 2 ? anti-parallel 
AA2 2 3 ? anti-parallel 
# 
loop_
_struct_sheet_range.sheet_id 
_struct_sheet_range.id 
_struct_sheet_range.beg_label_comp_id 
_struct_sheet_range.beg_label_asym_id 
_struct_sheet_range.beg_label_seq_id 
_struct_sheet_range.pdbx_beg_PDB_ins_code 
_struct_sheet_range.end_label_comp_id 
_struct_sheet_range.end_label_asym_id 
_struct_sheet_range.end_label_seq_id 
_struct_sheet_range.pdbx_end_PDB_ins_code 
_struct_sheet_range.beg_auth_comp_id 
_struct_sheet_range.beg_auth_asym_id 
_struct_sheet_range.beg_auth_seq_id 
_struct_sheet_range.end_auth_comp_id 
_struct_sheet_range.end_auth_asym_id 
_struct_sheet_range.end_auth_seq_id 
AA1 1 LYS A 35  ? LYS A 37  ? LYS A 128 LYS A 130 
AA1 2 THR A 6   ? ILE A 11  ? THR A 99  ILE A 104 
AA1 3 LEU A 78  ? ILE A 84  ? LEU A 171 ILE A 177 
AA1 4 TYR A 69  ? ARG A 73  ? TYR A 162 ARG A 166 
AA2 1 TRP A 31  ? GLY A 32  ? TRP A 124 GLY A 125 
AA2 2 ASN A 18  ? GLN A 23  ? ASN A 111 GLN A 116 
AA2 3 ASN A 103 ? SER A 108 ? ASN A 196 SER A 201 
# 
loop_
_pdbx_struct_sheet_hbond.sheet_id 
_pdbx_struct_sheet_hbond.range_id_1 
_pdbx_struct_sheet_hbond.range_id_2 
_pdbx_struct_sheet_hbond.range_1_label_atom_id 
_pdbx_struct_sheet_hbond.range_1_label_comp_id 
_pdbx_struct_sheet_hbond.range_1_label_asym_id 
_pdbx_struct_sheet_hbond.range_1_label_seq_id 
_pdbx_struct_sheet_hbond.range_1_PDB_ins_code 
_pdbx_struct_sheet_hbond.range_1_auth_atom_id 
_pdbx_struct_sheet_hbond.range_1_auth_comp_id 
_pdbx_struct_sheet_hbond.range_1_auth_asym_id 
_pdbx_struct_sheet_hbond.range_1_auth_seq_id 
_pdbx_struct_sheet_hbond.range_2_label_atom_id 
_pdbx_struct_sheet_hbond.range_2_label_comp_id 
_pdbx_struct_sheet_hbond.range_2_label_asym_id 
_pdbx_struct_sheet_hbond.range_2_label_seq_id 
_pdbx_struct_sheet_hbond.range_2_PDB_ins_code 
_pdbx_struct_sheet_hbond.range_2_auth_atom_id 
_pdbx_struct_sheet_hbond.range_2_auth_comp_id 
_pdbx_struct_sheet_hbond.range_2_auth_asym_id 
_pdbx_struct_sheet_hbond.range_2_auth_seq_id 
AA1 1 2 O GLY A 36 ? O GLY A 129 N TYR A 7   ? N TYR A 100 
AA1 2 3 N ILE A 10 ? N ILE A 103 O ILE A 84  ? O ILE A 177 
AA1 3 4 O LEU A 81 ? O LEU A 174 N ILE A 70  ? N ILE A 163 
AA2 1 2 O GLY A 32 ? O GLY A 125 N VAL A 22  ? N VAL A 115 
AA2 2 3 N GLN A 23 ? N GLN A 116 O ASN A 103 ? O ASN A 196 
# 
loop_
_struct_site.id 
_struct_site.pdbx_evidence_code 
_struct_site.pdbx_auth_asym_id 
_struct_site.pdbx_auth_comp_id 
_struct_site.pdbx_auth_seq_id 
_struct_site.pdbx_auth_ins_code 
_struct_site.pdbx_num_residues 
_struct_site.details 
AC1 Software A EDO 301 ? 1 'binding site for residue EDO A 301' 
AC2 Software A DMS 302 ? 2 'binding site for residue DMS A 302' 
AC3 Software A ACT 303 ? 3 'binding site for residue ACT A 303' 
AC4 Software A ACT 304 ? 3 'binding site for residue ACT A 304' 
AC5 Software A PEG 305 ? 4 'binding site for residue PEG A 305' 
AC6 Software A AWS 306 ? 4 'binding site for residue AWS A 306' 
# 
loop_
_struct_site_gen.id 
_struct_site_gen.site_id 
_struct_site_gen.pdbx_num_res 
_struct_site_gen.label_comp_id 
_struct_site_gen.label_asym_id 
_struct_site_gen.label_seq_id 
_struct_site_gen.pdbx_auth_ins_code 
_struct_site_gen.auth_comp_id 
_struct_site_gen.auth_asym_id 
_struct_site_gen.auth_seq_id 
_struct_site_gen.label_atom_id 
_struct_site_gen.label_alt_id 
_struct_site_gen.symmetry 
_struct_site_gen.details 
1  AC1 1 PRO A 129 ? PRO A 222 . ? 1_555 ? 
2  AC2 2 ASN A 18  ? ASN A 111 . ? 1_555 ? 
3  AC2 2 TRP A 106 ? TRP A 199 . ? 1_555 ? 
4  AC3 3 SER A 29  ? SER A 122 . ? 1_555 ? 
5  AC3 3 TYR A 63  ? TYR A 156 . ? 3_357 ? 
6  AC3 3 HOH H .   ? HOH A 429 . ? 1_555 ? 
7  AC4 3 ARG A 116 ? ARG A 209 . ? 1_555 ? 
8  AC4 3 PRO A 129 ? PRO A 222 . ? 1_555 ? 
9  AC4 3 ASN A 130 ? ASN A 223 . ? 1_555 ? 
10 AC5 4 LYS A 28  ? LYS A 121 . ? 1_555 ? 
11 AC5 4 LYS A 35  ? LYS A 128 . ? 1_555 ? 
12 AC5 4 GLU A 55  ? GLU A 148 . ? 1_555 ? 
13 AC5 4 MET A 134 ? MET A 227 . ? 1_555 ? 
14 AC6 4 ALA A 49  ? ALA A 142 . ? 1_555 ? 
15 AC6 4 ARG A 50  ? ARG A 143 . ? 1_555 ? 
16 AC6 4 ASP A 59  ? ASP A 152 . ? 1_555 ? 
17 AC6 4 LYS A 61  ? LYS A 154 . ? 1_555 ? 
# 
loop_
_pdbx_validate_torsion.id 
_pdbx_validate_torsion.PDB_model_num 
_pdbx_validate_torsion.auth_comp_id 
_pdbx_validate_torsion.auth_asym_id 
_pdbx_validate_torsion.auth_seq_id 
_pdbx_validate_torsion.PDB_ins_code 
_pdbx_validate_torsion.label_alt_id 
_pdbx_validate_torsion.phi 
_pdbx_validate_torsion.psi 
1 1 LEU A 119 ? ? 64.19   -110.44 
2 1 ASN A 187 ? ? -168.12 88.92   
# 
_phasing.method   MR 
# 
loop_
_pdbx_unobs_or_zero_occ_residues.id 
_pdbx_unobs_or_zero_occ_residues.PDB_model_num 
_pdbx_unobs_or_zero_occ_residues.polymer_flag 
_pdbx_unobs_or_zero_occ_residues.occupancy_flag 
_pdbx_unobs_or_zero_occ_residues.auth_asym_id 
_pdbx_unobs_or_zero_occ_residues.auth_comp_id 
_pdbx_unobs_or_zero_occ_residues.auth_seq_id 
_pdbx_unobs_or_zero_occ_residues.PDB_ins_code 
_pdbx_unobs_or_zero_occ_residues.label_asym_id 
_pdbx_unobs_or_zero_occ_residues.label_comp_id 
_pdbx_unobs_or_zero_occ_residues.label_seq_id 
1  1 Y 1 A SER 94  ? A SER 1   
2  1 Y 1 A MET 95  ? A MET 2   
3  1 Y 1 A ASP 245 ? A ASP 152 
4  1 Y 1 A SER 246 ? A SER 153 
5  1 Y 1 A SER 247 ? A SER 154 
6  1 Y 1 A ASP 248 ? A ASP 155 
7  1 Y 1 A SER 249 ? A SER 156 
8  1 Y 1 A ASP 250 ? A ASP 157 
9  1 Y 1 A ASN 251 ? A ASN 158 
10 1 Y 1 A GLY 252 ? A GLY 159 
11 1 Y 1 A PHE 253 ? A PHE 160 
12 1 Y 1 A SER 254 ? A SER 161 
13 1 Y 1 A SER 255 ? A SER 162 
14 1 Y 1 A THR 256 ? A THR 163 
15 1 Y 1 A GLY 257 ? A GLY 164 
16 1 Y 1 A SER 258 ? A SER 165 
17 1 Y 1 A THR 259 ? A THR 166 
18 1 Y 1 A PRO 260 ? A PRO 167 
# 
loop_
_chem_comp_atom.comp_id 
_chem_comp_atom.atom_id 
_chem_comp_atom.type_symbol 
_chem_comp_atom.pdbx_aromatic_flag 
_chem_comp_atom.pdbx_stereo_config 
_chem_comp_atom.pdbx_ordinal 
ACT C    C N N 1   
ACT O    O N N 2   
ACT OXT  O N N 3   
ACT CH3  C N N 4   
ACT H1   H N N 5   
ACT H2   H N N 6   
ACT H3   H N N 7   
ALA N    N N N 8   
ALA CA   C N S 9   
ALA C    C N N 10  
ALA O    O N N 11  
ALA CB   C N N 12  
ALA OXT  O N N 13  
ALA H    H N N 14  
ALA H2   H N N 15  
ALA HA   H N N 16  
ALA HB1  H N N 17  
ALA HB2  H N N 18  
ALA HB3  H N N 19  
ALA HXT  H N N 20  
ARG N    N N N 21  
ARG CA   C N S 22  
ARG C    C N N 23  
ARG O    O N N 24  
ARG CB   C N N 25  
ARG CG   C N N 26  
ARG CD   C N N 27  
ARG NE   N N N 28  
ARG CZ   C N N 29  
ARG NH1  N N N 30  
ARG NH2  N N N 31  
ARG OXT  O N N 32  
ARG H    H N N 33  
ARG H2   H N N 34  
ARG HA   H N N 35  
ARG HB2  H N N 36  
ARG HB3  H N N 37  
ARG HG2  H N N 38  
ARG HG3  H N N 39  
ARG HD2  H N N 40  
ARG HD3  H N N 41  
ARG HE   H N N 42  
ARG HH11 H N N 43  
ARG HH12 H N N 44  
ARG HH21 H N N 45  
ARG HH22 H N N 46  
ARG HXT  H N N 47  
ASN N    N N N 48  
ASN CA   C N S 49  
ASN C    C N N 50  
ASN O    O N N 51  
ASN CB   C N N 52  
ASN CG   C N N 53  
ASN OD1  O N N 54  
ASN ND2  N N N 55  
ASN OXT  O N N 56  
ASN H    H N N 57  
ASN H2   H N N 58  
ASN HA   H N N 59  
ASN HB2  H N N 60  
ASN HB3  H N N 61  
ASN HD21 H N N 62  
ASN HD22 H N N 63  
ASN HXT  H N N 64  
ASP N    N N N 65  
ASP CA   C N S 66  
ASP C    C N N 67  
ASP O    O N N 68  
ASP CB   C N N 69  
ASP CG   C N N 70  
ASP OD1  O N N 71  
ASP OD2  O N N 72  
ASP OXT  O N N 73  
ASP H    H N N 74  
ASP H2   H N N 75  
ASP HA   H N N 76  
ASP HB2  H N N 77  
ASP HB3  H N N 78  
ASP HD2  H N N 79  
ASP HXT  H N N 80  
AWS N1   N N N 81  
AWS C4   C N N 82  
AWS C5   C Y N 83  
AWS C6   C Y N 84  
AWS C7   C Y N 85  
AWS C8   C Y N 86  
AWS C10  C Y N 87  
AWS C13  C N N 88  
AWS C1   C N N 89  
AWS C2   C N N 90  
AWS C3   C N N 91  
AWS O1   O N N 92  
AWS O2   O N N 93  
AWS C9   C Y N 94  
AWS C11  C N N 95  
AWS C12  C N N 96  
AWS O3   O N N 97  
AWS H2   H N N 98  
AWS H3   H N N 99  
AWS H4   H N N 100 
AWS H5   H N N 101 
AWS H6   H N N 102 
AWS H7   H N N 103 
AWS H8   H N N 104 
AWS H9   H N N 105 
AWS H10  H N N 106 
AWS H11  H N N 107 
AWS H12  H N N 108 
AWS H13  H N N 109 
AWS H14  H N N 110 
AWS H15  H N N 111 
AWS H16  H N N 112 
CYS N    N N N 113 
CYS CA   C N R 114 
CYS C    C N N 115 
CYS O    O N N 116 
CYS CB   C N N 117 
CYS SG   S N N 118 
CYS OXT  O N N 119 
CYS H    H N N 120 
CYS H2   H N N 121 
CYS HA   H N N 122 
CYS HB2  H N N 123 
CYS HB3  H N N 124 
CYS HG   H N N 125 
CYS HXT  H N N 126 
DMS S    S N N 127 
DMS O    O N N 128 
DMS C1   C N N 129 
DMS C2   C N N 130 
DMS H11  H N N 131 
DMS H12  H N N 132 
DMS H13  H N N 133 
DMS H21  H N N 134 
DMS H22  H N N 135 
DMS H23  H N N 136 
EDO C1   C N N 137 
EDO O1   O N N 138 
EDO C2   C N N 139 
EDO O2   O N N 140 
EDO H11  H N N 141 
EDO H12  H N N 142 
EDO HO1  H N N 143 
EDO H21  H N N 144 
EDO H22  H N N 145 
EDO HO2  H N N 146 
GLN N    N N N 147 
GLN CA   C N S 148 
GLN C    C N N 149 
GLN O    O N N 150 
GLN CB   C N N 151 
GLN CG   C N N 152 
GLN CD   C N N 153 
GLN OE1  O N N 154 
GLN NE2  N N N 155 
GLN OXT  O N N 156 
GLN H    H N N 157 
GLN H2   H N N 158 
GLN HA   H N N 159 
GLN HB2  H N N 160 
GLN HB3  H N N 161 
GLN HG2  H N N 162 
GLN HG3  H N N 163 
GLN HE21 H N N 164 
GLN HE22 H N N 165 
GLN HXT  H N N 166 
GLU N    N N N 167 
GLU CA   C N S 168 
GLU C    C N N 169 
GLU O    O N N 170 
GLU CB   C N N 171 
GLU CG   C N N 172 
GLU CD   C N N 173 
GLU OE1  O N N 174 
GLU OE2  O N N 175 
GLU OXT  O N N 176 
GLU H    H N N 177 
GLU H2   H N N 178 
GLU HA   H N N 179 
GLU HB2  H N N 180 
GLU HB3  H N N 181 
GLU HG2  H N N 182 
GLU HG3  H N N 183 
GLU HE2  H N N 184 
GLU HXT  H N N 185 
GLY N    N N N 186 
GLY CA   C N N 187 
GLY C    C N N 188 
GLY O    O N N 189 
GLY OXT  O N N 190 
GLY H    H N N 191 
GLY H2   H N N 192 
GLY HA2  H N N 193 
GLY HA3  H N N 194 
GLY HXT  H N N 195 
HIS N    N N N 196 
HIS CA   C N S 197 
HIS C    C N N 198 
HIS O    O N N 199 
HIS CB   C N N 200 
HIS CG   C Y N 201 
HIS ND1  N Y N 202 
HIS CD2  C Y N 203 
HIS CE1  C Y N 204 
HIS NE2  N Y N 205 
HIS OXT  O N N 206 
HIS H    H N N 207 
HIS H2   H N N 208 
HIS HA   H N N 209 
HIS HB2  H N N 210 
HIS HB3  H N N 211 
HIS HD1  H N N 212 
HIS HD2  H N N 213 
HIS HE1  H N N 214 
HIS HE2  H N N 215 
HIS HXT  H N N 216 
HOH O    O N N 217 
HOH H1   H N N 218 
HOH H2   H N N 219 
ILE N    N N N 220 
ILE CA   C N S 221 
ILE C    C N N 222 
ILE O    O N N 223 
ILE CB   C N S 224 
ILE CG1  C N N 225 
ILE CG2  C N N 226 
ILE CD1  C N N 227 
ILE OXT  O N N 228 
ILE H    H N N 229 
ILE H2   H N N 230 
ILE HA   H N N 231 
ILE HB   H N N 232 
ILE HG12 H N N 233 
ILE HG13 H N N 234 
ILE HG21 H N N 235 
ILE HG22 H N N 236 
ILE HG23 H N N 237 
ILE HD11 H N N 238 
ILE HD12 H N N 239 
ILE HD13 H N N 240 
ILE HXT  H N N 241 
LEU N    N N N 242 
LEU CA   C N S 243 
LEU C    C N N 244 
LEU O    O N N 245 
LEU CB   C N N 246 
LEU CG   C N N 247 
LEU CD1  C N N 248 
LEU CD2  C N N 249 
LEU OXT  O N N 250 
LEU H    H N N 251 
LEU H2   H N N 252 
LEU HA   H N N 253 
LEU HB2  H N N 254 
LEU HB3  H N N 255 
LEU HG   H N N 256 
LEU HD11 H N N 257 
LEU HD12 H N N 258 
LEU HD13 H N N 259 
LEU HD21 H N N 260 
LEU HD22 H N N 261 
LEU HD23 H N N 262 
LEU HXT  H N N 263 
LYS N    N N N 264 
LYS CA   C N S 265 
LYS C    C N N 266 
LYS O    O N N 267 
LYS CB   C N N 268 
LYS CG   C N N 269 
LYS CD   C N N 270 
LYS CE   C N N 271 
LYS NZ   N N N 272 
LYS OXT  O N N 273 
LYS H    H N N 274 
LYS H2   H N N 275 
LYS HA   H N N 276 
LYS HB2  H N N 277 
LYS HB3  H N N 278 
LYS HG2  H N N 279 
LYS HG3  H N N 280 
LYS HD2  H N N 281 
LYS HD3  H N N 282 
LYS HE2  H N N 283 
LYS HE3  H N N 284 
LYS HZ1  H N N 285 
LYS HZ2  H N N 286 
LYS HZ3  H N N 287 
LYS HXT  H N N 288 
MET N    N N N 289 
MET CA   C N S 290 
MET C    C N N 291 
MET O    O N N 292 
MET CB   C N N 293 
MET CG   C N N 294 
MET SD   S N N 295 
MET CE   C N N 296 
MET OXT  O N N 297 
MET H    H N N 298 
MET H2   H N N 299 
MET HA   H N N 300 
MET HB2  H N N 301 
MET HB3  H N N 302 
MET HG2  H N N 303 
MET HG3  H N N 304 
MET HE1  H N N 305 
MET HE2  H N N 306 
MET HE3  H N N 307 
MET HXT  H N N 308 
PEG C1   C N N 309 
PEG O1   O N N 310 
PEG C2   C N N 311 
PEG O2   O N N 312 
PEG C3   C N N 313 
PEG C4   C N N 314 
PEG O4   O N N 315 
PEG H11  H N N 316 
PEG H12  H N N 317 
PEG HO1  H N N 318 
PEG H21  H N N 319 
PEG H22  H N N 320 
PEG H31  H N N 321 
PEG H32  H N N 322 
PEG H41  H N N 323 
PEG H42  H N N 324 
PEG HO4  H N N 325 
PHE N    N N N 326 
PHE CA   C N S 327 
PHE C    C N N 328 
PHE O    O N N 329 
PHE CB   C N N 330 
PHE CG   C Y N 331 
PHE CD1  C Y N 332 
PHE CD2  C Y N 333 
PHE CE1  C Y N 334 
PHE CE2  C Y N 335 
PHE CZ   C Y N 336 
PHE OXT  O N N 337 
PHE H    H N N 338 
PHE H2   H N N 339 
PHE HA   H N N 340 
PHE HB2  H N N 341 
PHE HB3  H N N 342 
PHE HD1  H N N 343 
PHE HD2  H N N 344 
PHE HE1  H N N 345 
PHE HE2  H N N 346 
PHE HZ   H N N 347 
PHE HXT  H N N 348 
PRO N    N N N 349 
PRO CA   C N S 350 
PRO C    C N N 351 
PRO O    O N N 352 
PRO CB   C N N 353 
PRO CG   C N N 354 
PRO CD   C N N 355 
PRO OXT  O N N 356 
PRO H    H N N 357 
PRO HA   H N N 358 
PRO HB2  H N N 359 
PRO HB3  H N N 360 
PRO HG2  H N N 361 
PRO HG3  H N N 362 
PRO HD2  H N N 363 
PRO HD3  H N N 364 
PRO HXT  H N N 365 
SER N    N N N 366 
SER CA   C N S 367 
SER C    C N N 368 
SER O    O N N 369 
SER CB   C N N 370 
SER OG   O N N 371 
SER OXT  O N N 372 
SER H    H N N 373 
SER H2   H N N 374 
SER HA   H N N 375 
SER HB2  H N N 376 
SER HB3  H N N 377 
SER HG   H N N 378 
SER HXT  H N N 379 
THR N    N N N 380 
THR CA   C N S 381 
THR C    C N N 382 
THR O    O N N 383 
THR CB   C N R 384 
THR OG1  O N N 385 
THR CG2  C N N 386 
THR OXT  O N N 387 
THR H    H N N 388 
THR H2   H N N 389 
THR HA   H N N 390 
THR HB   H N N 391 
THR HG1  H N N 392 
THR HG21 H N N 393 
THR HG22 H N N 394 
THR HG23 H N N 395 
THR HXT  H N N 396 
TRP N    N N N 397 
TRP CA   C N S 398 
TRP C    C N N 399 
TRP O    O N N 400 
TRP CB   C N N 401 
TRP CG   C Y N 402 
TRP CD1  C Y N 403 
TRP CD2  C Y N 404 
TRP NE1  N Y N 405 
TRP CE2  C Y N 406 
TRP CE3  C Y N 407 
TRP CZ2  C Y N 408 
TRP CZ3  C Y N 409 
TRP CH2  C Y N 410 
TRP OXT  O N N 411 
TRP H    H N N 412 
TRP H2   H N N 413 
TRP HA   H N N 414 
TRP HB2  H N N 415 
TRP HB3  H N N 416 
TRP HD1  H N N 417 
TRP HE1  H N N 418 
TRP HE3  H N N 419 
TRP HZ2  H N N 420 
TRP HZ3  H N N 421 
TRP HH2  H N N 422 
TRP HXT  H N N 423 
TYR N    N N N 424 
TYR CA   C N S 425 
TYR C    C N N 426 
TYR O    O N N 427 
TYR CB   C N N 428 
TYR CG   C Y N 429 
TYR CD1  C Y N 430 
TYR CD2  C Y N 431 
TYR CE1  C Y N 432 
TYR CE2  C Y N 433 
TYR CZ   C Y N 434 
TYR OH   O N N 435 
TYR OXT  O N N 436 
TYR H    H N N 437 
TYR H2   H N N 438 
TYR HA   H N N 439 
TYR HB2  H N N 440 
TYR HB3  H N N 441 
TYR HD1  H N N 442 
TYR HD2  H N N 443 
TYR HE1  H N N 444 
TYR HE2  H N N 445 
TYR HH   H N N 446 
TYR HXT  H N N 447 
VAL N    N N N 448 
VAL CA   C N S 449 
VAL C    C N N 450 
VAL O    O N N 451 
VAL CB   C N N 452 
VAL CG1  C N N 453 
VAL CG2  C N N 454 
VAL OXT  O N N 455 
VAL H    H N N 456 
VAL H2   H N N 457 
VAL HA   H N N 458 
VAL HB   H N N 459 
VAL HG11 H N N 460 
VAL HG12 H N N 461 
VAL HG13 H N N 462 
VAL HG21 H N N 463 
VAL HG22 H N N 464 
VAL HG23 H N N 465 
VAL HXT  H N N 466 
# 
loop_
_chem_comp_bond.comp_id 
_chem_comp_bond.atom_id_1 
_chem_comp_bond.atom_id_2 
_chem_comp_bond.value_order 
_chem_comp_bond.pdbx_aromatic_flag 
_chem_comp_bond.pdbx_stereo_config 
_chem_comp_bond.pdbx_ordinal 
ACT C   O    doub N N 1   
ACT C   OXT  sing N N 2   
ACT C   CH3  sing N N 3   
ACT CH3 H1   sing N N 4   
ACT CH3 H2   sing N N 5   
ACT CH3 H3   sing N N 6   
ALA N   CA   sing N N 7   
ALA N   H    sing N N 8   
ALA N   H2   sing N N 9   
ALA CA  C    sing N N 10  
ALA CA  CB   sing N N 11  
ALA CA  HA   sing N N 12  
ALA C   O    doub N N 13  
ALA C   OXT  sing N N 14  
ALA CB  HB1  sing N N 15  
ALA CB  HB2  sing N N 16  
ALA CB  HB3  sing N N 17  
ALA OXT HXT  sing N N 18  
ARG N   CA   sing N N 19  
ARG N   H    sing N N 20  
ARG N   H2   sing N N 21  
ARG CA  C    sing N N 22  
ARG CA  CB   sing N N 23  
ARG CA  HA   sing N N 24  
ARG C   O    doub N N 25  
ARG C   OXT  sing N N 26  
ARG CB  CG   sing N N 27  
ARG CB  HB2  sing N N 28  
ARG CB  HB3  sing N N 29  
ARG CG  CD   sing N N 30  
ARG CG  HG2  sing N N 31  
ARG CG  HG3  sing N N 32  
ARG CD  NE   sing N N 33  
ARG CD  HD2  sing N N 34  
ARG CD  HD3  sing N N 35  
ARG NE  CZ   sing N N 36  
ARG NE  HE   sing N N 37  
ARG CZ  NH1  sing N N 38  
ARG CZ  NH2  doub N N 39  
ARG NH1 HH11 sing N N 40  
ARG NH1 HH12 sing N N 41  
ARG NH2 HH21 sing N N 42  
ARG NH2 HH22 sing N N 43  
ARG OXT HXT  sing N N 44  
ASN N   CA   sing N N 45  
ASN N   H    sing N N 46  
ASN N   H2   sing N N 47  
ASN CA  C    sing N N 48  
ASN CA  CB   sing N N 49  
ASN CA  HA   sing N N 50  
ASN C   O    doub N N 51  
ASN C   OXT  sing N N 52  
ASN CB  CG   sing N N 53  
ASN CB  HB2  sing N N 54  
ASN CB  HB3  sing N N 55  
ASN CG  OD1  doub N N 56  
ASN CG  ND2  sing N N 57  
ASN ND2 HD21 sing N N 58  
ASN ND2 HD22 sing N N 59  
ASN OXT HXT  sing N N 60  
ASP N   CA   sing N N 61  
ASP N   H    sing N N 62  
ASP N   H2   sing N N 63  
ASP CA  C    sing N N 64  
ASP CA  CB   sing N N 65  
ASP CA  HA   sing N N 66  
ASP C   O    doub N N 67  
ASP C   OXT  sing N N 68  
ASP CB  CG   sing N N 69  
ASP CB  HB2  sing N N 70  
ASP CB  HB3  sing N N 71  
ASP CG  OD1  doub N N 72  
ASP CG  OD2  sing N N 73  
ASP OD2 HD2  sing N N 74  
ASP OXT HXT  sing N N 75  
AWS C12 N1   sing N N 76  
AWS C13 N1   sing N N 77  
AWS C8  C7   doub Y N 78  
AWS C8  C9   sing Y N 79  
AWS O3  C9   sing N N 80  
AWS C7  C6   sing Y N 81  
AWS N1  C11  sing N N 82  
AWS C9  C10  doub Y N 83  
AWS C6  C5   doub Y N 84  
AWS C6  C2   sing N N 85  
AWS C10 C5   sing Y N 86  
AWS C10 C11  sing N N 87  
AWS C1  C2   sing N N 88  
AWS C5  O2   sing N N 89  
AWS C2  C3   doub N N 90  
AWS C3  C4   sing N N 91  
AWS O2  C4   sing N N 92  
AWS C4  O1   doub N N 93  
AWS C7  H2   sing N N 94  
AWS C8  H3   sing N N 95  
AWS C13 H4   sing N N 96  
AWS C13 H5   sing N N 97  
AWS C13 H6   sing N N 98  
AWS C1  H7   sing N N 99  
AWS C1  H8   sing N N 100 
AWS C1  H9   sing N N 101 
AWS C3  H10  sing N N 102 
AWS C11 H11  sing N N 103 
AWS C11 H12  sing N N 104 
AWS C12 H13  sing N N 105 
AWS C12 H14  sing N N 106 
AWS C12 H15  sing N N 107 
AWS O3  H16  sing N N 108 
CYS N   CA   sing N N 109 
CYS N   H    sing N N 110 
CYS N   H2   sing N N 111 
CYS CA  C    sing N N 112 
CYS CA  CB   sing N N 113 
CYS CA  HA   sing N N 114 
CYS C   O    doub N N 115 
CYS C   OXT  sing N N 116 
CYS CB  SG   sing N N 117 
CYS CB  HB2  sing N N 118 
CYS CB  HB3  sing N N 119 
CYS SG  HG   sing N N 120 
CYS OXT HXT  sing N N 121 
DMS S   O    doub N N 122 
DMS S   C1   sing N N 123 
DMS S   C2   sing N N 124 
DMS C1  H11  sing N N 125 
DMS C1  H12  sing N N 126 
DMS C1  H13  sing N N 127 
DMS C2  H21  sing N N 128 
DMS C2  H22  sing N N 129 
DMS C2  H23  sing N N 130 
EDO C1  O1   sing N N 131 
EDO C1  C2   sing N N 132 
EDO C1  H11  sing N N 133 
EDO C1  H12  sing N N 134 
EDO O1  HO1  sing N N 135 
EDO C2  O2   sing N N 136 
EDO C2  H21  sing N N 137 
EDO C2  H22  sing N N 138 
EDO O2  HO2  sing N N 139 
GLN N   CA   sing N N 140 
GLN N   H    sing N N 141 
GLN N   H2   sing N N 142 
GLN CA  C    sing N N 143 
GLN CA  CB   sing N N 144 
GLN CA  HA   sing N N 145 
GLN C   O    doub N N 146 
GLN C   OXT  sing N N 147 
GLN CB  CG   sing N N 148 
GLN CB  HB2  sing N N 149 
GLN CB  HB3  sing N N 150 
GLN CG  CD   sing N N 151 
GLN CG  HG2  sing N N 152 
GLN CG  HG3  sing N N 153 
GLN CD  OE1  doub N N 154 
GLN CD  NE2  sing N N 155 
GLN NE2 HE21 sing N N 156 
GLN NE2 HE22 sing N N 157 
GLN OXT HXT  sing N N 158 
GLU N   CA   sing N N 159 
GLU N   H    sing N N 160 
GLU N   H2   sing N N 161 
GLU CA  C    sing N N 162 
GLU CA  CB   sing N N 163 
GLU CA  HA   sing N N 164 
GLU C   O    doub N N 165 
GLU C   OXT  sing N N 166 
GLU CB  CG   sing N N 167 
GLU CB  HB2  sing N N 168 
GLU CB  HB3  sing N N 169 
GLU CG  CD   sing N N 170 
GLU CG  HG2  sing N N 171 
GLU CG  HG3  sing N N 172 
GLU CD  OE1  doub N N 173 
GLU CD  OE2  sing N N 174 
GLU OE2 HE2  sing N N 175 
GLU OXT HXT  sing N N 176 
GLY N   CA   sing N N 177 
GLY N   H    sing N N 178 
GLY N   H2   sing N N 179 
GLY CA  C    sing N N 180 
GLY CA  HA2  sing N N 181 
GLY CA  HA3  sing N N 182 
GLY C   O    doub N N 183 
GLY C   OXT  sing N N 184 
GLY OXT HXT  sing N N 185 
HIS N   CA   sing N N 186 
HIS N   H    sing N N 187 
HIS N   H2   sing N N 188 
HIS CA  C    sing N N 189 
HIS CA  CB   sing N N 190 
HIS CA  HA   sing N N 191 
HIS C   O    doub N N 192 
HIS C   OXT  sing N N 193 
HIS CB  CG   sing N N 194 
HIS CB  HB2  sing N N 195 
HIS CB  HB3  sing N N 196 
HIS CG  ND1  sing Y N 197 
HIS CG  CD2  doub Y N 198 
HIS ND1 CE1  doub Y N 199 
HIS ND1 HD1  sing N N 200 
HIS CD2 NE2  sing Y N 201 
HIS CD2 HD2  sing N N 202 
HIS CE1 NE2  sing Y N 203 
HIS CE1 HE1  sing N N 204 
HIS NE2 HE2  sing N N 205 
HIS OXT HXT  sing N N 206 
HOH O   H1   sing N N 207 
HOH O   H2   sing N N 208 
ILE N   CA   sing N N 209 
ILE N   H    sing N N 210 
ILE N   H2   sing N N 211 
ILE CA  C    sing N N 212 
ILE CA  CB   sing N N 213 
ILE CA  HA   sing N N 214 
ILE C   O    doub N N 215 
ILE C   OXT  sing N N 216 
ILE CB  CG1  sing N N 217 
ILE CB  CG2  sing N N 218 
ILE CB  HB   sing N N 219 
ILE CG1 CD1  sing N N 220 
ILE CG1 HG12 sing N N 221 
ILE CG1 HG13 sing N N 222 
ILE CG2 HG21 sing N N 223 
ILE CG2 HG22 sing N N 224 
ILE CG2 HG23 sing N N 225 
ILE CD1 HD11 sing N N 226 
ILE CD1 HD12 sing N N 227 
ILE CD1 HD13 sing N N 228 
ILE OXT HXT  sing N N 229 
LEU N   CA   sing N N 230 
LEU N   H    sing N N 231 
LEU N   H2   sing N N 232 
LEU CA  C    sing N N 233 
LEU CA  CB   sing N N 234 
LEU CA  HA   sing N N 235 
LEU C   O    doub N N 236 
LEU C   OXT  sing N N 237 
LEU CB  CG   sing N N 238 
LEU CB  HB2  sing N N 239 
LEU CB  HB3  sing N N 240 
LEU CG  CD1  sing N N 241 
LEU CG  CD2  sing N N 242 
LEU CG  HG   sing N N 243 
LEU CD1 HD11 sing N N 244 
LEU CD1 HD12 sing N N 245 
LEU CD1 HD13 sing N N 246 
LEU CD2 HD21 sing N N 247 
LEU CD2 HD22 sing N N 248 
LEU CD2 HD23 sing N N 249 
LEU OXT HXT  sing N N 250 
LYS N   CA   sing N N 251 
LYS N   H    sing N N 252 
LYS N   H2   sing N N 253 
LYS CA  C    sing N N 254 
LYS CA  CB   sing N N 255 
LYS CA  HA   sing N N 256 
LYS C   O    doub N N 257 
LYS C   OXT  sing N N 258 
LYS CB  CG   sing N N 259 
LYS CB  HB2  sing N N 260 
LYS CB  HB3  sing N N 261 
LYS CG  CD   sing N N 262 
LYS CG  HG2  sing N N 263 
LYS CG  HG3  sing N N 264 
LYS CD  CE   sing N N 265 
LYS CD  HD2  sing N N 266 
LYS CD  HD3  sing N N 267 
LYS CE  NZ   sing N N 268 
LYS CE  HE2  sing N N 269 
LYS CE  HE3  sing N N 270 
LYS NZ  HZ1  sing N N 271 
LYS NZ  HZ2  sing N N 272 
LYS NZ  HZ3  sing N N 273 
LYS OXT HXT  sing N N 274 
MET N   CA   sing N N 275 
MET N   H    sing N N 276 
MET N   H2   sing N N 277 
MET CA  C    sing N N 278 
MET CA  CB   sing N N 279 
MET CA  HA   sing N N 280 
MET C   O    doub N N 281 
MET C   OXT  sing N N 282 
MET CB  CG   sing N N 283 
MET CB  HB2  sing N N 284 
MET CB  HB3  sing N N 285 
MET CG  SD   sing N N 286 
MET CG  HG2  sing N N 287 
MET CG  HG3  sing N N 288 
MET SD  CE   sing N N 289 
MET CE  HE1  sing N N 290 
MET CE  HE2  sing N N 291 
MET CE  HE3  sing N N 292 
MET OXT HXT  sing N N 293 
PEG C1  O1   sing N N 294 
PEG C1  C2   sing N N 295 
PEG C1  H11  sing N N 296 
PEG C1  H12  sing N N 297 
PEG O1  HO1  sing N N 298 
PEG C2  O2   sing N N 299 
PEG C2  H21  sing N N 300 
PEG C2  H22  sing N N 301 
PEG O2  C3   sing N N 302 
PEG C3  C4   sing N N 303 
PEG C3  H31  sing N N 304 
PEG C3  H32  sing N N 305 
PEG C4  O4   sing N N 306 
PEG C4  H41  sing N N 307 
PEG C4  H42  sing N N 308 
PEG O4  HO4  sing N N 309 
PHE N   CA   sing N N 310 
PHE N   H    sing N N 311 
PHE N   H2   sing N N 312 
PHE CA  C    sing N N 313 
PHE CA  CB   sing N N 314 
PHE CA  HA   sing N N 315 
PHE C   O    doub N N 316 
PHE C   OXT  sing N N 317 
PHE CB  CG   sing N N 318 
PHE CB  HB2  sing N N 319 
PHE CB  HB3  sing N N 320 
PHE CG  CD1  doub Y N 321 
PHE CG  CD2  sing Y N 322 
PHE CD1 CE1  sing Y N 323 
PHE CD1 HD1  sing N N 324 
PHE CD2 CE2  doub Y N 325 
PHE CD2 HD2  sing N N 326 
PHE CE1 CZ   doub Y N 327 
PHE CE1 HE1  sing N N 328 
PHE CE2 CZ   sing Y N 329 
PHE CE2 HE2  sing N N 330 
PHE CZ  HZ   sing N N 331 
PHE OXT HXT  sing N N 332 
PRO N   CA   sing N N 333 
PRO N   CD   sing N N 334 
PRO N   H    sing N N 335 
PRO CA  C    sing N N 336 
PRO CA  CB   sing N N 337 
PRO CA  HA   sing N N 338 
PRO C   O    doub N N 339 
PRO C   OXT  sing N N 340 
PRO CB  CG   sing N N 341 
PRO CB  HB2  sing N N 342 
PRO CB  HB3  sing N N 343 
PRO CG  CD   sing N N 344 
PRO CG  HG2  sing N N 345 
PRO CG  HG3  sing N N 346 
PRO CD  HD2  sing N N 347 
PRO CD  HD3  sing N N 348 
PRO OXT HXT  sing N N 349 
SER N   CA   sing N N 350 
SER N   H    sing N N 351 
SER N   H2   sing N N 352 
SER CA  C    sing N N 353 
SER CA  CB   sing N N 354 
SER CA  HA   sing N N 355 
SER C   O    doub N N 356 
SER C   OXT  sing N N 357 
SER CB  OG   sing N N 358 
SER CB  HB2  sing N N 359 
SER CB  HB3  sing N N 360 
SER OG  HG   sing N N 361 
SER OXT HXT  sing N N 362 
THR N   CA   sing N N 363 
THR N   H    sing N N 364 
THR N   H2   sing N N 365 
THR CA  C    sing N N 366 
THR CA  CB   sing N N 367 
THR CA  HA   sing N N 368 
THR C   O    doub N N 369 
THR C   OXT  sing N N 370 
THR CB  OG1  sing N N 371 
THR CB  CG2  sing N N 372 
THR CB  HB   sing N N 373 
THR OG1 HG1  sing N N 374 
THR CG2 HG21 sing N N 375 
THR CG2 HG22 sing N N 376 
THR CG2 HG23 sing N N 377 
THR OXT HXT  sing N N 378 
TRP N   CA   sing N N 379 
TRP N   H    sing N N 380 
TRP N   H2   sing N N 381 
TRP CA  C    sing N N 382 
TRP CA  CB   sing N N 383 
TRP CA  HA   sing N N 384 
TRP C   O    doub N N 385 
TRP C   OXT  sing N N 386 
TRP CB  CG   sing N N 387 
TRP CB  HB2  sing N N 388 
TRP CB  HB3  sing N N 389 
TRP CG  CD1  doub Y N 390 
TRP CG  CD2  sing Y N 391 
TRP CD1 NE1  sing Y N 392 
TRP CD1 HD1  sing N N 393 
TRP CD2 CE2  doub Y N 394 
TRP CD2 CE3  sing Y N 395 
TRP NE1 CE2  sing Y N 396 
TRP NE1 HE1  sing N N 397 
TRP CE2 CZ2  sing Y N 398 
TRP CE3 CZ3  doub Y N 399 
TRP CE3 HE3  sing N N 400 
TRP CZ2 CH2  doub Y N 401 
TRP CZ2 HZ2  sing N N 402 
TRP CZ3 CH2  sing Y N 403 
TRP CZ3 HZ3  sing N N 404 
TRP CH2 HH2  sing N N 405 
TRP OXT HXT  sing N N 406 
TYR N   CA   sing N N 407 
TYR N   H    sing N N 408 
TYR N   H2   sing N N 409 
TYR CA  C    sing N N 410 
TYR CA  CB   sing N N 411 
TYR CA  HA   sing N N 412 
TYR C   O    doub N N 413 
TYR C   OXT  sing N N 414 
TYR CB  CG   sing N N 415 
TYR CB  HB2  sing N N 416 
TYR CB  HB3  sing N N 417 
TYR CG  CD1  doub Y N 418 
TYR CG  CD2  sing Y N 419 
TYR CD1 CE1  sing Y N 420 
TYR CD1 HD1  sing N N 421 
TYR CD2 CE2  doub Y N 422 
TYR CD2 HD2  sing N N 423 
TYR CE1 CZ   doub Y N 424 
TYR CE1 HE1  sing N N 425 
TYR CE2 CZ   sing Y N 426 
TYR CE2 HE2  sing N N 427 
TYR CZ  OH   sing N N 428 
TYR OH  HH   sing N N 429 
TYR OXT HXT  sing N N 430 
VAL N   CA   sing N N 431 
VAL N   H    sing N N 432 
VAL N   H2   sing N N 433 
VAL CA  C    sing N N 434 
VAL CA  CB   sing N N 435 
VAL CA  HA   sing N N 436 
VAL C   O    doub N N 437 
VAL C   OXT  sing N N 438 
VAL CB  CG1  sing N N 439 
VAL CB  CG2  sing N N 440 
VAL CB  HB   sing N N 441 
VAL CG1 HG11 sing N N 442 
VAL CG1 HG12 sing N N 443 
VAL CG1 HG13 sing N N 444 
VAL CG2 HG21 sing N N 445 
VAL CG2 HG22 sing N N 446 
VAL CG2 HG23 sing N N 447 
VAL OXT HXT  sing N N 448 
# 
_pdbx_deposit_group.group_id            G_1002061 
_pdbx_deposit_group.group_description   
;XDomainX of XOrganismX DCP2 (NUDT20) screened against the XXX Fragment Library by X-ray Crystallography at the XChem facility of Diamond Light Source beamline I04-1
;
_pdbx_deposit_group.group_title         'PanDDA analysis group deposition' 
_pdbx_deposit_group.group_type          'changed state' 
# 
_pdbx_related_exp_data_set.ordinal              1 
_pdbx_related_exp_data_set.data_reference       10.5281/zenodo.1437589 
_pdbx_related_exp_data_set.metadata_reference   10.5281/zenodo.1437589 
_pdbx_related_exp_data_set.data_set_type        'other data' 
_pdbx_related_exp_data_set.details              'Complete PanDDA analysis' 
# 
_atom_sites.entry_id                    5QOK 
_atom_sites.fract_transf_matrix[1][1]   -0.01347136 
_atom_sites.fract_transf_matrix[1][2]   -0.00678811 
_atom_sites.fract_transf_matrix[1][3]   -0.01426841 
_atom_sites.fract_transf_matrix[2][1]   0.01121304 
_atom_sites.fract_transf_matrix[2][2]   -0.01054440 
_atom_sites.fract_transf_matrix[2][3]   -0.00557024 
_atom_sites.fract_transf_matrix[3][1]   -0.00504202 
_atom_sites.fract_transf_matrix[3][2]   -0.01052048 
_atom_sites.fract_transf_matrix[3][3]   0.00976542 
_atom_sites.fract_transf_vector[1]      -0.886022 
_atom_sites.fract_transf_vector[2]      0.221719 
_atom_sites.fract_transf_vector[3]      1.165877 
# 
loop_
_atom_type.symbol 
C 
N 
O 
S 
# 
loop_
_atom_site.group_PDB 
_atom_site.id 
_atom_site.type_symbol 
_atom_site.label_atom_id 
_atom_site.label_alt_id 
_atom_site.label_comp_id 
_atom_site.label_asym_id 
_atom_site.label_entity_id 
_atom_site.label_seq_id 
_atom_site.pdbx_PDB_ins_code 
_atom_site.Cartn_x 
_atom_site.Cartn_y 
_atom_site.Cartn_z 
_atom_site.occupancy 
_atom_site.B_iso_or_equiv 
_atom_site.pdbx_formal_charge 
_atom_site.auth_seq_id 
_atom_site.auth_comp_id 
_atom_site.auth_asym_id 
_atom_site.auth_atom_id 
_atom_site.pdbx_PDB_model_num 
ATOM   1    N N   . GLY A 1 3   ? -12.998 -7.536  -13.361 1.00 67.03 ? 96  GLY A N   1 
ATOM   2    C CA  . GLY A 1 3   ? -12.082 -8.013  -12.282 1.00 69.57 ? 96  GLY A CA  1 
ATOM   3    C C   . GLY A 1 3   ? -12.660 -7.784  -10.892 1.00 72.14 ? 96  GLY A C   1 
ATOM   4    O O   . GLY A 1 3   ? -13.549 -6.939  -10.716 1.00 67.03 ? 96  GLY A O   1 
ATOM   5    N N   . VAL A 1 4   ? -12.135 -8.520  -9.904  1.00 70.67 ? 97  VAL A N   1 
ATOM   6    C CA  . VAL A 1 4   ? -12.639 -8.465  -8.517  1.00 66.52 ? 97  VAL A CA  1 
ATOM   7    C C   . VAL A 1 4   ? -11.931 -7.337  -7.762  1.00 55.42 ? 97  VAL A C   1 
ATOM   8    O O   . VAL A 1 4   ? -10.709 -7.379  -7.646  1.00 53.13 ? 97  VAL A O   1 
ATOM   9    C CB  . VAL A 1 4   ? -12.368 -9.777  -7.738  1.00 72.01 ? 97  VAL A CB  1 
ATOM   10   C CG1 . VAL A 1 4   ? -13.173 -9.792  -6.432  1.00 69.34 ? 97  VAL A CG1 1 
ATOM   11   C CG2 . VAL A 1 4   ? -12.653 -11.010 -8.599  1.00 74.37 ? 97  VAL A CG2 1 
ATOM   12   N N   . PRO A 1 5   ? -12.679 -6.348  -7.225  1.00 51.60 ? 98  PRO A N   1 
ATOM   13   C CA  . PRO A 1 5   ? -12.013 -5.225  -6.502  1.00 49.73 ? 98  PRO A CA  1 
ATOM   14   C C   . PRO A 1 5   ? -11.205 -5.623  -5.271  1.00 44.65 ? 98  PRO A C   1 
ATOM   15   O O   . PRO A 1 5   ? -11.491 -6.643  -4.628  1.00 45.15 ? 98  PRO A O   1 
ATOM   16   C CB  . PRO A 1 5   ? -13.171 -4.292  -6.093  1.00 51.38 ? 98  PRO A CB  1 
ATOM   17   C CG  . PRO A 1 5   ? -14.338 -4.709  -6.904  1.00 51.20 ? 98  PRO A CG  1 
ATOM   18   C CD  . PRO A 1 5   ? -14.129 -6.132  -7.360  1.00 50.02 ? 98  PRO A CD  1 
ATOM   19   N N   . THR A 1 6   ? -10.193 -4.805  -4.967  1.00 44.19 ? 99  THR A N   1 
ATOM   20   C CA  . THR A 1 6   ? -9.300  -5.021  -3.823  1.00 38.91 ? 99  THR A CA  1 
ATOM   21   C C   . THR A 1 6   ? -9.330  -3.794  -2.917  1.00 35.30 ? 99  THR A C   1 
ATOM   22   O O   . THR A 1 6   ? -9.498  -2.660  -3.394  1.00 32.05 ? 99  THR A O   1 
ATOM   23   C CB  . THR A 1 6   ? -7.856  -5.300  -4.274  1.00 38.75 ? 99  THR A CB  1 
ATOM   24   O OG1 . THR A 1 6   ? -7.387  -4.222  -5.091  1.00 44.07 ? 99  THR A OG1 1 
ATOM   25   C CG2 . THR A 1 6   ? -7.768  -6.576  -5.067  1.00 39.23 ? 99  THR A CG2 1 
ATOM   26   N N   . TYR A 1 7   ? -9.178  -4.042  -1.615  1.00 32.78 ? 100 TYR A N   1 
ATOM   27   C CA  . TYR A 1 7   ? -9.242  -3.012  -0.577  1.00 31.23 ? 100 TYR A CA  1 
ATOM   28   C C   . TYR A 1 7   ? -8.070  -3.219  0.351   1.00 28.78 ? 100 TYR A C   1 
ATOM   29   O O   . TYR A 1 7   ? -7.671  -4.355  0.578   1.00 29.15 ? 100 TYR A O   1 
ATOM   30   C CB  . TYR A 1 7   ? -10.570 -3.120  0.216   1.00 31.98 ? 100 TYR A CB  1 
ATOM   31   C CG  . TYR A 1 7   ? -11.733 -2.840  -0.661  1.00 31.54 ? 100 TYR A CG  1 
ATOM   32   C CD1 . TYR A 1 7   ? -12.027 -1.531  -1.018  1.00 34.06 ? 100 TYR A CD1 1 
ATOM   33   C CD2 . TYR A 1 7   ? -12.510 -3.878  -1.202  1.00 31.34 ? 100 TYR A CD2 1 
ATOM   34   C CE1 . TYR A 1 7   ? -13.075 -1.234  -1.877  1.00 34.28 ? 100 TYR A CE1 1 
ATOM   35   C CE2 . TYR A 1 7   ? -13.552 -3.599  -2.074  1.00 32.47 ? 100 TYR A CE2 1 
ATOM   36   C CZ  . TYR A 1 7   ? -13.829 -2.268  -2.409  1.00 33.73 ? 100 TYR A CZ  1 
ATOM   37   O OH  . TYR A 1 7   ? -14.848 -1.914  -3.254  1.00 35.09 ? 100 TYR A OH  1 
ATOM   38   N N   . GLY A 1 8   ? -7.542  -2.143  0.921   1.00 28.05 ? 101 GLY A N   1 
ATOM   39   C CA  . GLY A 1 8   ? -6.404  -2.259  1.837   1.00 26.24 ? 101 GLY A CA  1 
ATOM   40   C C   . GLY A 1 8   ? -6.099  -0.943  2.509   1.00 24.87 ? 101 GLY A C   1 
ATOM   41   O O   . GLY A 1 8   ? -7.007  -0.153  2.701   1.00 24.73 ? 101 GLY A O   1 
ATOM   42   N N   . ALA A 1 9   ? -4.822  -0.715  2.843   1.00 25.52 ? 102 ALA A N   1 
ATOM   43   C CA  . ALA A 1 9   ? -4.410  0.450   3.621   1.00 25.82 ? 102 ALA A CA  1 
ATOM   44   C C   . ALA A 1 9   ? -2.998  1.038   3.420   1.00 25.93 ? 102 ALA A C   1 
ATOM   45   O O   . ALA A 1 9   ? -1.972  0.307   3.351   1.00 25.43 ? 102 ALA A O   1 
ATOM   46   C CB  . ALA A 1 9   ? -4.577  0.156   5.094   1.00 25.01 ? 102 ALA A CB  1 
ATOM   47   N N   . ILE A 1 10  ? -2.977  2.380   3.420   1.00 22.75 ? 103 ILE A N   1 
ATOM   48   C CA  . ILE A 1 10  ? -1.764  3.183   3.507   1.00 21.80 ? 103 ILE A CA  1 
ATOM   49   C C   . ILE A 1 10  ? -1.661  3.609   4.944   1.00 21.68 ? 103 ILE A C   1 
ATOM   50   O O   . ILE A 1 10  ? -2.415  4.468   5.396   1.00 24.38 ? 103 ILE A O   1 
ATOM   51   C CB  . ILE A 1 10  ? -1.789  4.421   2.573   1.00 20.66 ? 103 ILE A CB  1 
ATOM   52   C CG1 . ILE A 1 10  ? -2.032  3.935   1.156   1.00 20.53 ? 103 ILE A CG1 1 
ATOM   53   C CG2 . ILE A 1 10  ? -0.477  5.228   2.656   1.00 20.08 ? 103 ILE A CG2 1 
ATOM   54   C CD1 . ILE A 1 10  ? -2.002  5.033   0.134   1.00 21.37 ? 103 ILE A CD1 1 
ATOM   55   N N   . ILE A 1 11  ? -0.736  2.989   5.661   1.00 21.15 ? 104 ILE A N   1 
ATOM   56   C CA  . ILE A 1 11  ? -0.514  3.266   7.057   1.00 20.62 ? 104 ILE A CA  1 
ATOM   57   C C   . ILE A 1 11  ? 0.698   4.151   7.133   1.00 22.10 ? 104 ILE A C   1 
ATOM   58   O O   . ILE A 1 11  ? 1.768   3.776   6.642   1.00 22.80 ? 104 ILE A O   1 
ATOM   59   C CB  . ILE A 1 11  ? -0.270  1.993   7.849   1.00 20.05 ? 104 ILE A CB  1 
ATOM   60   C CG1 . ILE A 1 11  ? -1.584  1.246   8.023   1.00 20.14 ? 104 ILE A CG1 1 
ATOM   61   C CG2 . ILE A 1 11  ? 0.373   2.280   9.205   1.00 20.17 ? 104 ILE A CG2 1 
ATOM   62   C CD1 . ILE A 1 11  ? -1.397  -0.222  8.353   1.00 21.55 ? 104 ILE A CD1 1 
ATOM   63   N N   . LEU A 1 12  ? 0.526   5.315   7.764   1.00 22.22 ? 105 LEU A N   1 
ATOM   64   C CA  . LEU A 1 12  ? 1.625   6.255   8.013   1.00 22.94 ? 105 LEU A CA  1 
ATOM   65   C C   . LEU A 1 12  ? 1.980   6.369   9.494   1.00 20.90 ? 105 LEU A C   1 
ATOM   66   O O   . LEU A 1 12  ? 1.223   5.984   10.351  1.00 20.15 ? 105 LEU A O   1 
ATOM   67   C CB  . LEU A 1 12  ? 1.258   7.643   7.485   1.00 24.11 ? 105 LEU A CB  1 
ATOM   68   C CG  . LEU A 1 12  ? 0.895   7.722   5.994   1.00 27.22 ? 105 LEU A CG  1 
ATOM   69   C CD1 . LEU A 1 12  ? -0.584  8.018   5.766   1.00 27.75 ? 105 LEU A CD1 1 
ATOM   70   C CD2 . LEU A 1 12  ? 1.667   8.855   5.353   1.00 30.19 ? 105 LEU A CD2 1 
ATOM   71   N N   . ASP A 1 13  ? 3.159   6.912   9.757   1.00 21.91 ? 106 ASP A N   1 
ATOM   72   C CA  . ASP A 1 13  ? 3.665   7.111   11.110  1.00 23.23 ? 106 ASP A CA  1 
ATOM   73   C C   . ASP A 1 13  ? 3.231   8.473   11.644  1.00 26.04 ? 106 ASP A C   1 
ATOM   74   O O   . ASP A 1 13  ? 2.371   9.158   11.044  1.00 26.14 ? 106 ASP A O   1 
ATOM   75   C CB  . ASP A 1 13  ? 5.186   6.941   11.143  1.00 24.04 ? 106 ASP A CB  1 
ATOM   76   C CG  . ASP A 1 13  ? 5.948   8.052   10.422  1.00 25.50 ? 106 ASP A CG  1 
ATOM   77   O OD1 . ASP A 1 13  ? 5.398   8.835   9.626   1.00 26.64 ? 106 ASP A OD1 1 
ATOM   78   O OD2 . ASP A 1 13  ? 7.160   8.106   10.617  1.00 29.11 ? 106 ASP A OD2 1 
ATOM   79   N N   . GLU A 1 14  ? 3.837   8.891   12.738  1.00 26.79 ? 107 GLU A N   1 
ATOM   80   C CA  . GLU A 1 14  ? 3.372   10.083  13.425  1.00 31.54 ? 107 GLU A CA  1 
ATOM   81   C C   . GLU A 1 14  ? 3.862   11.364  12.722  1.00 30.37 ? 107 GLU A C   1 
ATOM   82   O O   . GLU A 1 14  ? 3.278   12.430  12.911  1.00 33.44 ? 107 GLU A O   1 
ATOM   83   C CB  . GLU A 1 14  ? 3.740   10.040  14.934  1.00 36.24 ? 107 GLU A CB  1 
ATOM   84   C CG  . GLU A 1 14  ? 5.213   9.720   15.269  1.00 43.50 ? 107 GLU A CG  1 
ATOM   85   C CD  . GLU A 1 14  ? 5.521   8.224   15.518  1.00 47.70 ? 107 GLU A CD  1 
ATOM   86   O OE1 . GLU A 1 14  ? 5.885   7.467   14.577  1.00 51.22 ? 107 GLU A OE1 1 
ATOM   87   O OE2 . GLU A 1 14  ? 5.442   7.793   16.686  1.00 54.70 ? 107 GLU A OE2 1 
ATOM   88   N N   . THR A 1 15  ? 4.920   11.254  11.919  1.00 29.34 ? 108 THR A N   1 
ATOM   89   C CA  . THR A 1 15  ? 5.560   12.403  11.285  1.00 29.71 ? 108 THR A CA  1 
ATOM   90   C C   . THR A 1 15  ? 5.038   12.629  9.910   1.00 28.67 ? 108 THR A C   1 
ATOM   91   O O   . THR A 1 15  ? 5.318   13.668  9.304   1.00 26.57 ? 108 THR A O   1 
ATOM   92   C CB  . THR A 1 15  ? 7.093   12.236  11.186  1.00 32.16 ? 108 THR A CB  1 
ATOM   93   O OG1 . THR A 1 15  ? 7.440   11.180  10.279  1.00 33.74 ? 108 THR A OG1 1 
ATOM   94   C CG2 . THR A 1 15  ? 7.662   11.922  12.550  1.00 32.51 ? 108 THR A CG2 1 
ATOM   95   N N   . LEU A 1 16  ? 4.286   11.649  9.408   1.00 28.68 ? 109 LEU A N   1 
ATOM   96   C CA  . LEU A 1 16  ? 3.849   11.643  8.025   1.00 31.32 ? 109 LEU A CA  1 
ATOM   97   C C   . LEU A 1 16  ? 4.974   11.497  6.959   1.00 32.15 ? 109 LEU A C   1 
ATOM   98   O O   . LEU A 1 16  ? 4.707   11.756  5.782   1.00 32.19 ? 109 LEU A O   1 
ATOM   99   C CB  . LEU A 1 16  ? 2.978   12.898  7.701   1.00 31.43 ? 109 LEU A CB  1 
ATOM   100  C CG  . LEU A 1 16  ? 1.884   13.278  8.711   1.00 31.67 ? 109 LEU A CG  1 
ATOM   101  C CD1 . LEU A 1 16  ? 1.273   14.645  8.455   1.00 32.15 ? 109 LEU A CD1 1 
ATOM   102  C CD2 . LEU A 1 16  ? 0.803   12.207  8.731   1.00 32.40 ? 109 LEU A CD2 1 
ATOM   103  N N   A GLU A 1 17  ? 6.175   11.088  7.392   0.25 31.56 ? 110 GLU A N   1 
ATOM   104  N N   B GLU A 1 17  ? 6.181   11.077  7.338   0.25 31.75 ? 110 GLU A N   1 
ATOM   105  C CA  A GLU A 1 17  ? 7.339   10.907  6.521   0.25 31.42 ? 110 GLU A CA  1 
ATOM   106  C CA  B GLU A 1 17  ? 7.265   10.932  6.357   0.25 31.59 ? 110 GLU A CA  1 
ATOM   107  C C   A GLU A 1 17  ? 7.432   9.490   5.949   0.25 31.18 ? 110 GLU A C   1 
ATOM   108  C C   B GLU A 1 17  ? 7.700   9.467   6.122   0.25 31.08 ? 110 GLU A C   1 
ATOM   109  O O   A GLU A 1 17  ? 7.857   9.310   4.799   0.25 30.58 ? 110 GLU A O   1 
ATOM   110  O O   B GLU A 1 17  ? 8.672   9.224   5.398   0.25 29.81 ? 110 GLU A O   1 
ATOM   111  C CB  A GLU A 1 17  ? 8.623   11.147  7.312   0.25 31.68 ? 110 GLU A CB  1 
ATOM   112  C CB  B GLU A 1 17  ? 8.444   11.810  6.778   0.25 32.23 ? 110 GLU A CB  1 
ATOM   113  C CG  A GLU A 1 17  ? 8.876   12.572  7.758   0.25 32.29 ? 110 GLU A CG  1 
ATOM   114  C CG  B GLU A 1 17  ? 8.102   13.294  6.928   0.25 33.07 ? 110 GLU A CG  1 
ATOM   115  C CD  A GLU A 1 17  ? 10.203  12.699  8.486   0.25 32.36 ? 110 GLU A CD  1 
ATOM   116  C CD  B GLU A 1 17  ? 8.002   14.060  5.613   0.25 33.50 ? 110 GLU A CD  1 
ATOM   117  O OE1 A GLU A 1 17  ? 10.401  11.954  9.469   0.25 31.68 ? 110 GLU A OE1 1 
ATOM   118  O OE1 B GLU A 1 17  ? 8.740   13.746  4.655   0.25 34.38 ? 110 GLU A OE1 1 
ATOM   119  O OE2 A GLU A 1 17  ? 11.043  13.528  8.066   0.25 30.76 ? 110 GLU A OE2 1 
ATOM   120  O OE2 B GLU A 1 17  ? 7.182   14.998  5.538   0.25 33.57 ? 110 GLU A OE2 1 
ATOM   121  N N   . ASN A 1 18  ? 7.010   8.507   6.754   1.00 29.66 ? 111 ASN A N   1 
ATOM   122  C CA  . ASN A 1 18  ? 7.218   7.081   6.499   1.00 28.65 ? 111 ASN A CA  1 
ATOM   123  C C   . ASN A 1 18  ? 5.892   6.318   6.277   1.00 28.42 ? 111 ASN A C   1 
ATOM   124  O O   . ASN A 1 18  ? 4.893   6.659   6.885   1.00 29.76 ? 111 ASN A O   1 
ATOM   125  C CB  . ASN A 1 18  ? 7.957   6.483   7.695   1.00 29.57 ? 111 ASN A CB  1 
ATOM   126  C CG  . ASN A 1 18  ? 9.288   7.182   7.988   1.00 30.27 ? 111 ASN A CG  1 
ATOM   127  O OD1 . ASN A 1 18  ? 10.265  7.018   7.247   1.00 34.37 ? 111 ASN A OD1 1 
ATOM   128  N ND2 . ASN A 1 18  ? 9.330   7.969   9.064   1.00 28.07 ? 111 ASN A ND2 1 
ATOM   129  N N   . VAL A 1 19  ? 5.895   5.317   5.374   1.00 28.50 ? 112 VAL A N   1 
ATOM   130  C CA  . VAL A 1 19  ? 4.741   4.437   5.109   1.00 29.61 ? 112 VAL A CA  1 
ATOM   131  C C   . VAL A 1 19  ? 5.113   2.982   5.326   1.00 27.21 ? 112 VAL A C   1 
ATOM   132  O O   . VAL A 1 19  ? 6.272   2.624   5.195   1.00 27.55 ? 112 VAL A O   1 
ATOM   133  C CB  . VAL A 1 19  ? 4.151   4.532   3.673   1.00 33.09 ? 112 VAL A CB  1 
ATOM   134  C CG1 . VAL A 1 19  ? 3.388   5.816   3.486   1.00 35.71 ? 112 VAL A CG1 1 
ATOM   135  C CG2 . VAL A 1 19  ? 5.216   4.417   2.594   1.00 35.54 ? 112 VAL A CG2 1 
ATOM   136  N N   . LEU A 1 20  ? 4.107   2.154   5.609   1.00 25.33 ? 113 LEU A N   1 
ATOM   137  C CA  . LEU A 1 20  ? 4.275   0.705   5.864   1.00 25.31 ? 113 LEU A CA  1 
ATOM   138  C C   . LEU A 1 20  ? 4.009   -0.137  4.595   1.00 25.09 ? 113 LEU A C   1 
ATOM   139  O O   . LEU A 1 20  ? 2.893   -0.148  4.061   1.00 24.67 ? 113 LEU A O   1 
ATOM   140  C CB  . LEU A 1 20  ? 3.349   0.210   7.011   1.00 24.47 ? 113 LEU A CB  1 
ATOM   141  C CG  . LEU A 1 20  ? 3.711   -1.178  7.558   1.00 24.75 ? 113 LEU A CG  1 
ATOM   142  C CD1 . LEU A 1 20  ? 4.914   -1.083  8.503   1.00 24.44 ? 113 LEU A CD1 1 
ATOM   143  C CD2 . LEU A 1 20  ? 2.554   -1.824  8.288   1.00 25.09 ? 113 LEU A CD2 1 
ATOM   144  N N   . LEU A 1 21  ? 5.025   -0.897  4.171   1.00 25.27 ? 114 LEU A N   1 
ATOM   145  C CA  . LEU A 1 21  ? 4.945   -1.737  3.003   1.00 25.39 ? 114 LEU A CA  1 
ATOM   146  C C   . LEU A 1 21  ? 5.196   -3.186  3.416   1.00 25.78 ? 114 LEU A C   1 
ATOM   147  O O   . LEU A 1 21  ? 5.886   -3.452  4.401   1.00 22.91 ? 114 LEU A O   1 
ATOM   148  C CB  . LEU A 1 21  ? 5.961   -1.271  1.967   1.00 26.73 ? 114 LEU A CB  1 
ATOM   149  C CG  . LEU A 1 21  ? 5.778   0.167   1.447   1.00 28.29 ? 114 LEU A CG  1 
ATOM   150  C CD1 . LEU A 1 21  ? 6.806   0.429   0.362   1.00 30.08 ? 114 LEU A CD1 1 
ATOM   151  C CD2 . LEU A 1 21  ? 4.392   0.419   0.869   1.00 29.19 ? 114 LEU A CD2 1 
ATOM   152  N N   . VAL A 1 22  ? 4.612   -4.101  2.645   1.00 25.07 ? 115 VAL A N   1 
ATOM   153  C CA  . VAL A 1 22  ? 4.763   -5.554  2.854   1.00 26.03 ? 115 VAL A CA  1 
ATOM   154  C C   . VAL A 1 22  ? 5.410   -6.173  1.576   1.00 25.75 ? 115 VAL A C   1 
ATOM   155  O O   . VAL A 1 22  ? 5.210   -5.665  0.454   1.00 26.31 ? 115 VAL A O   1 
ATOM   156  C CB  . VAL A 1 22  ? 3.423   -6.236  3.254   1.00 24.49 ? 115 VAL A CB  1 
ATOM   157  C CG1 . VAL A 1 22  ? 2.875   -5.612  4.507   1.00 25.85 ? 115 VAL A CG1 1 
ATOM   158  C CG2 . VAL A 1 22  ? 2.372   -6.099  2.162   1.00 25.99 ? 115 VAL A CG2 1 
ATOM   159  N N   . GLN A 1 23  ? 6.188   -7.247  1.785   1.00 25.30 ? 116 GLN A N   1 
ATOM   160  C CA  . GLN A 1 23  ? 6.948   -7.959  0.728   1.00 24.20 ? 116 GLN A CA  1 
ATOM   161  C C   . GLN A 1 23  ? 6.328   -9.341  0.509   1.00 23.88 ? 116 GLN A C   1 
ATOM   162  O O   . GLN A 1 23  ? 6.193   -10.118 1.465   1.00 24.49 ? 116 GLN A O   1 
ATOM   163  C CB  . GLN A 1 23  ? 8.423   -8.079  1.105   1.00 23.83 ? 116 GLN A CB  1 
ATOM   164  C CG  . GLN A 1 23  ? 9.317   -8.407  -0.077  1.00 24.57 ? 116 GLN A CG  1 
ATOM   165  C CD  . GLN A 1 23  ? 10.792  -8.525  0.258   1.00 26.19 ? 116 GLN A CD  1 
ATOM   166  O OE1 . GLN A 1 23  ? 11.184  -8.790  1.409   1.00 25.53 ? 116 GLN A OE1 1 
ATOM   167  N NE2 . GLN A 1 23  ? 11.639  -8.309  -0.765  1.00 27.51 ? 116 GLN A NE2 1 
ATOM   168  N N   . GLY A 1 24  ? 5.901   -9.619  -0.718  1.00 24.81 ? 117 GLY A N   1 
ATOM   169  C CA  . GLY A 1 24  ? 5.345   -10.928 -1.049  1.00 28.43 ? 117 GLY A CA  1 
ATOM   170  C C   . GLY A 1 24  ? 6.389   -11.879 -1.631  1.00 29.28 ? 117 GLY A C   1 
ATOM   171  O O   . GLY A 1 24  ? 7.594   -11.637 -1.580  1.00 27.59 ? 117 GLY A O   1 
ATOM   172  N N   . TYR A 1 25  ? 5.883   -12.953 -2.201  1.00 30.46 ? 118 TYR A N   1 
ATOM   173  C CA  . TYR A 1 25  ? 6.682   -14.042 -2.753  1.00 31.30 ? 118 TYR A CA  1 
ATOM   174  C C   . TYR A 1 25  ? 6.230   -14.305 -4.185  1.00 32.04 ? 118 TYR A C   1 
ATOM   175  O O   . TYR A 1 25  ? 5.083   -14.084 -4.525  1.00 33.20 ? 118 TYR A O   1 
ATOM   176  C CB  . TYR A 1 25  ? 6.425   -15.349 -1.983  1.00 27.94 ? 118 TYR A CB  1 
ATOM   177  C CG  . TYR A 1 25  ? 7.003   -15.451 -0.599  1.00 27.96 ? 118 TYR A CG  1 
ATOM   178  C CD1 . TYR A 1 25  ? 8.368   -15.462 -0.387  1.00 27.68 ? 118 TYR A CD1 1 
ATOM   179  C CD2 . TYR A 1 25  ? 6.177   -15.593 0.511   1.00 29.87 ? 118 TYR A CD2 1 
ATOM   180  C CE1 . TYR A 1 25  ? 8.894   -15.576 0.883   1.00 27.60 ? 118 TYR A CE1 1 
ATOM   181  C CE2 . TYR A 1 25  ? 6.701   -15.689 1.791   1.00 29.42 ? 118 TYR A CE2 1 
ATOM   182  C CZ  . TYR A 1 25  ? 8.060   -15.704 1.967   1.00 28.98 ? 118 TYR A CZ  1 
ATOM   183  O OH  . TYR A 1 25  ? 8.565   -15.819 3.248   1.00 30.51 ? 118 TYR A OH  1 
ATOM   184  N N   . LEU A 1 26  ? 7.157   -14.832 -4.983  1.00 37.51 ? 119 LEU A N   1 
ATOM   185  C CA  . LEU A 1 26  ? 6.898   -15.386 -6.316  1.00 37.95 ? 119 LEU A CA  1 
ATOM   186  C C   . LEU A 1 26  ? 6.402   -14.308 -7.298  1.00 37.34 ? 119 LEU A C   1 
ATOM   187  O O   . LEU A 1 26  ? 7.181   -13.402 -7.638  1.00 34.97 ? 119 LEU A O   1 
ATOM   188  C CB  . LEU A 1 26  ? 6.001   -16.651 -6.204  1.00 39.21 ? 119 LEU A CB  1 
ATOM   189  C CG  . LEU A 1 26  ? 6.716   -17.839 -5.508  1.00 39.87 ? 119 LEU A CG  1 
ATOM   190  C CD1 . LEU A 1 26  ? 5.760   -18.867 -4.921  1.00 39.00 ? 119 LEU A CD1 1 
ATOM   191  C CD2 . LEU A 1 26  ? 7.681   -18.495 -6.486  1.00 40.70 ? 119 LEU A CD2 1 
ATOM   192  N N   . ALA A 1 27  ? 5.128   -14.367 -7.705  1.00 37.39 ? 120 ALA A N   1 
ATOM   193  C CA  . ALA A 1 27  ? 4.540   -13.346 -8.571  1.00 39.76 ? 120 ALA A CA  1 
ATOM   194  C C   . ALA A 1 27  ? 4.417   -11.988 -7.877  1.00 40.74 ? 120 ALA A C   1 
ATOM   195  O O   . ALA A 1 27  ? 4.340   -10.961 -8.567  1.00 45.35 ? 120 ALA A O   1 
ATOM   196  C CB  . ALA A 1 27  ? 3.175   -13.791 -9.102  1.00 41.45 ? 120 ALA A CB  1 
ATOM   197  N N   . LYS A 1 28  ? 4.409   -11.995 -6.535  1.00 41.36 ? 121 LYS A N   1 
ATOM   198  C CA  . LYS A 1 28  ? 4.292   -10.800 -5.695  1.00 41.37 ? 121 LYS A CA  1 
ATOM   199  C C   . LYS A 1 28  ? 5.610   -10.535 -5.002  1.00 41.41 ? 121 LYS A C   1 
ATOM   200  O O   . LYS A 1 28  ? 5.646   -10.045 -3.882  1.00 38.82 ? 121 LYS A O   1 
ATOM   201  C CB  . LYS A 1 28  ? 3.178   -11.002 -4.663  1.00 45.78 ? 121 LYS A CB  1 
ATOM   202  C CG  . LYS A 1 28  ? 1.796   -11.203 -5.279  1.00 51.23 ? 121 LYS A CG  1 
ATOM   203  C CD  . LYS A 1 28  ? 0.703   -11.403 -4.234  1.00 56.58 ? 121 LYS A CD  1 
ATOM   204  C CE  . LYS A 1 28  ? -0.677  -11.087 -4.813  1.00 61.16 ? 121 LYS A CE  1 
ATOM   205  N NZ  . LYS A 1 28  ? -1.768  -11.799 -4.086  1.00 61.42 ? 121 LYS A NZ  1 
ATOM   206  N N   . SER A 1 29  ? 6.707   -10.814 -5.702  1.00 45.37 ? 122 SER A N   1 
ATOM   207  C CA  . SER A 1 29  ? 8.019   -10.893 -5.066  1.00 48.34 ? 122 SER A CA  1 
ATOM   208  C C   . SER A 1 29  ? 8.636   -9.547  -4.565  1.00 50.67 ? 122 SER A C   1 
ATOM   209  O O   . SER A 1 29  ? 9.667   -9.566  -3.866  1.00 71.88 ? 122 SER A O   1 
ATOM   210  C CB  . SER A 1 29  ? 8.988   -11.634 -5.985  1.00 47.26 ? 122 SER A CB  1 
ATOM   211  O OG  . SER A 1 29  ? 10.277  -11.679 -5.416  1.00 49.75 ? 122 SER A OG  1 
ATOM   212  N N   . GLY A 1 30  ? 8.022   -8.408  -4.877  1.00 41.18 ? 123 GLY A N   1 
ATOM   213  C CA  . GLY A 1 30  ? 8.446   -7.104  -4.324  1.00 34.45 ? 123 GLY A CA  1 
ATOM   214  C C   . GLY A 1 30  ? 7.602   -6.484  -3.222  1.00 31.54 ? 123 GLY A C   1 
ATOM   215  O O   . GLY A 1 30  ? 6.931   -7.176  -2.452  1.00 31.19 ? 123 GLY A O   1 
ATOM   216  N N   . TRP A 1 31  ? 7.684   -5.160  -3.112  1.00 27.53 ? 124 TRP A N   1 
ATOM   217  C CA  . TRP A 1 31  ? 7.050   -4.427  -2.018  1.00 27.50 ? 124 TRP A CA  1 
ATOM   218  C C   . TRP A 1 31  ? 5.826   -3.685  -2.486  1.00 25.62 ? 124 TRP A C   1 
ATOM   219  O O   . TRP A 1 31  ? 5.889   -3.000  -3.523  1.00 28.45 ? 124 TRP A O   1 
ATOM   220  C CB  . TRP A 1 31  ? 7.997   -3.373  -1.424  1.00 26.38 ? 124 TRP A CB  1 
ATOM   221  C CG  . TRP A 1 31  ? 9.183   -3.917  -0.770  1.00 28.21 ? 124 TRP A CG  1 
ATOM   222  C CD1 . TRP A 1 31  ? 10.398  -4.107  -1.329  1.00 27.34 ? 124 TRP A CD1 1 
ATOM   223  C CD2 . TRP A 1 31  ? 9.306   -4.320  0.614   1.00 30.46 ? 124 TRP A CD2 1 
ATOM   224  N NE1 . TRP A 1 31  ? 11.279  -4.598  -0.398  1.00 26.60 ? 124 TRP A NE1 1 
ATOM   225  C CE2 . TRP A 1 31  ? 10.642  -4.756  0.797   1.00 26.24 ? 124 TRP A CE2 1 
ATOM   226  C CE3 . TRP A 1 31  ? 8.414   -4.355  1.710   1.00 28.68 ? 124 TRP A CE3 1 
ATOM   227  C CZ2 . TRP A 1 31  ? 11.125  -5.201  2.015   1.00 26.33 ? 124 TRP A CZ2 1 
ATOM   228  C CZ3 . TRP A 1 31  ? 8.892   -4.822  2.947   1.00 27.39 ? 124 TRP A CZ3 1 
ATOM   229  C CH2 . TRP A 1 31  ? 10.240  -5.250  3.079   1.00 28.97 ? 124 TRP A CH2 1 
ATOM   230  N N   . GLY A 1 32  ? 4.758   -3.737  -1.681  1.00 23.54 ? 125 GLY A N   1 
ATOM   231  C CA  . GLY A 1 32  ? 3.487   -3.057  -2.006  1.00 23.22 ? 125 GLY A CA  1 
ATOM   232  C C   . GLY A 1 32  ? 2.676   -2.744  -0.756  1.00 23.88 ? 125 GLY A C   1 
ATOM   233  O O   . GLY A 1 32  ? 3.128   -3.082  0.341   1.00 26.84 ? 125 GLY A O   1 
ATOM   234  N N   . PHE A 1 33  ? 1.537   -2.040  -0.896  1.00 22.21 ? 126 PHE A N   1 
ATOM   235  C CA  . PHE A 1 33  ? 0.626   -1.799  0.233   1.00 21.01 ? 126 PHE A CA  1 
ATOM   236  C C   . PHE A 1 33  ? -0.170  -3.042  0.555   1.00 21.52 ? 126 PHE A C   1 
ATOM   237  O O   . PHE A 1 33  ? -0.595  -3.754  -0.356  1.00 22.61 ? 126 PHE A O   1 
ATOM   238  C CB  . PHE A 1 33  ? -0.351  -0.669  -0.069  1.00 19.64 ? 126 PHE A CB  1 
ATOM   239  C CG  . PHE A 1 33  ? 0.340   0.607   -0.202  1.00 19.15 ? 126 PHE A CG  1 
ATOM   240  C CD1 . PHE A 1 33  ? 0.856   1.214   0.929   1.00 19.68 ? 126 PHE A CD1 1 
ATOM   241  C CD2 . PHE A 1 33  ? 0.631   1.121   -1.445  1.00 19.34 ? 126 PHE A CD2 1 
ATOM   242  C CE1 . PHE A 1 33  ? 1.588   2.375   0.841   1.00 19.73 ? 126 PHE A CE1 1 
ATOM   243  C CE2 . PHE A 1 33  ? 1.381   2.270   -1.571  1.00 20.55 ? 126 PHE A CE2 1 
ATOM   244  C CZ  . PHE A 1 33  ? 1.868   2.912   -0.415  1.00 21.20 ? 126 PHE A CZ  1 
ATOM   245  N N   . PRO A 1 34  ? -0.417  -3.281  1.851   1.00 21.22 ? 127 PRO A N   1 
ATOM   246  C CA  . PRO A 1 34  ? -1.235  -4.426  2.241   1.00 21.30 ? 127 PRO A CA  1 
ATOM   247  C C   . PRO A 1 34  ? -2.665  -4.270  1.736   1.00 22.83 ? 127 PRO A C   1 
ATOM   248  O O   . PRO A 1 34  ? -3.333  -3.243  1.993   1.00 21.53 ? 127 PRO A O   1 
ATOM   249  C CB  . PRO A 1 34  ? -1.150  -4.381  3.770   1.00 20.21 ? 127 PRO A CB  1 
ATOM   250  C CG  . PRO A 1 34  ? -1.071  -2.922  4.052   1.00 19.12 ? 127 PRO A CG  1 
ATOM   251  C CD  . PRO A 1 34  ? -0.126  -2.424  3.011   1.00 19.25 ? 127 PRO A CD  1 
ATOM   252  N N   . LYS A 1 35  ? -3.118  -5.276  0.992   1.00 27.52 ? 128 LYS A N   1 
ATOM   253  C CA  . LYS A 1 35  ? -4.433  -5.256  0.331   1.00 30.29 ? 128 LYS A CA  1 
ATOM   254  C C   . LYS A 1 35  ? -4.840  -6.623  -0.235  1.00 31.29 ? 128 LYS A C   1 
ATOM   255  O O   . LYS A 1 35  ? -3.993  -7.489  -0.411  1.00 36.25 ? 128 LYS A O   1 
ATOM   256  C CB  . LYS A 1 35  ? -4.469  -4.173  -0.779  1.00 33.15 ? 128 LYS A CB  1 
ATOM   257  C CG  . LYS A 1 35  ? -3.623  -4.431  -2.036  1.00 34.47 ? 128 LYS A CG  1 
ATOM   258  C CD  . LYS A 1 35  ? -3.856  -3.349  -3.084  1.00 38.21 ? 128 LYS A CD  1 
ATOM   259  C CE  . LYS A 1 35  ? -3.119  -3.618  -4.400  1.00 44.59 ? 128 LYS A CE  1 
ATOM   260  N NZ  . LYS A 1 35  ? -3.763  -4.674  -5.241  1.00 47.77 ? 128 LYS A NZ  1 
ATOM   261  N N   . GLY A 1 36  ? -6.131  -6.802  -0.523  1.00 31.48 ? 129 GLY A N   1 
ATOM   262  C CA  . GLY A 1 36  ? -6.628  -8.025  -1.151  1.00 31.91 ? 129 GLY A CA  1 
ATOM   263  C C   . GLY A 1 36  ? -8.057  -8.017  -1.693  1.00 32.63 ? 129 GLY A C   1 
ATOM   264  O O   . GLY A 1 36  ? -8.833  -7.100  -1.449  1.00 27.20 ? 129 GLY A O   1 
ATOM   265  N N   . LYS A 1 37  ? -8.376  -9.074  -2.444  1.00 38.43 ? 130 LYS A N   1 
ATOM   266  C CA  . LYS A 1 37  ? -9.685  -9.239  -3.149  1.00 40.91 ? 130 LYS A CA  1 
ATOM   267  C C   . LYS A 1 37  ? -10.810 -9.347  -2.142  1.00 39.21 ? 130 LYS A C   1 
ATOM   268  O O   . LYS A 1 37  ? -10.644 -10.007 -1.120  1.00 40.64 ? 130 LYS A O   1 
ATOM   269  C CB  . LYS A 1 37  ? -9.712  -10.505 -4.057  1.00 42.65 ? 130 LYS A CB  1 
ATOM   270  C CG  . LYS A 1 37  ? -9.142  -10.338 -5.474  1.00 45.52 ? 130 LYS A CG  1 
ATOM   271  C CD  . LYS A 1 37  ? -9.117  -11.667 -6.241  1.00 46.03 ? 130 LYS A CD  1 
ATOM   272  N N   . VAL A 1 38  ? -11.928 -8.684  -2.427  1.00 37.95 ? 131 VAL A N   1 
ATOM   273  C CA  . VAL A 1 38  ? -13.095 -8.699  -1.552  1.00 42.40 ? 131 VAL A CA  1 
ATOM   274  C C   . VAL A 1 38  ? -13.921 -10.017 -1.673  1.00 48.70 ? 131 VAL A C   1 
ATOM   275  O O   . VAL A 1 38  ? -14.123 -10.508 -2.811  1.00 46.54 ? 131 VAL A O   1 
ATOM   276  C CB  . VAL A 1 38  ? -13.970 -7.454  -1.842  1.00 43.86 ? 131 VAL A CB  1 
ATOM   277  C CG1 . VAL A 1 38  ? -14.657 -7.525  -3.203  1.00 48.31 ? 131 VAL A CG1 1 
ATOM   278  C CG2 . VAL A 1 38  ? -15.009 -7.226  -0.764  1.00 43.60 ? 131 VAL A CG2 1 
ATOM   279  N N   . ASN A 1 39  ? -14.385 -10.577 -0.524  1.00 49.15 ? 132 ASN A N   1 
ATOM   280  C CA  . ASN A 1 39  ? -15.309 -11.775 -0.489  1.00 47.07 ? 132 ASN A CA  1 
ATOM   281  C C   . ASN A 1 39  ? -16.710 -11.377 -0.976  1.00 47.73 ? 132 ASN A C   1 
ATOM   282  O O   . ASN A 1 39  ? -17.019 -10.193 -1.000  1.00 45.14 ? 132 ASN A O   1 
ATOM   283  C CB  . ASN A 1 39  ? -15.482 -12.363 0.927   1.00 45.71 ? 132 ASN A CB  1 
ATOM   284  C CG  . ASN A 1 39  ? -14.192 -12.887 1.546   1.00 46.16 ? 132 ASN A CG  1 
ATOM   285  O OD1 . ASN A 1 39  ? -13.228 -13.186 0.869   1.00 49.52 ? 132 ASN A OD1 1 
ATOM   286  N ND2 . ASN A 1 39  ? -14.180 -12.981 2.861   1.00 47.92 ? 132 ASN A ND2 1 
ATOM   287  N N   . LYS A 1 40  ? -17.563 -12.342 -1.344  1.00 54.22 ? 133 LYS A N   1 
ATOM   288  C CA  . LYS A 1 40  ? -18.969 -12.037 -1.776  1.00 56.77 ? 133 LYS A CA  1 
ATOM   289  C C   . LYS A 1 40  ? -19.835 -11.455 -0.619  1.00 58.09 ? 133 LYS A C   1 
ATOM   290  O O   . LYS A 1 40  ? -19.860 -12.015 0.477   1.00 58.82 ? 133 LYS A O   1 
ATOM   291  C CB  . LYS A 1 40  ? -19.644 -13.286 -2.375  1.00 57.42 ? 133 LYS A CB  1 
ATOM   292  N N   . GLU A 1 41  ? -20.506 -10.324 -0.864  1.00 61.50 ? 134 GLU A N   1 
ATOM   293  C CA  . GLU A 1 41  ? -21.316 -9.594  0.156   1.00 63.23 ? 134 GLU A CA  1 
ATOM   294  C C   . GLU A 1 41  ? -20.551 -8.838  1.279   1.00 65.36 ? 134 GLU A C   1 
ATOM   295  O O   . GLU A 1 41  ? -21.194 -8.244  2.154   1.00 72.14 ? 134 GLU A O   1 
ATOM   296  C CB  . GLU A 1 41  ? -22.379 -10.515 0.780   1.00 62.16 ? 134 GLU A CB  1 
ATOM   297  N N   . GLU A 1 42  ? -19.207 -8.817  1.226   1.00 63.26 ? 135 GLU A N   1 
ATOM   298  C CA  . GLU A 1 42  ? -18.324 -8.143  2.229   1.00 54.13 ? 135 GLU A CA  1 
ATOM   299  C C   . GLU A 1 42  ? -18.209 -6.636  1.925   1.00 50.80 ? 135 GLU A C   1 
ATOM   300  O O   . GLU A 1 42  ? -18.037 -6.244  0.779   1.00 52.90 ? 135 GLU A O   1 
ATOM   301  C CB  . GLU A 1 42  ? -16.913 -8.808  2.234   1.00 50.33 ? 135 GLU A CB  1 
ATOM   302  C CG  . GLU A 1 42  ? -15.934 -8.317  3.302   1.00 48.73 ? 135 GLU A CG  1 
ATOM   303  C CD  . GLU A 1 42  ? -14.572 -9.004  3.295   1.00 47.13 ? 135 GLU A CD  1 
ATOM   304  O OE1 . GLU A 1 42  ? -13.994 -9.215  2.217   1.00 50.70 ? 135 GLU A OE1 1 
ATOM   305  O OE2 . GLU A 1 42  ? -14.036 -9.303  4.384   1.00 48.55 ? 135 GLU A OE2 1 
ATOM   306  N N   . ALA A 1 43  ? -18.305 -5.800  2.954   1.00 50.43 ? 136 ALA A N   1 
ATOM   307  C CA  . ALA A 1 43  ? -18.202 -4.336  2.791   1.00 50.31 ? 136 ALA A CA  1 
ATOM   308  C C   . ALA A 1 43  ? -16.741 -3.891  2.587   1.00 48.18 ? 136 ALA A C   1 
ATOM   309  O O   . ALA A 1 43  ? -15.822 -4.484  3.175   1.00 45.69 ? 136 ALA A O   1 
ATOM   310  C CB  . ALA A 1 43  ? -18.798 -3.627  4.000   1.00 48.03 ? 136 ALA A CB  1 
ATOM   311  N N   . PRO A 1 44  ? -16.526 -2.842  1.767   1.00 49.49 ? 137 PRO A N   1 
ATOM   312  C CA  . PRO A 1 44  ? -15.169 -2.286  1.506   1.00 47.48 ? 137 PRO A CA  1 
ATOM   313  C C   . PRO A 1 44  ? -14.271 -2.159  2.762   1.00 43.12 ? 137 PRO A C   1 
ATOM   314  O O   . PRO A 1 44  ? -13.195 -2.753  2.835   1.00 40.44 ? 137 PRO A O   1 
ATOM   315  C CB  . PRO A 1 44  ? -15.478 -0.910  0.881   1.00 48.29 ? 137 PRO A CB  1 
ATOM   316  C CG  . PRO A 1 44  ? -16.799 -1.094  0.194   1.00 50.29 ? 137 PRO A CG  1 
ATOM   317  C CD  . PRO A 1 44  ? -17.552 -2.187  0.924   1.00 49.37 ? 137 PRO A CD  1 
ATOM   318  N N   . HIS A 1 45  ? -14.765 -1.445  3.755   1.00 41.63 ? 138 HIS A N   1 
ATOM   319  C CA  . HIS A 1 45  ? -14.045 -1.241  4.985   1.00 41.84 ? 138 HIS A CA  1 
ATOM   320  C C   . HIS A 1 45  ? -13.765 -2.529  5.759   1.00 37.71 ? 138 HIS A C   1 
ATOM   321  O O   . HIS A 1 45  ? -12.763 -2.605  6.475   1.00 35.68 ? 138 HIS A O   1 
ATOM   322  C CB  . HIS A 1 45  ? -14.742 -0.168  5.872   1.00 47.52 ? 138 HIS A CB  1 
ATOM   323  C CG  . HIS A 1 45  ? -16.128 -0.532  6.337   1.00 55.44 ? 138 HIS A CG  1 
ATOM   324  N ND1 . HIS A 1 45  ? -17.273 -0.067  5.717   1.00 59.23 ? 138 HIS A ND1 1 
ATOM   325  C CD2 . HIS A 1 45  ? -16.548 -1.292  7.381   1.00 58.88 ? 138 HIS A CD2 1 
ATOM   326  C CE1 . HIS A 1 45  ? -18.336 -0.545  6.345   1.00 62.98 ? 138 HIS A CE1 1 
ATOM   327  N NE2 . HIS A 1 45  ? -17.925 -1.287  7.361   1.00 61.50 ? 138 HIS A NE2 1 
ATOM   328  N N   . ASP A 1 46  ? -14.619 -3.540  5.636   1.00 37.46 ? 139 ASP A N   1 
ATOM   329  C CA  . ASP A 1 46  ? -14.355 -4.811  6.347   1.00 37.85 ? 139 ASP A CA  1 
ATOM   330  C C   . ASP A 1 46  ? -13.294 -5.669  5.678   1.00 37.60 ? 139 ASP A C   1 
ATOM   331  O O   . ASP A 1 46  ? -12.533 -6.369  6.364   1.00 38.43 ? 139 ASP A O   1 
ATOM   332  C CB  . ASP A 1 46  ? -15.626 -5.631  6.488   1.00 39.18 ? 139 ASP A CB  1 
ATOM   333  C CG  . ASP A 1 46  ? -16.593 -5.047  7.501   1.00 42.37 ? 139 ASP A CG  1 
ATOM   334  O OD1 . ASP A 1 46  ? -16.200 -4.276  8.413   1.00 44.84 ? 139 ASP A OD1 1 
ATOM   335  O OD2 . ASP A 1 46  ? -17.780 -5.388  7.386   1.00 43.32 ? 139 ASP A OD2 1 
ATOM   336  N N   . CYS A 1 47  ? -13.288 -5.656  4.344   1.00 37.61 ? 140 CYS A N   1 
ATOM   337  C CA  . CYS A 1 47  ? -12.244 -6.303  3.560   1.00 36.06 ? 140 CYS A CA  1 
ATOM   338  C C   . CYS A 1 47  ? -10.891 -5.663  3.895   1.00 37.55 ? 140 CYS A C   1 
ATOM   339  O O   . CYS A 1 47  ? -9.901  -6.388  4.175   1.00 36.90 ? 140 CYS A O   1 
ATOM   340  C CB  . CYS A 1 47  ? -12.536 -6.159  2.069   1.00 37.57 ? 140 CYS A CB  1 
ATOM   341  S SG  . CYS A 1 47  ? -11.203 -6.795  1.020   1.00 40.08 ? 140 CYS A SG  1 
ATOM   342  N N   . ALA A 1 48  ? -10.858 -4.318  3.893   1.00 32.72 ? 141 ALA A N   1 
ATOM   343  C CA  . ALA A 1 48  ? -9.629  -3.607  4.208   1.00 32.09 ? 141 ALA A CA  1 
ATOM   344  C C   . ALA A 1 48  ? -9.066  -4.060  5.530   1.00 30.61 ? 141 ALA A C   1 
ATOM   345  O O   . ALA A 1 48  ? -7.882  -4.404  5.581   1.00 31.82 ? 141 ALA A O   1 
ATOM   346  C CB  . ALA A 1 48  ? -9.825  -2.108  4.231   1.00 29.68 ? 141 ALA A CB  1 
ATOM   347  N N   . ALA A 1 49  ? -9.888  -4.054  6.588   1.00 29.55 ? 142 ALA A N   1 
ATOM   348  C CA  . ALA A 1 49  ? -9.400  -4.460  7.934   1.00 29.64 ? 142 ALA A CA  1 
ATOM   349  C C   . ALA A 1 49  ? -8.954  -5.925  8.001   1.00 30.04 ? 142 ALA A C   1 
ATOM   350  O O   . ALA A 1 49  ? -7.959  -6.232  8.645   1.00 29.11 ? 142 ALA A O   1 
ATOM   351  C CB  . ALA A 1 49  ? -10.434 -4.179  9.016   1.00 30.94 ? 142 ALA A CB  1 
ATOM   352  N N   . ARG A 1 50  ? -9.676  -6.811  7.312   1.00 31.44 ? 143 ARG A N   1 
ATOM   353  C CA  . ARG A 1 50  ? -9.335  -8.223  7.280   1.00 33.16 ? 143 ARG A CA  1 
ATOM   354  C C   . ARG A 1 50  ? -7.973  -8.454  6.610   1.00 33.58 ? 143 ARG A C   1 
ATOM   355  O O   . ARG A 1 50  ? -7.080  -9.052  7.216   1.00 32.41 ? 143 ARG A O   1 
ATOM   356  C CB  . ARG A 1 50  ? -10.422 -9.005  6.539   1.00 34.74 ? 143 ARG A CB  1 
ATOM   357  C CG  . ARG A 1 50  ? -10.130 -10.493 6.481   1.00 36.82 ? 143 ARG A CG  1 
ATOM   358  C CD  . ARG A 1 50  ? -11.218 -11.329 5.822   1.00 36.61 ? 143 ARG A CD  1 
ATOM   359  N NE  . ARG A 1 50  ? -11.591 -10.858 4.495   1.00 37.08 ? 143 ARG A NE  1 
ATOM   360  C CZ  . ARG A 1 50  ? -10.845 -10.991 3.400   1.00 37.15 ? 143 ARG A CZ  1 
ATOM   361  N NH1 . ARG A 1 50  ? -9.644  -11.573 3.458   1.00 37.49 ? 143 ARG A NH1 1 
ATOM   362  N NH2 . ARG A 1 50  ? -11.310 -10.542 2.230   1.00 36.50 ? 143 ARG A NH2 1 
ATOM   363  N N   . GLU A 1 51  ? -7.836  -7.995  5.358   1.00 33.10 ? 144 GLU A N   1 
ATOM   364  C CA  . GLU A 1 51  ? -6.559  -8.116  4.608   1.00 31.81 ? 144 GLU A CA  1 
ATOM   365  C C   . GLU A 1 51  ? -5.382  -7.479  5.317   1.00 29.01 ? 144 GLU A C   1 
ATOM   366  O O   . GLU A 1 51  ? -4.311  -8.065  5.381   1.00 28.62 ? 144 GLU A O   1 
ATOM   367  C CB  . GLU A 1 51  ? -6.656  -7.525  3.205   1.00 35.54 ? 144 GLU A CB  1 
ATOM   368  C CG  . GLU A 1 51  ? -7.454  -8.380  2.217   1.00 39.70 ? 144 GLU A CG  1 
ATOM   369  C CD  . GLU A 1 51  ? -6.807  -9.716  1.865   1.00 42.69 ? 144 GLU A CD  1 
ATOM   370  O OE1 . GLU A 1 51  ? -5.637  -9.981  2.257   1.00 42.48 ? 144 GLU A OE1 1 
ATOM   371  O OE2 . GLU A 1 51  ? -7.496  -10.511 1.181   1.00 45.31 ? 144 GLU A OE2 1 
ATOM   372  N N   . VAL A 1 52  ? -5.557  -6.295  5.876   1.00 26.51 ? 145 VAL A N   1 
ATOM   373  C CA  . VAL A 1 52  ? -4.436  -5.662  6.568   1.00 25.33 ? 145 VAL A CA  1 
ATOM   374  C C   . VAL A 1 52  ? -4.050  -6.452  7.829   1.00 25.32 ? 145 VAL A C   1 
ATOM   375  O O   . VAL A 1 52  ? -2.858  -6.530  8.174   1.00 23.54 ? 145 VAL A O   1 
ATOM   376  C CB  . VAL A 1 52  ? -4.742  -4.187  6.893   1.00 24.55 ? 145 VAL A CB  1 
ATOM   377  C CG1 . VAL A 1 52  ? -3.692  -3.616  7.800   1.00 25.21 ? 145 VAL A CG1 1 
ATOM   378  C CG2 . VAL A 1 52  ? -4.824  -3.354  5.613   1.00 24.36 ? 145 VAL A CG2 1 
ATOM   379  N N   . PHE A 1 53  ? -5.050  -7.007  8.521   1.00 26.25 ? 146 PHE A N   1 
ATOM   380  C CA  . PHE A 1 53  ? -4.795  -7.852  9.687   1.00 27.94 ? 146 PHE A CA  1 
ATOM   381  C C   . PHE A 1 53  ? -4.032  -9.168  9.359   1.00 29.66 ? 146 PHE A C   1 
ATOM   382  O O   . PHE A 1 53  ? -3.040  -9.494  10.028  1.00 29.78 ? 146 PHE A O   1 
ATOM   383  C CB  . PHE A 1 53  ? -6.092  -8.178  10.437  1.00 28.99 ? 146 PHE A CB  1 
ATOM   384  C CG  . PHE A 1 53  ? -5.846  -8.885  11.735  1.00 29.24 ? 146 PHE A CG  1 
ATOM   385  C CD1 . PHE A 1 53  ? -5.410  -8.180  12.838  1.00 31.60 ? 146 PHE A CD1 1 
ATOM   386  C CD2 . PHE A 1 53  ? -5.926  -10.262 11.820  1.00 31.38 ? 146 PHE A CD2 1 
ATOM   387  C CE1 . PHE A 1 53  ? -5.125  -8.827  14.043  1.00 34.09 ? 146 PHE A CE1 1 
ATOM   388  C CE2 . PHE A 1 53  ? -5.640  -10.920 13.018  1.00 33.90 ? 146 PHE A CE2 1 
ATOM   389  C CZ  . PHE A 1 53  ? -5.246  -10.200 14.135  1.00 32.35 ? 146 PHE A CZ  1 
ATOM   390  N N   . GLU A 1 54  ? -4.493  -9.919  8.357   1.00 32.77 ? 147 GLU A N   1 
ATOM   391  C CA  . GLU A 1 54  ? -3.745  -11.087 7.852   1.00 36.19 ? 147 GLU A CA  1 
ATOM   392  C C   . GLU A 1 54  ? -2.288  -10.784 7.492   1.00 33.34 ? 147 GLU A C   1 
ATOM   393  O O   . GLU A 1 54  ? -1.407  -11.602 7.735   1.00 32.20 ? 147 GLU A O   1 
ATOM   394  C CB  . GLU A 1 54  ? -4.422  -11.658 6.619   1.00 46.68 ? 147 GLU A CB  1 
ATOM   395  C CG  . GLU A 1 54  ? -5.722  -12.439 6.862   1.00 57.03 ? 147 GLU A CG  1 
ATOM   396  C CD  . GLU A 1 54  ? -6.426  -12.853 5.543   1.00 66.28 ? 147 GLU A CD  1 
ATOM   397  O OE1 . GLU A 1 54  ? -5.789  -12.750 4.448   1.00 72.85 ? 147 GLU A OE1 1 
ATOM   398  O OE2 . GLU A 1 54  ? -7.618  -13.284 5.594   1.00 66.13 ? 147 GLU A OE2 1 
ATOM   399  N N   . GLU A 1 55  ? -2.024  -9.608  6.917   1.00 32.03 ? 148 GLU A N   1 
ATOM   400  C CA  . GLU A 1 55  ? -0.690  -9.283  6.405   1.00 28.66 ? 148 GLU A CA  1 
ATOM   401  C C   . GLU A 1 55  ? 0.237   -8.521  7.390   1.00 29.17 ? 148 GLU A C   1 
ATOM   402  O O   . GLU A 1 55  ? 1.461   -8.471  7.178   1.00 26.66 ? 148 GLU A O   1 
ATOM   403  C CB  . GLU A 1 55  ? -0.821  -8.553  5.075   1.00 29.79 ? 148 GLU A CB  1 
ATOM   404  C CG  . GLU A 1 55  ? -1.639  -9.292  4.011   1.00 31.17 ? 148 GLU A CG  1 
ATOM   405  C CD  . GLU A 1 55  ? -1.648  -8.614  2.620   1.00 34.97 ? 148 GLU A CD  1 
ATOM   406  O OE1 . GLU A 1 55  ? -0.897  -7.640  2.367   1.00 36.33 ? 148 GLU A OE1 1 
ATOM   407  O OE2 . GLU A 1 55  ? -2.401  -9.072  1.732   1.00 37.11 ? 148 GLU A OE2 1 
ATOM   408  N N   . THR A 1 56  ? -0.320  -7.935  8.461   1.00 29.33 ? 149 THR A N   1 
ATOM   409  C CA  . THR A 1 56  ? 0.475   -7.147  9.425   1.00 27.18 ? 149 THR A CA  1 
ATOM   410  C C   . THR A 1 56  ? 0.228   -7.447  10.900  1.00 27.48 ? 149 THR A C   1 
ATOM   411  O O   . THR A 1 56  ? 0.976   -6.946  11.765  1.00 23.88 ? 149 THR A O   1 
ATOM   412  C CB  . THR A 1 56  ? 0.205   -5.624  9.250   1.00 26.75 ? 149 THR A CB  1 
ATOM   413  O OG1 . THR A 1 56  ? -1.087  -5.302  9.770   1.00 21.16 ? 149 THR A OG1 1 
ATOM   414  C CG2 . THR A 1 56  ? 0.283   -5.199  7.767   1.00 26.01 ? 149 THR A CG2 1 
ATOM   415  N N   . GLY A 1 57  ? -0.835  -8.185  11.215  1.00 27.90 ? 150 GLY A N   1 
ATOM   416  C CA  . GLY A 1 57  ? -1.221  -8.364  12.611  1.00 28.73 ? 150 GLY A CA  1 
ATOM   417  C C   . GLY A 1 57  ? -1.720  -7.084  13.289  1.00 28.98 ? 150 GLY A C   1 
ATOM   418  O O   . GLY A 1 57  ? -1.881  -7.046  14.508  1.00 29.83 ? 150 GLY A O   1 
ATOM   419  N N   . PHE A 1 58  ? -2.002  -6.034  12.532  1.00 28.72 ? 151 PHE A N   1 
ATOM   420  C CA  . PHE A 1 58  ? -2.498  -4.820  13.138  1.00 31.67 ? 151 PHE A CA  1 
ATOM   421  C C   . PHE A 1 58  ? -3.938  -4.647  12.741  1.00 31.97 ? 151 PHE A C   1 
ATOM   422  O O   . PHE A 1 58  ? -4.240  -4.688  11.552  1.00 32.45 ? 151 PHE A O   1 
ATOM   423  C CB  . PHE A 1 58  ? -1.677  -3.632  12.689  1.00 33.39 ? 151 PHE A CB  1 
ATOM   424  C CG  . PHE A 1 58  ? -2.015  -2.369  13.422  1.00 35.89 ? 151 PHE A CG  1 
ATOM   425  C CD1 . PHE A 1 58  ? -1.574  -2.174  14.746  1.00 37.35 ? 151 PHE A CD1 1 
ATOM   426  C CD2 . PHE A 1 58  ? -2.777  -1.379  12.819  1.00 34.50 ? 151 PHE A CD2 1 
ATOM   427  C CE1 . PHE A 1 58  ? -1.884  -1.012  15.436  1.00 35.10 ? 151 PHE A CE1 1 
ATOM   428  C CE2 . PHE A 1 58  ? -3.095  -0.216  13.509  1.00 36.10 ? 151 PHE A CE2 1 
ATOM   429  C CZ  . PHE A 1 58  ? -2.642  -0.032  14.815  1.00 34.98 ? 151 PHE A CZ  1 
ATOM   430  N N   . ASP A 1 59  ? -4.823  -4.431  13.720  1.00 33.17 ? 152 ASP A N   1 
ATOM   431  C CA  . ASP A 1 59  ? -6.256  -4.220  13.437  1.00 35.51 ? 152 ASP A CA  1 
ATOM   432  C C   . ASP A 1 59  ? -6.569  -2.737  13.237  1.00 34.18 ? 152 ASP A C   1 
ATOM   433  O O   . ASP A 1 59  ? -6.295  -1.950  14.148  1.00 35.53 ? 152 ASP A O   1 
ATOM   434  C CB  . ASP A 1 59  ? -7.125  -4.753  14.582  1.00 35.89 ? 152 ASP A CB  1 
ATOM   435  C CG  . ASP A 1 59  ? -8.603  -4.996  14.168  1.00 38.12 ? 152 ASP A CG  1 
ATOM   436  O OD1 . ASP A 1 59  ? -9.096  -4.434  13.162  1.00 38.02 ? 152 ASP A OD1 1 
ATOM   437  O OD2 . ASP A 1 59  ? -9.284  -5.775  14.879  1.00 42.60 ? 152 ASP A OD2 1 
ATOM   438  N N   . ILE A 1 60  ? -7.152  -2.382  12.078  1.00 30.04 ? 153 ILE A N   1 
ATOM   439  C CA  . ILE A 1 60  ? -7.455  -0.971  11.715  1.00 29.09 ? 153 ILE A CA  1 
ATOM   440  C C   . ILE A 1 60  ? -8.930  -0.589  11.790  1.00 30.85 ? 153 ILE A C   1 
ATOM   441  O O   . ILE A 1 60  ? -9.276  0.552   11.528  1.00 31.19 ? 153 ILE A O   1 
ATOM   442  C CB  . ILE A 1 60  ? -6.931  -0.574  10.300  1.00 26.46 ? 153 ILE A CB  1 
ATOM   443  C CG1 . ILE A 1 60  ? -7.673  -1.333  9.194   1.00 25.34 ? 153 ILE A CG1 1 
ATOM   444  C CG2 . ILE A 1 60  ? -5.423  -0.745  10.206  1.00 25.44 ? 153 ILE A CG2 1 
ATOM   445  C CD1 . ILE A 1 60  ? -7.434  -0.769  7.820   1.00 26.37 ? 153 ILE A CD1 1 
ATOM   446  N N   . LYS A 1 61  ? -9.791  -1.556  12.094  1.00 34.92 ? 154 LYS A N   1 
ATOM   447  C CA  . LYS A 1 61  ? -11.230 -1.355  12.354  1.00 36.25 ? 154 LYS A CA  1 
ATOM   448  C C   . LYS A 1 61  ? -11.641 -0.012  13.049  1.00 32.53 ? 154 LYS A C   1 
ATOM   449  O O   . LYS A 1 61  ? -12.493 0.723   12.543  1.00 33.42 ? 154 LYS A O   1 
ATOM   450  C CB  . LYS A 1 61  ? -11.719 -2.587  13.138  1.00 40.09 ? 154 LYS A CB  1 
ATOM   451  C CG  . LYS A 1 61  ? -13.008 -2.451  13.927  1.00 46.05 ? 154 LYS A CG  1 
ATOM   452  C CD  . LYS A 1 61  ? -13.567 -3.799  14.350  1.00 52.02 ? 154 LYS A CD  1 
ATOM   453  C CE  . LYS A 1 61  ? -12.625 -4.677  15.184  1.00 56.00 ? 154 LYS A CE  1 
ATOM   454  N NZ  . LYS A 1 61  ? -12.856 -4.538  16.649  1.00 57.69 ? 154 LYS A NZ  1 
ATOM   455  N N   . ASP A 1 62  ? -11.014 0.306   14.166  1.00 29.45 ? 155 ASP A N   1 
ATOM   456  C CA  . ASP A 1 62  ? -11.361 1.497   14.943  1.00 30.94 ? 155 ASP A CA  1 
ATOM   457  C C   . ASP A 1 62  ? -10.630 2.738   14.483  1.00 32.75 ? 155 ASP A C   1 
ATOM   458  O O   . ASP A 1 62  ? -10.802 3.797   15.099  1.00 35.39 ? 155 ASP A O   1 
ATOM   459  C CB  . ASP A 1 62  ? -11.033 1.290   16.433  1.00 33.12 ? 155 ASP A CB  1 
ATOM   460  C CG  . ASP A 1 62  ? -11.852 0.163   17.098  1.00 31.99 ? 155 ASP A CG  1 
ATOM   461  O OD1 . ASP A 1 62  ? -12.907 -0.241  16.598  1.00 32.03 ? 155 ASP A OD1 1 
ATOM   462  O OD2 . ASP A 1 62  ? -11.428 -0.308  18.165  1.00 34.41 ? 155 ASP A OD2 1 
ATOM   463  N N   . TYR A 1 63  ? -9.802  2.618   13.436  1.00 34.82 ? 156 TYR A N   1 
ATOM   464  C CA  . TYR A 1 63  ? -9.040  3.747   12.829  1.00 30.89 ? 156 TYR A CA  1 
ATOM   465  C C   . TYR A 1 63  ? -9.569  4.229   11.503  1.00 31.59 ? 156 TYR A C   1 
ATOM   466  O O   . TYR A 1 63  ? -9.273  5.368   11.130  1.00 33.12 ? 156 TYR A O   1 
ATOM   467  C CB  . TYR A 1 63  ? -7.585  3.352   12.606  1.00 30.18 ? 156 TYR A CB  1 
ATOM   468  C CG  . TYR A 1 63  ? -6.889  3.045   13.867  1.00 30.09 ? 156 TYR A CG  1 
ATOM   469  C CD1 . TYR A 1 63  ? -6.218  4.019   14.549  1.00 32.14 ? 156 TYR A CD1 1 
ATOM   470  C CD2 . TYR A 1 63  ? -6.929  1.767   14.412  1.00 32.57 ? 156 TYR A CD2 1 
ATOM   471  C CE1 . TYR A 1 63  ? -5.591  3.739   15.747  1.00 35.42 ? 156 TYR A CE1 1 
ATOM   472  C CE2 . TYR A 1 63  ? -6.327  1.477   15.624  1.00 31.61 ? 156 TYR A CE2 1 
ATOM   473  C CZ  . TYR A 1 63  ? -5.664  2.464   16.285  1.00 34.63 ? 156 TYR A CZ  1 
ATOM   474  O OH  . TYR A 1 63  ? -5.030  2.184   17.466  1.00 40.90 ? 156 TYR A OH  1 
ATOM   475  N N   . ILE A 1 64  ? -10.300 3.375   10.765  1.00 32.64 ? 157 ILE A N   1 
ATOM   476  C CA  . ILE A 1 64  ? -10.724 3.709   9.396   1.00 32.57 ? 157 ILE A CA  1 
ATOM   477  C C   . ILE A 1 64  ? -11.684 4.902   9.319   1.00 33.76 ? 157 ILE A C   1 
ATOM   478  O O   . ILE A 1 64  ? -12.722 4.910   10.008  1.00 34.84 ? 157 ILE A O   1 
ATOM   479  C CB  . ILE A 1 64  ? -11.427 2.514   8.684   1.00 34.55 ? 157 ILE A CB  1 
ATOM   480  C CG1 . ILE A 1 64  ? -10.433 1.420   8.313   1.00 38.09 ? 157 ILE A CG1 1 
ATOM   481  C CG2 . ILE A 1 64  ? -12.077 2.928   7.367   1.00 35.24 ? 157 ILE A CG2 1 
ATOM   482  C CD1 . ILE A 1 64  ? -11.092 0.114   7.892   1.00 39.92 ? 157 ILE A CD1 1 
ATOM   483  N N   A CYS A 1 65  ? -11.335 5.887   8.495   0.25 34.16 ? 158 CYS A N   1 
ATOM   484  N N   B CYS A 1 65  ? -11.337 5.895   8.503   0.25 32.71 ? 158 CYS A N   1 
ATOM   485  C CA  A CYS A 1 65  ? -12.232 6.975   8.131   0.25 34.71 ? 158 CYS A CA  1 
ATOM   486  C CA  B CYS A 1 65  ? -12.245 6.981   8.149   0.25 32.43 ? 158 CYS A CA  1 
ATOM   487  C C   A CYS A 1 65  ? -12.750 6.705   6.726   0.25 35.63 ? 158 CYS A C   1 
ATOM   488  C C   B CYS A 1 65  ? -12.755 6.725   6.734   0.25 34.20 ? 158 CYS A C   1 
ATOM   489  O O   A CYS A 1 65  ? -12.007 6.842   5.747   0.25 33.71 ? 158 CYS A O   1 
ATOM   490  O O   B CYS A 1 65  ? -12.011 6.890   5.760   0.25 32.13 ? 158 CYS A O   1 
ATOM   491  C CB  A CYS A 1 65  ? -11.498 8.305   8.163   0.25 35.48 ? 158 CYS A CB  1 
ATOM   492  C CB  B CYS A 1 65  ? -11.533 8.327   8.221   0.25 31.85 ? 158 CYS A CB  1 
ATOM   493  S SG  A CYS A 1 65  ? -10.793 8.705   9.773   0.25 38.78 ? 158 CYS A SG  1 
ATOM   494  S SG  B CYS A 1 65  ? -12.563 9.741   7.758   0.25 31.95 ? 158 CYS A SG  1 
ATOM   495  N N   . LYS A 1 66  ? -14.021 6.316   6.637   1.00 36.51 ? 159 LYS A N   1 
ATOM   496  C CA  . LYS A 1 66  ? -14.676 5.966   5.351   1.00 38.41 ? 159 LYS A CA  1 
ATOM   497  C C   . LYS A 1 66  ? -14.613 6.948   4.158   1.00 39.39 ? 159 LYS A C   1 
ATOM   498  O O   . LYS A 1 66  ? -14.783 6.522   3.018   1.00 39.68 ? 159 LYS A O   1 
ATOM   499  C CB  . LYS A 1 66  ? -16.150 5.619   5.611   1.00 43.13 ? 159 LYS A CB  1 
ATOM   500  C CG  . LYS A 1 66  ? -17.025 6.815   6.026   1.00 47.21 ? 159 LYS A CG  1 
ATOM   501  N N   . ASP A 1 67  ? -14.348 8.226   4.403   1.00 40.78 ? 160 ASP A N   1 
ATOM   502  C CA  . ASP A 1 67  ? -14.096 9.195   3.324   1.00 41.03 ? 160 ASP A CA  1 
ATOM   503  C C   . ASP A 1 67  ? -12.655 9.383   2.933   1.00 39.43 ? 160 ASP A C   1 
ATOM   504  O O   . ASP A 1 67  ? -12.382 10.100  1.972   1.00 42.67 ? 160 ASP A O   1 
ATOM   505  C CB  . ASP A 1 67  ? -14.661 10.555  3.738   1.00 47.85 ? 160 ASP A CB  1 
ATOM   506  C CG  . ASP A 1 67  ? -16.194 10.540  3.853   1.00 52.25 ? 160 ASP A CG  1 
ATOM   507  O OD1 . ASP A 1 67  ? -16.850 10.401  2.794   1.00 57.97 ? 160 ASP A OD1 1 
ATOM   508  O OD2 . ASP A 1 67  ? -16.728 10.648  4.990   1.00 52.00 ? 160 ASP A OD2 1 
ATOM   509  N N   . ASP A 1 68  ? -11.725 8.760   3.654   1.00 37.12 ? 161 ASP A N   1 
ATOM   510  C CA  . ASP A 1 68  ? -10.284 9.018   3.485   1.00 35.06 ? 161 ASP A CA  1 
ATOM   511  C C   . ASP A 1 68  ? -9.562  7.864   2.836   1.00 32.62 ? 161 ASP A C   1 
ATOM   512  O O   . ASP A 1 68  ? -9.126  6.918   3.516   1.00 28.25 ? 161 ASP A O   1 
ATOM   513  C CB  . ASP A 1 68  ? -9.655  9.329   4.842   1.00 37.27 ? 161 ASP A CB  1 
ATOM   514  C CG  . ASP A 1 68  ? -10.149 10.627  5.416   1.00 38.18 ? 161 ASP A CG  1 
ATOM   515  O OD1 . ASP A 1 68  ? -10.903 11.312  4.710   1.00 43.96 ? 161 ASP A OD1 1 
ATOM   516  O OD2 . ASP A 1 68  ? -9.757  11.031  6.527   1.00 40.85 ? 161 ASP A OD2 1 
ATOM   517  N N   . TYR A 1 69  ? -9.431  7.945   1.517   1.00 30.37 ? 162 TYR A N   1 
ATOM   518  C CA  . TYR A 1 69  ? -8.798  6.886   0.761   1.00 33.21 ? 162 TYR A CA  1 
ATOM   519  C C   . TYR A 1 69  ? -8.324  7.376   -0.591  1.00 32.95 ? 162 TYR A C   1 
ATOM   520  O O   . TYR A 1 69  ? -8.737  8.445   -1.049  1.00 31.69 ? 162 TYR A O   1 
ATOM   521  C CB  . TYR A 1 69  ? -9.752  5.693   0.570   1.00 33.64 ? 162 TYR A CB  1 
ATOM   522  C CG  . TYR A 1 69  ? -11.014 6.050   -0.146  1.00 36.82 ? 162 TYR A CG  1 
ATOM   523  C CD1 . TYR A 1 69  ? -11.052 6.211   -1.545  1.00 38.54 ? 162 TYR A CD1 1 
ATOM   524  C CD2 . TYR A 1 69  ? -12.178 6.274   0.573   1.00 42.09 ? 162 TYR A CD2 1 
ATOM   525  C CE1 . TYR A 1 69  ? -12.225 6.573   -2.184  1.00 41.51 ? 162 TYR A CE1 1 
ATOM   526  C CE2 . TYR A 1 69  ? -13.361 6.622   -0.056  1.00 43.68 ? 162 TYR A CE2 1 
ATOM   527  C CZ  . TYR A 1 69  ? -13.383 6.773   -1.414  1.00 44.44 ? 162 TYR A CZ  1 
ATOM   528  O OH  . TYR A 1 69  ? -14.580 7.120   -1.951  1.00 49.75 ? 162 TYR A OH  1 
ATOM   529  N N   . ILE A 1 70  ? -7.513  6.529   -1.218  1.00 32.60 ? 163 ILE A N   1 
ATOM   530  C CA  . ILE A 1 70  ? -7.061  6.686   -2.592  1.00 34.36 ? 163 ILE A CA  1 
ATOM   531  C C   . ILE A 1 70  ? -7.463  5.448   -3.385  1.00 31.80 ? 163 ILE A C   1 
ATOM   532  O O   . ILE A 1 70  ? -7.278  4.316   -2.920  1.00 27.43 ? 163 ILE A O   1 
ATOM   533  C CB  . ILE A 1 70  ? -5.530  6.865   -2.629  1.00 35.75 ? 163 ILE A CB  1 
ATOM   534  C CG1 . ILE A 1 70  ? -5.176  8.274   -2.161  1.00 41.88 ? 163 ILE A CG1 1 
ATOM   535  C CG2 . ILE A 1 70  ? -4.982  6.686   -4.026  1.00 35.64 ? 163 ILE A CG2 1 
ATOM   536  C CD1 . ILE A 1 70  ? -3.762  8.412   -1.624  1.00 44.24 ? 163 ILE A CD1 1 
ATOM   537  N N   . GLU A 1 71  ? -7.952  5.685   -4.602  1.00 32.97 ? 164 GLU A N   1 
ATOM   538  C CA  . GLU A 1 71  ? -8.582  4.657   -5.429  1.00 36.37 ? 164 GLU A CA  1 
ATOM   539  C C   . GLU A 1 71  ? -8.122  4.807   -6.876  1.00 34.77 ? 164 GLU A C   1 
ATOM   540  O O   . GLU A 1 71  ? -8.227  5.879   -7.449  1.00 34.70 ? 164 GLU A O   1 
ATOM   541  C CB  . GLU A 1 71  ? -10.096 4.796   -5.324  1.00 40.12 ? 164 GLU A CB  1 
ATOM   542  C CG  . GLU A 1 71  ? -10.966 3.760   -6.024  1.00 43.37 ? 164 GLU A CG  1 
ATOM   543  C CD  . GLU A 1 71  ? -12.456 4.033   -5.784  1.00 46.71 ? 164 GLU A CD  1 
ATOM   544  O OE1 . GLU A 1 71  ? -12.931 5.090   -6.248  1.00 49.91 ? 164 GLU A OE1 1 
ATOM   545  O OE2 . GLU A 1 71  ? -13.146 3.226   -5.102  1.00 50.96 ? 164 GLU A OE2 1 
ATOM   546  N N   . LEU A 1 72  ? -7.599  3.727   -7.447  1.00 34.19 ? 165 LEU A N   1 
ATOM   547  C CA  . LEU A 1 72  ? -7.108  3.708   -8.815  1.00 35.29 ? 165 LEU A CA  1 
ATOM   548  C C   . LEU A 1 72  ? -7.699  2.520   -9.533  1.00 36.18 ? 165 LEU A C   1 
ATOM   549  O O   . LEU A 1 72  ? -7.997  1.510   -8.904  1.00 35.01 ? 165 LEU A O   1 
ATOM   550  C CB  . LEU A 1 72  ? -5.586  3.556   -8.839  1.00 35.15 ? 165 LEU A CB  1 
ATOM   551  C CG  . LEU A 1 72  ? -4.762  4.686   -8.238  1.00 37.99 ? 165 LEU A CG  1 
ATOM   552  C CD1 . LEU A 1 72  ? -3.263  4.391   -8.269  1.00 36.38 ? 165 LEU A CD1 1 
ATOM   553  C CD2 . LEU A 1 72  ? -5.077  6.003   -8.952  1.00 39.79 ? 165 LEU A CD2 1 
ATOM   554  N N   . ARG A 1 73  ? -7.861  2.641   -10.851 1.00 37.50 ? 166 ARG A N   1 
ATOM   555  C CA  . ARG A 1 73  ? -8.161  1.487   -11.696 1.00 41.45 ? 166 ARG A CA  1 
ATOM   556  C C   . ARG A 1 73  ? -6.865  1.084   -12.383 1.00 41.47 ? 166 ARG A C   1 
ATOM   557  O O   . ARG A 1 73  ? -6.135  1.937   -12.916 1.00 41.43 ? 166 ARG A O   1 
ATOM   558  C CB  . ARG A 1 73  ? -9.230  1.802   -12.734 1.00 47.02 ? 166 ARG A CB  1 
ATOM   559  C CG  . ARG A 1 73  ? -9.846  0.556   -13.358 1.00 50.33 ? 166 ARG A CG  1 
ATOM   560  C CD  . ARG A 1 73  ? -10.890 0.896   -14.397 1.00 55.98 ? 166 ARG A CD  1 
ATOM   561  N NE  . ARG A 1 73  ? -10.374 1.835   -15.402 1.00 59.45 ? 166 ARG A NE  1 
ATOM   562  C CZ  . ARG A 1 73  ? -10.774 3.106   -15.584 1.00 64.81 ? 166 ARG A CZ  1 
ATOM   563  N NH1 . ARG A 1 73  ? -11.736 3.682   -14.850 1.00 64.02 ? 166 ARG A NH1 1 
ATOM   564  N NH2 . ARG A 1 73  ? -10.202 3.831   -16.543 1.00 70.54 ? 166 ARG A NH2 1 
ATOM   565  N N   . ILE A 1 74  ? -6.564  -0.212  -12.323 1.00 40.04 ? 167 ILE A N   1 
ATOM   566  C CA  . ILE A 1 74  ? -5.321  -0.749  -12.830 1.00 37.30 ? 167 ILE A CA  1 
ATOM   567  C C   . ILE A 1 74  ? -5.670  -1.986  -13.611 1.00 36.98 ? 167 ILE A C   1 
ATOM   568  O O   . ILE A 1 74  ? -5.998  -3.004  -13.020 1.00 32.48 ? 167 ILE A O   1 
ATOM   569  C CB  . ILE A 1 74  ? -4.379  -1.087  -11.681 1.00 38.96 ? 167 ILE A CB  1 
ATOM   570  C CG1 . ILE A 1 74  ? -3.873  0.196   -10.999 1.00 42.89 ? 167 ILE A CG1 1 
ATOM   571  C CG2 . ILE A 1 74  ? -3.191  -1.913  -12.177 1.00 39.94 ? 167 ILE A CG2 1 
ATOM   572  C CD1 . ILE A 1 74  ? -3.572  0.019   -9.518  1.00 45.10 ? 167 ILE A CD1 1 
ATOM   573  N N   . ASN A 1 75  ? -5.609  -1.877  -14.940 1.00 39.06 ? 168 ASN A N   1 
ATOM   574  C CA  . ASN A 1 75  ? -6.049  -2.923  -15.867 1.00 41.95 ? 168 ASN A CA  1 
ATOM   575  C C   . ASN A 1 75  ? -7.455  -3.411  -15.576 1.00 41.46 ? 168 ASN A C   1 
ATOM   576  O O   . ASN A 1 75  ? -7.699  -4.604  -15.494 1.00 43.15 ? 168 ASN A O   1 
ATOM   577  C CB  . ASN A 1 75  ? -5.054  -4.093  -15.866 1.00 43.11 ? 168 ASN A CB  1 
ATOM   578  C CG  . ASN A 1 75  ? -3.654  -3.668  -16.266 1.00 42.48 ? 168 ASN A CG  1 
ATOM   579  O OD1 . ASN A 1 75  ? -3.473  -2.860  -17.180 1.00 42.53 ? 168 ASN A OD1 1 
ATOM   580  N ND2 . ASN A 1 75  ? -2.655  -4.210  -15.580 1.00 41.64 ? 168 ASN A ND2 1 
ATOM   581  N N   . ASP A 1 76  ? -8.368  -2.462  -15.429 1.00 47.92 ? 169 ASP A N   1 
ATOM   582  C CA  . ASP A 1 76  ? -9.797  -2.711  -15.099 1.00 53.78 ? 169 ASP A CA  1 
ATOM   583  C C   . ASP A 1 76  ? -10.028 -3.532  -13.820 1.00 53.45 ? 169 ASP A C   1 
ATOM   584  O O   . ASP A 1 76  ? -10.930 -4.362  -13.727 1.00 56.04 ? 169 ASP A O   1 
ATOM   585  C CB  . ASP A 1 76  ? -10.597 -3.239  -16.316 1.00 55.72 ? 169 ASP A CB  1 
ATOM   586  C CG  . ASP A 1 76  ? -10.740 -2.171  -17.436 1.00 63.58 ? 169 ASP A CG  1 
ATOM   587  O OD1 . ASP A 1 76  ? -9.792  -2.048  -18.258 1.00 58.98 ? 169 ASP A OD1 1 
ATOM   588  O OD2 . ASP A 1 76  ? -11.783 -1.450  -17.492 1.00 61.40 ? 169 ASP A OD2 1 
ATOM   589  N N   . GLN A 1 77  ? -9.185  -3.265  -12.834 1.00 50.85 ? 170 GLN A N   1 
ATOM   590  C CA  . GLN A 1 77  ? -9.385  -3.724  -11.481 1.00 48.47 ? 170 GLN A CA  1 
ATOM   591  C C   . GLN A 1 77  ? -9.302  -2.473  -10.603 1.00 44.87 ? 170 GLN A C   1 
ATOM   592  O O   . GLN A 1 77  ? -8.375  -1.664  -10.694 1.00 41.62 ? 170 GLN A O   1 
ATOM   593  C CB  . GLN A 1 77  ? -8.341  -4.780  -11.077 1.00 48.23 ? 170 GLN A CB  1 
ATOM   594  C CG  . GLN A 1 77  ? -8.947  -6.026  -10.442 1.00 53.82 ? 170 GLN A CG  1 
ATOM   595  C CD  . GLN A 1 77  ? -8.097  -6.658  -9.337  1.00 54.56 ? 170 GLN A CD  1 
ATOM   596  O OE1 . GLN A 1 77  ? -7.299  -7.560  -9.593  1.00 53.24 ? 170 GLN A OE1 1 
ATOM   597  N NE2 . GLN A 1 77  ? -8.318  -6.221  -8.091  1.00 55.10 ? 170 GLN A NE2 1 
ATOM   598  N N   . LEU A 1 78  ? -10.325 -2.303  -9.787  1.00 45.68 ? 171 LEU A N   1 
ATOM   599  C CA  . LEU A 1 78  ? -10.386 -1.223  -8.835  1.00 44.94 ? 171 LEU A CA  1 
ATOM   600  C C   . LEU A 1 78  ? -9.539  -1.602  -7.611  1.00 40.86 ? 171 LEU A C   1 
ATOM   601  O O   . LEU A 1 78  ? -9.587  -2.750  -7.146  1.00 39.87 ? 171 LEU A O   1 
ATOM   602  C CB  . LEU A 1 78  ? -11.827 -1.026  -8.421  1.00 48.26 ? 171 LEU A CB  1 
ATOM   603  C CG  . LEU A 1 78  ? -12.114 0.323   -7.798  1.00 53.24 ? 171 LEU A CG  1 
ATOM   604  C CD1 . LEU A 1 78  ? -12.577 1.281   -8.903  1.00 52.86 ? 171 LEU A CD1 1 
ATOM   605  C CD2 . LEU A 1 78  ? -13.120 0.162   -6.635  1.00 57.10 ? 171 LEU A CD2 1 
ATOM   606  N N   . ALA A 1 79  ? -8.720  -0.657  -7.149  1.00 36.24 ? 172 ALA A N   1 
ATOM   607  C CA  . ALA A 1 79  ? -7.979  -0.785  -5.897  1.00 35.27 ? 172 ALA A CA  1 
ATOM   608  C C   . ALA A 1 79  ? -8.127  0.494   -5.062  1.00 32.63 ? 172 ALA A C   1 
ATOM   609  O O   . ALA A 1 79  ? -7.709  1.588   -5.505  1.00 26.59 ? 172 ALA A O   1 
ATOM   610  C CB  . ALA A 1 79  ? -6.517  -1.077  -6.160  1.00 35.96 ? 172 ALA A CB  1 
ATOM   611  N N   . ARG A 1 80  ? -8.725  0.322   -3.869  1.00 30.14 ? 173 ARG A N   1 
ATOM   612  C CA  . ARG A 1 80  ? -8.911  1.379   -2.883  1.00 30.69 ? 173 ARG A CA  1 
ATOM   613  C C   . ARG A 1 80  ? -8.127  1.119   -1.602  1.00 28.48 ? 173 ARG A C   1 
ATOM   614  O O   . ARG A 1 80  ? -8.360  0.118   -0.934  1.00 32.58 ? 173 ARG A O   1 
ATOM   615  C CB  . ARG A 1 80  ? -10.393 1.507   -2.529  1.00 31.11 ? 173 ARG A CB  1 
ATOM   616  C CG  . ARG A 1 80  ? -10.666 2.531   -1.448  1.00 32.89 ? 173 ARG A CG  1 
ATOM   617  C CD  . ARG A 1 80  ? -12.076 2.464   -0.947  1.00 34.81 ? 173 ARG A CD  1 
ATOM   618  N NE  . ARG A 1 80  ? -13.013 2.799   -2.016  1.00 39.51 ? 173 ARG A NE  1 
ATOM   619  C CZ  . ARG A 1 80  ? -14.343 2.750   -1.888  1.00 42.72 ? 173 ARG A CZ  1 
ATOM   620  N NH1 . ARG A 1 80  ? -14.913 2.382   -0.732  1.00 41.92 ? 173 ARG A NH1 1 
ATOM   621  N NH2 . ARG A 1 80  ? -15.108 3.058   -2.926  1.00 42.93 ? 173 ARG A NH2 1 
ATOM   622  N N   . LEU A 1 81  ? -7.296  2.081   -1.202  1.00 26.51 ? 174 LEU A N   1 
ATOM   623  C CA  . LEU A 1 81  ? -6.490  1.972   -0.001  1.00 24.81 ? 174 LEU A CA  1 
ATOM   624  C C   . LEU A 1 81  ? -6.901  3.097   0.954   1.00 24.21 ? 174 LEU A C   1 
ATOM   625  O O   . LEU A 1 81  ? -6.791  4.277   0.618   1.00 22.66 ? 174 LEU A O   1 
ATOM   626  C CB  . LEU A 1 81  ? -5.003  2.059   -0.350  1.00 25.35 ? 174 LEU A CB  1 
ATOM   627  C CG  . LEU A 1 81  ? -4.428  1.006   -1.313  1.00 25.82 ? 174 LEU A CG  1 
ATOM   628  C CD1 . LEU A 1 81  ? -2.977  1.304   -1.635  1.00 25.61 ? 174 LEU A CD1 1 
ATOM   629  C CD2 . LEU A 1 81  ? -4.546  -0.419  -0.759  1.00 26.69 ? 174 LEU A CD2 1 
ATOM   630  N N   . TYR A 1 82  ? -7.388  2.719   2.138   1.00 24.00 ? 175 TYR A N   1 
ATOM   631  C CA  . TYR A 1 82  ? -7.757  3.651   3.187   1.00 24.69 ? 175 TYR A CA  1 
ATOM   632  C C   . TYR A 1 82  ? -6.515  4.212   3.863   1.00 25.83 ? 175 TYR A C   1 
ATOM   633  O O   . TYR A 1 82  ? -5.542  3.505   4.087   1.00 25.92 ? 175 TYR A O   1 
ATOM   634  C CB  . TYR A 1 82  ? -8.676  2.976   4.225   1.00 26.01 ? 175 TYR A CB  1 
ATOM   635  C CG  . TYR A 1 82  ? -10.013 2.649   3.632   1.00 27.39 ? 175 TYR A CG  1 
ATOM   636  C CD1 . TYR A 1 82  ? -10.977 3.648   3.484   1.00 28.74 ? 175 TYR A CD1 1 
ATOM   637  C CD2 . TYR A 1 82  ? -10.303 1.377   3.161   1.00 28.84 ? 175 TYR A CD2 1 
ATOM   638  C CE1 . TYR A 1 82  ? -12.203 3.388   2.910   1.00 29.97 ? 175 TYR A CE1 1 
ATOM   639  C CE2 . TYR A 1 82  ? -11.537 1.093   2.567   1.00 32.72 ? 175 TYR A CE2 1 
ATOM   640  C CZ  . TYR A 1 82  ? -12.491 2.121   2.446   1.00 32.82 ? 175 TYR A CZ  1 
ATOM   641  O OH  . TYR A 1 82  ? -13.729 1.914   1.866   1.00 34.91 ? 175 TYR A OH  1 
ATOM   642  N N   . ILE A 1 83  ? -6.566  5.484   4.209   1.00 25.24 ? 176 ILE A N   1 
ATOM   643  C CA  . ILE A 1 83  ? -5.414  6.180   4.696   1.00 25.74 ? 176 ILE A CA  1 
ATOM   644  C C   . ILE A 1 83  ? -5.489  6.237   6.178   1.00 26.00 ? 176 ILE A C   1 
ATOM   645  O O   . ILE A 1 83  ? -6.457  6.753   6.726   1.00 28.65 ? 176 ILE A O   1 
ATOM   646  C CB  . ILE A 1 83  ? -5.366  7.574   4.077   1.00 26.11 ? 176 ILE A CB  1 
ATOM   647  C CG1 . ILE A 1 83  ? -5.184  7.365   2.575   1.00 29.34 ? 176 ILE A CG1 1 
ATOM   648  C CG2 . ILE A 1 83  ? -4.224  8.360   4.663   1.00 24.89 ? 176 ILE A CG2 1 
ATOM   649  C CD1 . ILE A 1 83  ? -5.255  8.621   1.765   1.00 35.75 ? 176 ILE A CD1 1 
ATOM   650  N N   . ILE A 1 84  ? -4.456  5.726   6.839   1.00 26.51 ? 177 ILE A N   1 
ATOM   651  C CA  . ILE A 1 84  ? -4.460  5.593   8.304   1.00 24.60 ? 177 ILE A CA  1 
ATOM   652  C C   . ILE A 1 84  ? -3.247  6.291   8.887   1.00 22.58 ? 177 ILE A C   1 
ATOM   653  O O   . ILE A 1 84  ? -2.230  5.653   9.009   1.00 22.85 ? 177 ILE A O   1 
ATOM   654  C CB  . ILE A 1 84  ? -4.425  4.083   8.680   1.00 24.33 ? 177 ILE A CB  1 
ATOM   655  C CG1 . ILE A 1 84  ? -5.542  3.290   7.965   1.00 24.21 ? 177 ILE A CG1 1 
ATOM   656  C CG2 . ILE A 1 84  ? -4.387  3.879   10.181  1.00 23.63 ? 177 ILE A CG2 1 
ATOM   657  C CD1 . ILE A 1 84  ? -6.940  3.727   8.272   1.00 24.98 ? 177 ILE A CD1 1 
ATOM   658  N N   . PRO A 1 85  ? -3.326  7.607   9.225   1.00 23.69 ? 178 PRO A N   1 
ATOM   659  C CA  . PRO A 1 85  ? -2.103  8.282   9.766   1.00 24.20 ? 178 PRO A CA  1 
ATOM   660  C C   . PRO A 1 85  ? -1.811  8.034   11.231  1.00 23.95 ? 178 PRO A C   1 
ATOM   661  O O   . PRO A 1 85  ? -2.624  7.452   11.933  1.00 25.98 ? 178 PRO A O   1 
ATOM   662  C CB  . PRO A 1 85  ? -2.359  9.776   9.534   1.00 23.84 ? 178 PRO A CB  1 
ATOM   663  C CG  . PRO A 1 85  ? -3.631  9.873   8.765   1.00 22.80 ? 178 PRO A CG  1 
ATOM   664  C CD  . PRO A 1 85  ? -4.380  8.586   8.921   1.00 23.45 ? 178 PRO A CD  1 
ATOM   665  N N   . GLY A 1 86  ? -0.645  8.456   11.683  1.00 23.76 ? 179 GLY A N   1 
ATOM   666  C CA  . GLY A 1 86  ? -0.322  8.440   13.127  1.00 24.95 ? 179 GLY A CA  1 
ATOM   667  C C   . GLY A 1 86  ? -0.083  7.102   13.813  1.00 26.50 ? 179 GLY A C   1 
ATOM   668  O O   . GLY A 1 86  ? -0.422  6.943   14.977  1.00 29.19 ? 179 GLY A O   1 
ATOM   669  N N   . ILE A 1 87  ? 0.498   6.128   13.123  1.00 28.15 ? 180 ILE A N   1 
ATOM   670  C CA  . ILE A 1 87  ? 0.812   4.855   13.775  1.00 29.91 ? 180 ILE A CA  1 
ATOM   671  C C   . ILE A 1 87  ? 2.283   4.891   14.163  1.00 32.34 ? 180 ILE A C   1 
ATOM   672  O O   . ILE A 1 87  ? 3.155   5.133   13.321  1.00 34.43 ? 180 ILE A O   1 
ATOM   673  C CB  . ILE A 1 87  ? 0.506   3.641   12.893  1.00 30.98 ? 180 ILE A CB  1 
ATOM   674  C CG1 . ILE A 1 87  ? -0.965  3.653   12.434  1.00 30.11 ? 180 ILE A CG1 1 
ATOM   675  C CG2 . ILE A 1 87  ? 0.820   2.348   13.640  1.00 32.00 ? 180 ILE A CG2 1 
ATOM   676  C CD1 . ILE A 1 87  ? -1.956  3.806   13.582  1.00 30.90 ? 180 ILE A CD1 1 
ATOM   677  N N   . PRO A 1 88  ? 2.574   4.668   15.440  1.00 33.21 ? 181 PRO A N   1 
ATOM   678  C CA  . PRO A 1 88  ? 3.961   4.840   15.818  1.00 34.49 ? 181 PRO A CA  1 
ATOM   679  C C   . PRO A 1 88  ? 4.878   3.817   15.145  1.00 35.83 ? 181 PRO A C   1 
ATOM   680  O O   . PRO A 1 88  ? 4.432   2.699   14.854  1.00 32.34 ? 181 PRO A O   1 
ATOM   681  C CB  . PRO A 1 88  ? 3.931   4.637   17.333  1.00 36.66 ? 181 PRO A CB  1 
ATOM   682  C CG  . PRO A 1 88  ? 2.498   4.836   17.742  1.00 36.22 ? 181 PRO A CG  1 
ATOM   683  C CD  . PRO A 1 88  ? 1.720   4.302   16.590  1.00 35.26 ? 181 PRO A CD  1 
ATOM   684  N N   . LYS A 1 89  ? 6.139   4.199   14.904  1.00 38.12 ? 182 LYS A N   1 
ATOM   685  C CA  . LYS A 1 89  ? 7.121   3.257   14.344  1.00 38.04 ? 182 LYS A CA  1 
ATOM   686  C C   . LYS A 1 89  ? 7.528   2.129   15.280  1.00 37.09 ? 182 LYS A C   1 
ATOM   687  O O   . LYS A 1 89  ? 8.059   1.153   14.799  1.00 38.67 ? 182 LYS A O   1 
ATOM   688  C CB  . LYS A 1 89  ? 8.355   3.970   13.790  1.00 40.61 ? 182 LYS A CB  1 
ATOM   689  C CG  . LYS A 1 89  ? 8.068   4.688   12.481  1.00 42.17 ? 182 LYS A CG  1 
ATOM   690  C CD  . LYS A 1 89  ? 9.303   5.220   11.797  1.00 43.73 ? 182 LYS A CD  1 
ATOM   691  C CE  . LYS A 1 89  ? 9.916   6.404   12.524  1.00 48.05 ? 182 LYS A CE  1 
ATOM   692  N NZ  . LYS A 1 89  ? 9.053   7.621   12.453  1.00 51.47 ? 182 LYS A NZ  1 
ATOM   693  N N   . ASP A 1 90  ? 7.250   2.209   16.581  1.00 39.94 ? 183 ASP A N   1 
ATOM   694  C CA  . ASP A 1 90  ? 7.553   1.080   17.500  1.00 41.63 ? 183 ASP A CA  1 
ATOM   695  C C   . ASP A 1 90  ? 6.409   0.055   17.662  1.00 44.75 ? 183 ASP A C   1 
ATOM   696  O O   . ASP A 1 90  ? 6.376   -0.693  18.627  1.00 49.77 ? 183 ASP A O   1 
ATOM   697  C CB  . ASP A 1 90  ? 8.048   1.589   18.863  1.00 43.40 ? 183 ASP A CB  1 
ATOM   698  C CG  . ASP A 1 90  ? 6.959   2.283   19.688  1.00 49.37 ? 183 ASP A CG  1 
ATOM   699  O OD1 . ASP A 1 90  ? 5.846   2.532   19.176  1.00 54.72 ? 183 ASP A OD1 1 
ATOM   700  O OD2 . ASP A 1 90  ? 7.220   2.593   20.867  1.00 49.86 ? 183 ASP A OD2 1 
ATOM   701  N N   . THR A 1 91  ? 5.484   0.011   16.709  1.00 44.93 ? 184 THR A N   1 
ATOM   702  C CA  . THR A 1 91  ? 4.379   -0.938  16.733  1.00 39.94 ? 184 THR A CA  1 
ATOM   703  C C   . THR A 1 91  ? 4.860   -2.340  16.275  1.00 40.34 ? 184 THR A C   1 
ATOM   704  O O   . THR A 1 91  ? 5.589   -2.454  15.302  1.00 37.43 ? 184 THR A O   1 
ATOM   705  C CB  . THR A 1 91  ? 3.258   -0.407  15.822  1.00 40.09 ? 184 THR A CB  1 
ATOM   706  O OG1 . THR A 1 91  ? 2.847   0.897   16.281  1.00 39.11 ? 184 THR A OG1 1 
ATOM   707  C CG2 . THR A 1 91  ? 2.083   -1.337  15.805  1.00 39.62 ? 184 THR A CG2 1 
ATOM   708  N N   . LYS A 1 92  ? 4.461   -3.394  16.997  1.00 44.18 ? 185 LYS A N   1 
ATOM   709  C CA  . LYS A 1 92  ? 4.753   -4.801  16.633  1.00 41.19 ? 185 LYS A CA  1 
ATOM   710  C C   . LYS A 1 92  ? 3.806   -5.274  15.533  1.00 41.66 ? 185 LYS A C   1 
ATOM   711  O O   . LYS A 1 92  ? 2.576   -5.265  15.718  1.00 47.47 ? 185 LYS A O   1 
ATOM   712  C CB  . LYS A 1 92  ? 4.566   -5.731  17.836  1.00 44.26 ? 185 LYS A CB  1 
ATOM   713  C CG  . LYS A 1 92  ? 5.564   -5.553  18.977  1.00 46.49 ? 185 LYS A CG  1 
ATOM   714  C CD  . LYS A 1 92  ? 6.795   -6.428  18.778  1.00 47.61 ? 185 LYS A CD  1 
ATOM   715  N N   . PHE A 1 93  ? 4.370   -5.645  14.384  1.00 38.39 ? 186 PHE A N   1 
ATOM   716  C CA  . PHE A 1 93  ? 3.598   -6.187  13.272  1.00 40.17 ? 186 PHE A CA  1 
ATOM   717  C C   . PHE A 1 93  ? 3.994   -7.658  13.127  1.00 42.33 ? 186 PHE A C   1 
ATOM   718  O O   . PHE A 1 93  ? 5.083   -8.042  13.488  1.00 48.48 ? 186 PHE A O   1 
ATOM   719  C CB  . PHE A 1 93  ? 3.865   -5.391  11.982  1.00 36.80 ? 186 PHE A CB  1 
ATOM   720  C CG  . PHE A 1 93  ? 3.452   -3.937  12.063  1.00 35.92 ? 186 PHE A CG  1 
ATOM   721  C CD1 . PHE A 1 93  ? 2.095   -3.581  12.048  1.00 34.93 ? 186 PHE A CD1 1 
ATOM   722  C CD2 . PHE A 1 93  ? 4.419   -2.912  12.151  1.00 32.84 ? 186 PHE A CD2 1 
ATOM   723  C CE1 . PHE A 1 93  ? 1.716   -2.251  12.123  1.00 32.70 ? 186 PHE A CE1 1 
ATOM   724  C CE2 . PHE A 1 93  ? 4.049   -1.587  12.230  1.00 29.61 ? 186 PHE A CE2 1 
ATOM   725  C CZ  . PHE A 1 93  ? 2.705   -1.253  12.210  1.00 32.58 ? 186 PHE A CZ  1 
ATOM   726  N N   . ASN A 1 94  ? 3.108   -8.474  12.593  1.00 48.39 ? 187 ASN A N   1 
ATOM   727  C CA  . ASN A 1 94  ? 3.210   -9.924  12.691  1.00 50.79 ? 187 ASN A CA  1 
ATOM   728  C C   . ASN A 1 94  ? 2.222   -10.567 11.743  1.00 48.40 ? 187 ASN A C   1 
ATOM   729  O O   . ASN A 1 94  ? 1.103   -10.857 12.158  1.00 52.61 ? 187 ASN A O   1 
ATOM   730  C CB  . ASN A 1 94  ? 2.832   -10.360 14.116  1.00 60.10 ? 187 ASN A CB  1 
ATOM   731  C CG  . ASN A 1 94  ? 4.030   -10.572 14.999  1.00 68.77 ? 187 ASN A CG  1 
ATOM   732  O OD1 . ASN A 1 94  ? 4.337   -9.762  15.892  1.00 75.88 ? 187 ASN A OD1 1 
ATOM   733  N ND2 . ASN A 1 94  ? 4.723   -11.677 14.753  1.00 75.27 ? 187 ASN A ND2 1 
ATOM   734  N N   . PRO A 1 95  ? 2.615   -10.819 10.486  1.00 44.28 ? 188 PRO A N   1 
ATOM   735  C CA  . PRO A 1 95  ? 1.644   -11.434 9.578   1.00 44.50 ? 188 PRO A CA  1 
ATOM   736  C C   . PRO A 1 95  ? 1.037   -12.690 10.171  1.00 48.31 ? 188 PRO A C   1 
ATOM   737  O O   . PRO A 1 95  ? 1.717   -13.420 10.902  1.00 52.87 ? 188 PRO A O   1 
ATOM   738  C CB  . PRO A 1 95  ? 2.463   -11.805 8.357   1.00 44.12 ? 188 PRO A CB  1 
ATOM   739  C CG  . PRO A 1 95  ? 3.728   -11.029 8.447   1.00 48.03 ? 188 PRO A CG  1 
ATOM   740  C CD  . PRO A 1 95  ? 3.951   -10.690 9.892   1.00 47.53 ? 188 PRO A CD  1 
ATOM   741  N N   . LYS A 1 96  ? -0.246  -12.910 9.918   1.00 51.44 ? 189 LYS A N   1 
ATOM   742  C CA  . LYS A 1 96  ? -0.837  -14.218 10.146  1.00 53.79 ? 189 LYS A CA  1 
ATOM   743  C C   . LYS A 1 96  ? -0.223  -15.152 9.081   1.00 57.55 ? 189 LYS A C   1 
ATOM   744  O O   . LYS A 1 96  ? 0.432   -16.150 9.429   1.00 56.69 ? 189 LYS A O   1 
ATOM   745  C CB  . LYS A 1 96  ? -2.375  -14.202 10.041  1.00 60.02 ? 189 LYS A CB  1 
ATOM   746  C CG  . LYS A 1 96  ? -3.147  -13.270 10.996  1.00 65.61 ? 189 LYS A CG  1 
ATOM   747  C CD  . LYS A 1 96  ? -2.774  -13.400 12.482  1.00 65.77 ? 189 LYS A CD  1 
ATOM   748  C CE  . LYS A 1 96  ? -1.964  -12.199 12.967  1.00 66.65 ? 189 LYS A CE  1 
ATOM   749  N NZ  . LYS A 1 96  ? -1.329  -12.386 14.304  1.00 66.01 ? 189 LYS A NZ  1 
ATOM   750  N N   . THR A 1 97  ? -0.405  -14.773 7.814   0.50 56.71 ? 190 THR A N   1 
ATOM   751  C CA  . THR A 1 97  ? 0.003   -15.569 6.657   0.50 56.28 ? 190 THR A CA  1 
ATOM   752  C C   . THR A 1 97  ? 1.497   -15.464 6.341   0.50 55.05 ? 190 THR A C   1 
ATOM   753  O O   . THR A 1 97  ? 1.906   -14.715 5.443   0.50 52.83 ? 190 THR A O   1 
ATOM   754  C CB  . THR A 1 97  ? -0.799  -15.147 5.405   0.50 56.43 ? 190 THR A CB  1 
ATOM   755  O OG1 . THR A 1 97  ? -0.764  -13.721 5.263   0.50 54.46 ? 190 THR A OG1 1 
ATOM   756  C CG2 . THR A 1 97  ? -2.252  -15.597 5.522   0.50 57.55 ? 190 THR A CG2 1 
ATOM   757  N N   . ARG A 1 98  ? 2.299   -16.247 7.063   0.50 52.81 ? 191 ARG A N   1 
ATOM   758  C CA  . ARG A 1 98  ? 3.750   -16.310 6.833   0.50 51.50 ? 191 ARG A CA  1 
ATOM   759  C C   . ARG A 1 98  ? 4.129   -16.946 5.485   0.50 48.77 ? 191 ARG A C   1 
ATOM   760  O O   . ARG A 1 98  ? 5.223   -16.707 4.960   0.50 47.14 ? 191 ARG A O   1 
ATOM   761  C CB  . ARG A 1 98  ? 4.426   -17.074 7.972   0.50 52.09 ? 191 ARG A CB  1 
ATOM   762  C CZ  . ARG A 1 98  ? 8.281   -10.462 9.176   0.50 5.23  ? 191 ARG A CZ  1 
ATOM   763  N N   . ARG A 1 99  ? 3.226   -17.764 4.944   1.00 47.36 ? 192 ARG A N   1 
ATOM   764  C CA  . ARG A 1 99  ? 3.376   -18.366 3.621   1.00 44.36 ? 192 ARG A CA  1 
ATOM   765  C C   . ARG A 1 99  ? 3.227   -17.341 2.502   1.00 42.42 ? 192 ARG A C   1 
ATOM   766  O O   . ARG A 1 99  ? 3.677   -17.631 1.394   1.00 37.73 ? 192 ARG A O   1 
ATOM   767  C CB  . ARG A 1 99  ? 2.351   -19.502 3.413   1.00 47.09 ? 192 ARG A CB  1 
ATOM   768  C CG  . ARG A 1 99  ? 2.700   -20.843 4.063   1.00 52.25 ? 192 ARG A CG  1 
ATOM   769  C CD  . ARG A 1 99  ? 1.535   -21.843 3.953   1.00 58.21 ? 192 ARG A CD  1 
ATOM   770  N NE  . ARG A 1 99  ? 1.944   -23.252 3.846   1.00 62.46 ? 192 ARG A NE  1 
ATOM   771  C CZ  . ARG A 1 99  ? 2.430   -23.999 4.837   1.00 62.13 ? 192 ARG A CZ  1 
ATOM   772  N NH1 . ARG A 1 99  ? 2.595   -23.500 6.056   1.00 64.18 ? 192 ARG A NH1 1 
ATOM   773  N NH2 . ARG A 1 99  ? 2.766   -25.267 4.603   1.00 64.94 ? 192 ARG A NH2 1 
ATOM   774  N N   . GLU A 1 100 ? 2.574   -16.185 2.764   1.00 42.27 ? 193 GLU A N   1 
ATOM   775  C CA  . GLU A 1 100 ? 2.401   -15.094 1.759   1.00 40.83 ? 193 GLU A CA  1 
ATOM   776  C C   . GLU A 1 100 ? 3.307   -13.879 1.881   1.00 35.32 ? 193 GLU A C   1 
ATOM   777  O O   . GLU A 1 100 ? 3.524   -13.180 0.883   1.00 35.94 ? 193 GLU A O   1 
ATOM   778  C CB  . GLU A 1 100 ? 0.967   -14.600 1.762   1.00 45.98 ? 193 GLU A CB  1 
ATOM   779  C CG  . GLU A 1 100 ? 0.015   -15.646 1.221   1.00 54.04 ? 193 GLU A CG  1 
ATOM   780  C CD  . GLU A 1 100 ? -1.432  -15.283 1.434   1.00 59.79 ? 193 GLU A CD  1 
ATOM   781  O OE1 . GLU A 1 100 ? -1.939  -14.426 0.677   1.00 61.32 ? 193 GLU A OE1 1 
ATOM   782  O OE2 . GLU A 1 100 ? -2.056  -15.872 2.354   1.00 73.45 ? 193 GLU A OE2 1 
ATOM   783  N N   . ILE A 1 101 ? 3.823   -13.620 3.078   1.00 31.80 ? 194 ILE A N   1 
ATOM   784  C CA  . ILE A 1 101 ? 4.530   -12.380 3.382   1.00 30.82 ? 194 ILE A CA  1 
ATOM   785  C C   . ILE A 1 101 ? 5.921   -12.697 3.883   1.00 34.03 ? 194 ILE A C   1 
ATOM   786  O O   . ILE A 1 101 ? 6.062   -13.376 4.930   1.00 32.67 ? 194 ILE A O   1 
ATOM   787  C CB  . ILE A 1 101 ? 3.802   -11.553 4.486   1.00 30.56 ? 194 ILE A CB  1 
ATOM   788  C CG1 . ILE A 1 101 ? 2.345   -11.263 4.102   1.00 29.01 ? 194 ILE A CG1 1 
ATOM   789  C CG2 . ILE A 1 101 ? 4.529   -10.240 4.783   1.00 30.80 ? 194 ILE A CG2 1 
ATOM   790  C CD1 . ILE A 1 101 ? 2.171   -10.277 2.978   1.00 28.02 ? 194 ILE A CD1 1 
ATOM   791  N N   . ARG A 1 102 ? 6.927   -12.182 3.149   1.00 34.36 ? 195 ARG A N   1 
ATOM   792  C CA  . ARG A 1 102 ? 8.363   -12.338 3.473   1.00 29.46 ? 195 ARG A CA  1 
ATOM   793  C C   . ARG A 1 102 ? 8.829   -11.330 4.488   1.00 29.24 ? 195 ARG A C   1 
ATOM   794  O O   . ARG A 1 102 ? 9.726   -11.643 5.277   1.00 27.50 ? 195 ARG A O   1 
ATOM   795  C CB  . ARG A 1 102 ? 9.251   -12.213 2.193   1.00 30.08 ? 195 ARG A CB  1 
ATOM   796  C CG  . ARG A 1 102 ? 10.708  -12.669 2.383   1.00 30.51 ? 195 ARG A CG  1 
ATOM   797  C CD  . ARG A 1 102 ? 11.652  -12.189 1.303   1.00 31.12 ? 195 ARG A CD  1 
ATOM   798  N NE  . ARG A 1 102 ? 11.423  -12.853 0.013   1.00 32.61 ? 195 ARG A NE  1 
ATOM   799  C CZ  . ARG A 1 102 ? 11.921  -14.033 -0.349  1.00 29.13 ? 195 ARG A CZ  1 
ATOM   800  N NH1 . ARG A 1 102 ? 12.686  -14.739 0.463   1.00 29.41 ? 195 ARG A NH1 1 
ATOM   801  N NH2 . ARG A 1 102 ? 11.651  -14.501 -1.546  1.00 30.81 ? 195 ARG A NH2 1 
ATOM   802  N N   . ASN A 1 103 ? 8.294   -10.097 4.452   1.00 29.62 ? 196 ASN A N   1 
ATOM   803  C CA  . ASN A 1 103 ? 8.822   -9.020  5.335   1.00 27.91 ? 196 ASN A CA  1 
ATOM   804  C C   . ASN A 1 103 ? 7.863   -7.821  5.419   1.00 27.62 ? 196 ASN A C   1 
ATOM   805  O O   . ASN A 1 103 ? 6.979   -7.680  4.578   1.00 24.46 ? 196 ASN A O   1 
ATOM   806  C CB  . ASN A 1 103 ? 10.207  -8.543  4.837   1.00 28.93 ? 196 ASN A CB  1 
ATOM   807  C CG  . ASN A 1 103 ? 11.175  -8.193  5.973   1.00 32.45 ? 196 ASN A CG  1 
ATOM   808  O OD1 . ASN A 1 103 ? 10.796  -7.915  7.144   1.00 33.70 ? 196 ASN A OD1 1 
ATOM   809  N ND2 . ASN A 1 103 ? 12.446  -8.196  5.631   1.00 32.67 ? 196 ASN A ND2 1 
ATOM   810  N N   . ILE A 1 104 ? 8.065   -6.987  6.448   1.00 28.16 ? 197 ILE A N   1 
ATOM   811  C CA  . ILE A 1 104 ? 7.301   -5.763  6.740   1.00 30.31 ? 197 ILE A CA  1 
ATOM   812  C C   . ILE A 1 104 ? 8.312   -4.712  7.161   1.00 30.32 ? 197 ILE A C   1 
ATOM   813  O O   . ILE A 1 104 ? 9.208   -5.014  7.957   1.00 32.40 ? 197 ILE A O   1 
ATOM   814  C CB  . ILE A 1 104 ? 6.288   -5.967  7.912   1.00 32.49 ? 197 ILE A CB  1 
ATOM   815  C CG1 . ILE A 1 104 ? 5.443   -7.215  7.673   1.00 33.77 ? 197 ILE A CG1 1 
ATOM   816  C CG2 . ILE A 1 104 ? 5.370   -4.738  8.063   1.00 32.14 ? 197 ILE A CG2 1 
ATOM   817  C CD1 . ILE A 1 104 ? 4.140   -7.275  8.462   1.00 35.29 ? 197 ILE A CD1 1 
ATOM   818  N N   . GLU A 1 105 ? 8.173   -3.487  6.659   0.50 29.89 ? 198 GLU A N   1 
ATOM   819  C CA  . GLU A 1 105 ? 9.142   -2.438  6.956   0.50 30.08 ? 198 GLU A CA  1 
ATOM   820  C C   . GLU A 1 105 ? 8.573   -1.066  6.617   0.50 29.19 ? 198 GLU A C   1 
ATOM   821  O O   . GLU A 1 105 ? 7.709   -0.939  5.752   0.50 28.97 ? 198 GLU A O   1 
ATOM   822  C CB  . GLU A 1 105 ? 10.442  -2.682  6.165   0.50 31.08 ? 198 GLU A CB  1 
ATOM   823  C CG  . GLU A 1 105 ? 11.721  -2.157  6.810   0.50 31.31 ? 198 GLU A CG  1 
ATOM   824  C CD  . GLU A 1 105 ? 12.293  -3.096  7.868   0.50 31.64 ? 198 GLU A CD  1 
ATOM   825  O OE1 . GLU A 1 105 ? 12.793  -2.603  8.899   0.50 31.95 ? 198 GLU A OE1 1 
ATOM   826  O OE2 . GLU A 1 105 ? 12.258  -4.328  7.670   0.50 30.70 ? 198 GLU A OE2 1 
ATOM   827  N N   . TRP A 1 106 ? 9.082   -0.053  7.313   1.00 29.03 ? 199 TRP A N   1 
ATOM   828  C CA  . TRP A 1 106 ? 8.763   1.350   7.068   1.00 29.04 ? 199 TRP A CA  1 
ATOM   829  C C   . TRP A 1 106 ? 9.740   1.911   6.022   1.00 28.52 ? 199 TRP A C   1 
ATOM   830  O O   . TRP A 1 106 ? 10.933  1.566   6.061   1.00 27.80 ? 199 TRP A O   1 
ATOM   831  C CB  . TRP A 1 106 ? 8.960   2.135   8.357   1.00 29.00 ? 199 TRP A CB  1 
ATOM   832  C CG  . TRP A 1 106 ? 7.942   1.871   9.447   1.00 28.16 ? 199 TRP A CG  1 
ATOM   833  C CD1 . TRP A 1 106 ? 8.111   1.093   10.572  1.00 28.10 ? 199 TRP A CD1 1 
ATOM   834  C CD2 . TRP A 1 106 ? 6.628   2.430   9.536   1.00 28.28 ? 199 TRP A CD2 1 
ATOM   835  N NE1 . TRP A 1 106 ? 6.969   1.126   11.354  1.00 30.01 ? 199 TRP A NE1 1 
ATOM   836  C CE2 . TRP A 1 106 ? 6.041   1.940   10.743  1.00 30.19 ? 199 TRP A CE2 1 
ATOM   837  C CE3 . TRP A 1 106 ? 5.864   3.273   8.697   1.00 29.55 ? 199 TRP A CE3 1 
ATOM   838  C CZ2 . TRP A 1 106 ? 4.722   2.274   11.132  1.00 29.51 ? 199 TRP A CZ2 1 
ATOM   839  C CZ3 . TRP A 1 106 ? 4.571   3.618   9.090   1.00 28.50 ? 199 TRP A CZ3 1 
ATOM   840  C CH2 . TRP A 1 106 ? 4.018   3.121   10.310  1.00 28.65 ? 199 TRP A CH2 1 
ATOM   841  N N   . PHE A 1 107 ? 9.235   2.775   5.128   1.00 27.19 ? 200 PHE A N   1 
ATOM   842  C CA  . PHE A 1 107 ? 10.009  3.416   4.045   1.00 25.16 ? 200 PHE A CA  1 
ATOM   843  C C   . PHE A 1 107 ? 9.708   4.890   3.952   1.00 25.74 ? 200 PHE A C   1 
ATOM   844  O O   . PHE A 1 107 ? 8.563   5.296   4.120   1.00 23.13 ? 200 PHE A O   1 
ATOM   845  C CB  . PHE A 1 107 ? 9.653   2.801   2.695   1.00 26.62 ? 200 PHE A CB  1 
ATOM   846  C CG  . PHE A 1 107 ? 10.224  1.415   2.505   1.00 26.95 ? 200 PHE A CG  1 
ATOM   847  C CD1 . PHE A 1 107 ? 9.505   0.289   2.913   1.00 25.34 ? 200 PHE A CD1 1 
ATOM   848  C CD2 . PHE A 1 107 ? 11.512  1.236   1.962   1.00 25.34 ? 200 PHE A CD2 1 
ATOM   849  C CE1 . PHE A 1 107 ? 10.059  -0.989  2.787   1.00 25.22 ? 200 PHE A CE1 1 
ATOM   850  C CE2 . PHE A 1 107 ? 12.066  -0.029  1.852   1.00 24.98 ? 200 PHE A CE2 1 
ATOM   851  C CZ  . PHE A 1 107 ? 11.338  -1.145  2.265   1.00 24.70 ? 200 PHE A CZ  1 
ATOM   852  N N   . SER A 1 108 ? 10.744  5.682   3.647   1.00 27.42 ? 201 SER A N   1 
ATOM   853  C CA  . SER A 1 108 ? 10.626  7.131   3.534   1.00 28.02 ? 201 SER A CA  1 
ATOM   854  C C   . SER A 1 108 ? 9.884   7.493   2.247   1.00 28.45 ? 201 SER A C   1 
ATOM   855  O O   . SER A 1 108 ? 10.327  7.127   1.171   1.00 28.83 ? 201 SER A O   1 
ATOM   856  C CB  . SER A 1 108 ? 12.014  7.816   3.554   1.00 27.66 ? 201 SER A CB  1 
ATOM   857  O OG  . SER A 1 108 ? 11.958  9.180   3.110   1.00 27.90 ? 201 SER A OG  1 
ATOM   858  N N   . ILE A 1 109 ? 8.804   8.265   2.364   1.00 29.18 ? 202 ILE A N   1 
ATOM   859  C CA  . ILE A 1 109 ? 7.952   8.592   1.217   1.00 30.52 ? 202 ILE A CA  1 
ATOM   860  C C   . ILE A 1 109 ? 8.713   9.446   0.176   1.00 31.15 ? 202 ILE A C   1 
ATOM   861  O O   . ILE A 1 109 ? 8.546   9.258   -1.030  1.00 29.09 ? 202 ILE A O   1 
ATOM   862  C CB  . ILE A 1 109 ? 6.671   9.342   1.659   1.00 32.99 ? 202 ILE A CB  1 
ATOM   863  C CG1 . ILE A 1 109 ? 5.792   8.478   2.556   1.00 33.70 ? 202 ILE A CG1 1 
ATOM   864  C CG2 . ILE A 1 109 ? 5.843   9.789   0.463   1.00 35.19 ? 202 ILE A CG2 1 
ATOM   865  C CD1 . ILE A 1 109 ? 4.908   9.314   3.436   1.00 35.10 ? 202 ILE A CD1 1 
ATOM   866  N N   . GLU A 1 110 ? 9.557   10.356  0.627   1.00 30.99 ? 203 GLU A N   1 
ATOM   867  C CA  . GLU A 1 110 ? 10.267  11.208  -0.326  1.00 36.05 ? 203 GLU A CA  1 
ATOM   868  C C   . GLU A 1 110 ? 11.358  10.453  -1.095  1.00 33.84 ? 203 GLU A C   1 
ATOM   869  O O   . GLU A 1 110 ? 11.688  10.797  -2.220  1.00 31.85 ? 203 GLU A O   1 
ATOM   870  C CB  . GLU A 1 110 ? 10.800  12.476  0.357   1.00 40.44 ? 203 GLU A CB  1 
ATOM   871  C CG  . GLU A 1 110 ? 11.918  12.270  1.355   1.00 44.61 ? 203 GLU A CG  1 
ATOM   872  C CD  . GLU A 1 110 ? 12.398  13.577  1.982   1.00 49.17 ? 203 GLU A CD  1 
ATOM   873  O OE1 . GLU A 1 110 ? 11.632  14.565  2.044   1.00 54.94 ? 203 GLU A OE1 1 
ATOM   874  O OE2 . GLU A 1 110 ? 13.565  13.605  2.416   1.00 49.52 ? 203 GLU A OE2 1 
ATOM   875  N N   . LYS A 1 111 ? 11.873  9.390   -0.499  1.00 35.17 ? 204 LYS A N   1 
ATOM   876  C CA  . LYS A 1 111 ? 12.837  8.528   -1.174  1.00 34.27 ? 204 LYS A CA  1 
ATOM   877  C C   . LYS A 1 111 ? 12.245  7.442   -2.001  1.00 33.24 ? 204 LYS A C   1 
ATOM   878  O O   . LYS A 1 111 ? 12.978  6.799   -2.711  1.00 34.49 ? 204 LYS A O   1 
ATOM   879  C CB  . LYS A 1 111 ? 13.706  7.837   -0.160  1.00 34.53 ? 204 LYS A CB  1 
ATOM   880  C CG  . LYS A 1 111 ? 14.631  8.790   0.496   1.00 36.60 ? 204 LYS A CG  1 
ATOM   881  C CD  . LYS A 1 111 ? 15.630  7.993   1.275   1.00 39.24 ? 204 LYS A CD  1 
ATOM   882  C CE  . LYS A 1 111 ? 16.387  8.884   2.233   1.00 41.59 ? 204 LYS A CE  1 
ATOM   883  N NZ  . LYS A 1 111 ? 16.399  8.115   3.493   1.00 45.31 ? 204 LYS A NZ  1 
ATOM   884  N N   . LEU A 1 112 ? 10.952  7.174   -1.874  1.00 35.97 ? 205 LEU A N   1 
ATOM   885  C CA  . LEU A 1 112 ? 10.318  6.200   -2.726  1.00 35.01 ? 205 LEU A CA  1 
ATOM   886  C C   . LEU A 1 112 ? 10.165  6.798   -4.119  1.00 36.84 ? 205 LEU A C   1 
ATOM   887  O O   . LEU A 1 112 ? 10.009  8.008   -4.250  1.00 37.96 ? 205 LEU A O   1 
ATOM   888  C CB  . LEU A 1 112 ? 8.947   5.811   -2.193  1.00 33.96 ? 205 LEU A CB  1 
ATOM   889  C CG  . LEU A 1 112 ? 8.924   4.874   -0.992  1.00 33.84 ? 205 LEU A CG  1 
ATOM   890  C CD1 . LEU A 1 112 ? 7.495   4.788   -0.464  1.00 33.02 ? 205 LEU A CD1 1 
ATOM   891  C CD2 . LEU A 1 112 ? 9.433   3.490   -1.349  1.00 31.23 ? 205 LEU A CD2 1 
ATOM   892  N N   . PRO A 1 113 ? 10.191  5.950   -5.166  1.00 40.74 ? 206 PRO A N   1 
ATOM   893  C CA  . PRO A 1 113 ? 9.957   6.387   -6.563  1.00 39.59 ? 206 PRO A CA  1 
ATOM   894  C C   . PRO A 1 113 ? 8.463   6.520   -6.948  1.00 39.15 ? 206 PRO A C   1 
ATOM   895  O O   . PRO A 1 113 ? 7.629   5.807   -6.388  1.00 37.81 ? 206 PRO A O   1 
ATOM   896  C CB  . PRO A 1 113 ? 10.640  5.277   -7.372  1.00 38.65 ? 206 PRO A CB  1 
ATOM   897  C CG  . PRO A 1 113 ? 10.475  4.062   -6.525  1.00 39.84 ? 206 PRO A CG  1 
ATOM   898  C CD  . PRO A 1 113 ? 10.606  4.532   -5.101  1.00 40.29 ? 206 PRO A CD  1 
ATOM   899  N N   . CYS A 1 114 ? 8.128   7.405   -7.892  1.00 39.96 ? 207 CYS A N   1 
ATOM   900  C CA  . CYS A 1 114 ? 6.727   7.549   -8.356  1.00 46.20 ? 207 CYS A CA  1 
ATOM   901  C C   . CYS A 1 114 ? 6.533   7.194   -9.841  1.00 46.00 ? 207 CYS A C   1 
ATOM   902  O O   . CYS A 1 114 ? 5.426   7.324   -10.373 1.00 44.16 ? 207 CYS A O   1 
ATOM   903  C CB  . CYS A 1 114 ? 6.223   8.957   -8.082  1.00 49.08 ? 207 CYS A CB  1 
ATOM   904  S SG  . CYS A 1 114 ? 7.148   10.181  -9.037  1.00 58.69 ? 207 CYS A SG  1 
ATOM   905  N N   . HIS A 1 115 ? 7.623   6.770   -10.483 1.00 45.50 ? 208 HIS A N   1 
ATOM   906  C CA  . HIS A 1 115 ? 7.644   6.172   -11.812 1.00 50.93 ? 208 HIS A CA  1 
ATOM   907  C C   . HIS A 1 115 ? 8.830   5.205   -11.811 1.00 53.24 ? 208 HIS A C   1 
ATOM   908  O O   . HIS A 1 115 ? 9.680   5.287   -10.915 1.00 53.71 ? 208 HIS A O   1 
ATOM   909  C CB  . HIS A 1 115 ? 7.870   7.255   -12.886 1.00 52.41 ? 208 HIS A CB  1 
ATOM   910  C CG  . HIS A 1 115 ? 9.173   7.979   -12.736 1.00 56.18 ? 208 HIS A CG  1 
ATOM   911  N ND1 . HIS A 1 115 ? 10.297  7.644   -13.461 1.00 59.66 ? 208 HIS A ND1 1 
ATOM   912  C CD2 . HIS A 1 115 ? 9.546   8.989   -11.910 1.00 61.55 ? 208 HIS A CD2 1 
ATOM   913  C CE1 . HIS A 1 115 ? 11.304  8.418   -13.094 1.00 61.38 ? 208 HIS A CE1 1 
ATOM   914  N NE2 . HIS A 1 115 ? 10.876  9.242   -12.154 1.00 62.73 ? 208 HIS A NE2 1 
ATOM   915  N N   . ARG A 1 116 ? 8.879   4.293   -12.780 0.50 55.38 ? 209 ARG A N   1 
ATOM   916  C CA  . ARG A 1 116 ? 10.068  3.458   -13.006 0.50 58.99 ? 209 ARG A CA  1 
ATOM   917  C C   . ARG A 1 116 ? 10.934  4.100   -14.092 0.50 58.32 ? 209 ARG A C   1 
ATOM   918  O O   . ARG A 1 116 ? 10.438  4.871   -14.907 0.50 56.65 ? 209 ARG A O   1 
ATOM   919  C CB  . ARG A 1 116 ? 9.662   2.040   -13.401 0.50 62.46 ? 209 ARG A CB  1 
ATOM   920  C CG  . ARG A 1 116 ? 8.918   1.295   -12.303 0.50 66.14 ? 209 ARG A CG  1 
ATOM   921  C CD  . ARG A 1 116 ? 8.099   0.140   -12.860 0.50 69.24 ? 209 ARG A CD  1 
ATOM   922  N NE  . ARG A 1 116 ? 8.939   -0.922  -13.405 0.50 71.04 ? 209 ARG A NE  1 
ATOM   923  C CZ  . ARG A 1 116 ? 8.505   -1.886  -14.212 0.50 73.30 ? 209 ARG A CZ  1 
ATOM   924  N NH1 . ARG A 1 116 ? 7.230   -1.932  -14.582 0.50 73.30 ? 209 ARG A NH1 1 
ATOM   925  N NH2 . ARG A 1 116 ? 9.351   -2.807  -14.655 0.50 74.88 ? 209 ARG A NH2 1 
ATOM   926  N N   . ASN A 1 117 ? 12.228  3.796   -14.077 1.00 59.16 ? 210 ASN A N   1 
ATOM   927  C CA  . ASN A 1 117 ? 13.180  4.340   -15.036 1.00 65.03 ? 210 ASN A CA  1 
ATOM   928  C C   . ASN A 1 117 ? 13.139  3.614   -16.375 1.00 65.29 ? 210 ASN A C   1 
ATOM   929  O O   . ASN A 1 117 ? 12.846  2.403   -16.450 1.00 57.97 ? 210 ASN A O   1 
ATOM   930  C CB  . ASN A 1 117 ? 14.610  4.279   -14.467 1.00 74.12 ? 210 ASN A CB  1 
ATOM   931  C CG  . ASN A 1 117 ? 14.764  5.067   -13.180 1.00 73.30 ? 210 ASN A CG  1 
ATOM   932  O OD1 . ASN A 1 117 ? 14.098  6.088   -12.972 1.00 75.57 ? 210 ASN A OD1 1 
ATOM   933  N ND2 . ASN A 1 117 ? 15.642  4.593   -12.308 1.00 72.28 ? 210 ASN A ND2 1 
ATOM   934  N N   . ASP A 1 118 ? 13.471  4.380   -17.419 1.00 66.02 ? 211 ASP A N   1 
ATOM   935  C CA  . ASP A 1 118 ? 13.548  3.877   -18.794 1.00 69.14 ? 211 ASP A CA  1 
ATOM   936  C C   . ASP A 1 118 ? 14.908  3.187   -19.036 1.00 65.90 ? 211 ASP A C   1 
ATOM   937  O O   . ASP A 1 118 ? 15.707  3.040   -18.096 1.00 57.93 ? 211 ASP A O   1 
ATOM   938  C CB  . ASP A 1 118 ? 13.211  5.001   -19.833 1.00 69.92 ? 211 ASP A CB  1 
ATOM   939  C CG  . ASP A 1 118 ? 14.295  6.109   -19.958 1.00 71.46 ? 211 ASP A CG  1 
ATOM   940  O OD1 . ASP A 1 118 ? 15.316  6.119   -19.230 1.00 67.17 ? 211 ASP A OD1 1 
ATOM   941  O OD2 . ASP A 1 118 ? 14.100  6.999   -20.819 1.00 75.68 ? 211 ASP A OD2 1 
ATOM   942  N N   . MET A 1 119 ? 15.129  2.736   -20.279 1.00 68.27 ? 212 MET A N   1 
ATOM   943  C CA  . MET A 1 119 ? 16.416  2.178   -20.731 1.00 64.88 ? 212 MET A CA  1 
ATOM   944  C C   . MET A 1 119 ? 16.880  2.831   -22.042 1.00 68.35 ? 212 MET A C   1 
ATOM   945  O O   . MET A 1 119 ? 17.298  2.163   -22.974 1.00 69.88 ? 212 MET A O   1 
ATOM   946  C CB  . MET A 1 119 ? 16.300  0.658   -20.832 1.00 58.64 ? 212 MET A CB  1 
ATOM   947  C CG  . MET A 1 119 ? 16.091  0.032   -19.470 1.00 57.81 ? 212 MET A CG  1 
ATOM   948  S SD  . MET A 1 119 ? 15.999  -1.745  -19.534 1.00 60.37 ? 212 MET A SD  1 
ATOM   949  C CE  . MET A 1 119 ? 14.372  -1.956  -20.242 1.00 64.70 ? 212 MET A CE  1 
ATOM   950  N N   . THR A 1 120 ? 16.798  4.159   -22.079 1.00 76.62 ? 213 THR A N   1 
ATOM   951  C CA  . THR A 1 120 ? 17.372  4.997   -23.138 1.00 79.75 ? 213 THR A CA  1 
ATOM   952  C C   . THR A 1 120 ? 18.894  5.286   -23.020 1.00 81.16 ? 213 THR A C   1 
ATOM   953  O O   . THR A 1 120 ? 19.484  5.762   -24.001 1.00 76.67 ? 213 THR A O   1 
ATOM   954  C CB  . THR A 1 120 ? 16.631  6.348   -23.194 1.00 84.85 ? 213 THR A CB  1 
ATOM   955  O OG1 . THR A 1 120 ? 16.634  6.946   -21.891 1.00 88.57 ? 213 THR A OG1 1 
ATOM   956  C CG2 . THR A 1 120 ? 15.190  6.163   -23.642 1.00 84.91 ? 213 THR A CG2 1 
ATOM   957  N N   . PRO A 1 121 ? 19.527  5.042   -21.832 1.00 85.42 ? 214 PRO A N   1 
ATOM   958  C CA  . PRO A 1 121 ? 20.995  4.958   -21.886 1.00 84.83 ? 214 PRO A CA  1 
ATOM   959  C C   . PRO A 1 121 ? 21.521  3.731   -22.682 1.00 85.71 ? 214 PRO A C   1 
ATOM   960  O O   . PRO A 1 121 ? 22.660  3.771   -23.162 1.00 88.49 ? 214 PRO A O   1 
ATOM   961  C CB  . PRO A 1 121 ? 21.396  4.855   -20.402 1.00 86.31 ? 214 PRO A CB  1 
ATOM   962  C CG  . PRO A 1 121 ? 20.177  4.361   -19.697 1.00 86.47 ? 214 PRO A CG  1 
ATOM   963  C CD  . PRO A 1 121 ? 19.068  5.058   -20.424 1.00 86.74 ? 214 PRO A CD  1 
ATOM   964  N N   . LYS A 1 122 ? 20.701  2.671   -22.804 1.00 77.09 ? 215 LYS A N   1 
ATOM   965  C CA  . LYS A 1 122 ? 21.031  1.432   -23.543 1.00 66.19 ? 215 LYS A CA  1 
ATOM   966  C C   . LYS A 1 122 ? 20.360  1.326   -24.948 1.00 62.74 ? 215 LYS A C   1 
ATOM   967  O O   . LYS A 1 122 ? 20.655  0.385   -25.683 1.00 71.79 ? 215 LYS A O   1 
ATOM   968  C CB  . LYS A 1 122 ? 20.661  0.211   -22.665 1.00 63.53 ? 215 LYS A CB  1 
ATOM   969  C CG  . LYS A 1 122 ? 21.463  -1.061  -22.913 1.00 60.27 ? 215 LYS A CG  1 
ATOM   970  N N   . SER A 1 123 ? 19.499  2.290   -25.325 1.00 55.03 ? 216 SER A N   1 
ATOM   971  C CA  . SER A 1 123 ? 18.714  2.314   -26.606 1.00 48.66 ? 216 SER A CA  1 
ATOM   972  C C   . SER A 1 123 ? 17.703  1.144   -26.807 1.00 45.41 ? 216 SER A C   1 
ATOM   973  O O   . SER A 1 123 ? 17.423  0.687   -27.922 1.00 45.41 ? 216 SER A O   1 
ATOM   974  C CB  . SER A 1 123 ? 19.634  2.542   -27.820 1.00 53.11 ? 216 SER A CB  1 
ATOM   975  O OG  . SER A 1 123 ? 19.683  3.932   -28.127 1.00 56.89 ? 216 SER A OG  1 
ATOM   976  N N   . LYS A 1 124 ? 17.097  0.759   -25.687 1.00 40.70 ? 217 LYS A N   1 
ATOM   977  C CA  . LYS A 1 124 ? 16.227  -0.380  -25.529 1.00 37.72 ? 217 LYS A CA  1 
ATOM   978  C C   . LYS A 1 124 ? 14.829  0.105   -24.966 1.00 38.08 ? 217 LYS A C   1 
ATOM   979  O O   . LYS A 1 124 ? 14.764  0.944   -24.049 1.00 33.65 ? 217 LYS A O   1 
ATOM   980  C CB  . LYS A 1 124 ? 16.935  -1.332  -24.562 1.00 39.63 ? 217 LYS A CB  1 
ATOM   981  C CG  . LYS A 1 124 ? 16.333  -2.725  -24.448 1.00 44.16 ? 217 LYS A CG  1 
ATOM   982  C CD  . LYS A 1 124 ? 17.235  -3.669  -23.651 1.00 44.89 ? 217 LYS A CD  1 
ATOM   983  N N   . LEU A 1 125 ? 13.723  -0.412  -25.528 1.00 36.43 ? 218 LEU A N   1 
ATOM   984  C CA  . LEU A 1 125 ? 12.362  -0.113  -25.040 1.00 35.35 ? 218 LEU A CA  1 
ATOM   985  C C   . LEU A 1 125 ? 12.013  -0.830  -23.742 1.00 32.77 ? 218 LEU A C   1 
ATOM   986  O O   . LEU A 1 125 ? 12.459  -1.947  -23.525 1.00 30.53 ? 218 LEU A O   1 
ATOM   987  C CB  . LEU A 1 125 ? 11.289  -0.529  -26.071 1.00 35.86 ? 218 LEU A CB  1 
ATOM   988  C CG  . LEU A 1 125 ? 11.334  0.083   -27.484 1.00 35.60 ? 218 LEU A CG  1 
ATOM   989  C CD1 . LEU A 1 125 ? 10.084  -0.294  -28.254 1.00 37.59 ? 218 LEU A CD1 1 
ATOM   990  C CD2 . LEU A 1 125 ? 11.537  1.589   -27.499 1.00 34.55 ? 218 LEU A CD2 1 
ATOM   991  N N   . GLY A 1 126 ? 11.163  -0.187  -22.937 1.00 30.50 ? 219 GLY A N   1 
ATOM   992  C CA  . GLY A 1 126 ? 10.569  -0.785  -21.729 1.00 31.59 ? 219 GLY A CA  1 
ATOM   993  C C   . GLY A 1 126 ? 11.112  -0.173  -20.435 1.00 33.55 ? 219 GLY A C   1 
ATOM   994  O O   . GLY A 1 126 ? 11.744  0.914   -20.427 1.00 32.95 ? 219 GLY A O   1 
ATOM   995  N N   . LEU A 1 127 ? 10.911  -0.897  -19.347 1.00 35.65 ? 220 LEU A N   1 
ATOM   996  C CA  . LEU A 1 127 ? 11.284  -0.410  -18.026 1.00 40.94 ? 220 LEU A CA  1 
ATOM   997  C C   . LEU A 1 127 ? 12.275  -1.334  -17.385 1.00 37.98 ? 220 LEU A C   1 
ATOM   998  O O   . LEU A 1 127 ? 12.175  -2.538  -17.550 1.00 35.17 ? 220 LEU A O   1 
ATOM   999  C CB  . LEU A 1 127 ? 10.038  -0.337  -17.133 1.00 46.87 ? 220 LEU A CB  1 
ATOM   1000 C CG  . LEU A 1 127 ? 8.890   0.566   -17.613 1.00 47.67 ? 220 LEU A CG  1 
ATOM   1001 C CD1 . LEU A 1 127 ? 7.575   0.184   -16.943 1.00 49.18 ? 220 LEU A CD1 1 
ATOM   1002 C CD2 . LEU A 1 127 ? 9.253   2.043   -17.413 1.00 47.53 ? 220 LEU A CD2 1 
ATOM   1003 N N   . ALA A 1 128 ? 13.209  -0.758  -16.632 1.00 41.68 ? 221 ALA A N   1 
ATOM   1004 C CA  . ALA A 1 128 ? 14.102  -1.544  -15.758 1.00 44.93 ? 221 ALA A CA  1 
ATOM   1005 C C   . ALA A 1 128 ? 13.317  -2.092  -14.539 1.00 41.75 ? 221 ALA A C   1 
ATOM   1006 O O   . ALA A 1 128 ? 12.390  -1.429  -14.048 1.00 38.34 ? 221 ALA A O   1 
ATOM   1007 C CB  . ALA A 1 128 ? 15.294  -0.696  -15.293 1.00 44.68 ? 221 ALA A CB  1 
ATOM   1008 N N   . PRO A 1 129 ? 13.707  -3.275  -14.026 1.00 43.06 ? 222 PRO A N   1 
ATOM   1009 C CA  . PRO A 1 129 ? 12.981  -3.845  -12.880 1.00 41.11 ? 222 PRO A CA  1 
ATOM   1010 C C   . PRO A 1 129 ? 13.113  -2.966  -11.660 1.00 38.32 ? 222 PRO A C   1 
ATOM   1011 O O   . PRO A 1 129 ? 14.117  -2.247  -11.516 1.00 38.44 ? 222 PRO A O   1 
ATOM   1012 C CB  . PRO A 1 129 ? 13.664  -5.203  -12.645 1.00 42.99 ? 222 PRO A CB  1 
ATOM   1013 C CG  . PRO A 1 129 ? 14.615  -5.395  -13.785 1.00 42.41 ? 222 PRO A CG  1 
ATOM   1014 C CD  . PRO A 1 129 ? 14.958  -4.019  -14.272 1.00 44.15 ? 222 PRO A CD  1 
ATOM   1015 N N   . ASN A 1 130 ? 12.080  -2.998  -10.822 1.00 37.91 ? 223 ASN A N   1 
ATOM   1016 C CA  . ASN A 1 130 ? 11.987  -2.132  -9.635  1.00 36.38 ? 223 ASN A CA  1 
ATOM   1017 C C   . ASN A 1 130 ? 11.220  -2.859  -8.554  1.00 33.11 ? 223 ASN A C   1 
ATOM   1018 O O   . ASN A 1 130 ? 10.079  -3.215  -8.759  1.00 33.81 ? 223 ASN A O   1 
ATOM   1019 C CB  . ASN A 1 130 ? 11.253  -0.854  -9.963  1.00 36.21 ? 223 ASN A CB  1 
ATOM   1020 C CG  . ASN A 1 130 ? 11.454  0.237   -8.919  1.00 39.89 ? 223 ASN A CG  1 
ATOM   1021 O OD1 . ASN A 1 130 ? 11.127  0.070   -7.735  1.00 40.82 ? 223 ASN A OD1 1 
ATOM   1022 N ND2 . ASN A 1 130 ? 12.005  1.368   -9.351  1.00 40.26 ? 223 ASN A ND2 1 
ATOM   1023 N N   . LYS A 1 131 ? 11.857  -3.050  -7.408  1.00 30.12 ? 224 LYS A N   1 
ATOM   1024 C CA  . LYS A 1 131 ? 11.272  -3.801  -6.325  1.00 31.68 ? 224 LYS A CA  1 
ATOM   1025 C C   . LYS A 1 131 ? 10.051  -3.096  -5.683  1.00 30.96 ? 224 LYS A C   1 
ATOM   1026 O O   . LYS A 1 131 ? 9.328   -3.725  -4.915  1.00 28.44 ? 224 LYS A O   1 
ATOM   1027 C CB  . LYS A 1 131 ? 12.339  -4.169  -5.267  1.00 32.27 ? 224 LYS A CB  1 
ATOM   1028 C CG  . LYS A 1 131 ? 12.893  -3.019  -4.446  1.00 32.81 ? 224 LYS A CG  1 
ATOM   1029 C CD  . LYS A 1 131 ? 13.946  -3.537  -3.511  1.00 34.29 ? 224 LYS A CD  1 
ATOM   1030 C CE  . LYS A 1 131 ? 14.467  -2.479  -2.549  1.00 36.71 ? 224 LYS A CE  1 
ATOM   1031 N NZ  . LYS A 1 131 ? 15.190  -3.153  -1.418  1.00 39.04 ? 224 LYS A NZ  1 
ATOM   1032 N N   . PHE A 1 132 ? 9.823   -1.815  -6.017  1.00 29.16 ? 225 PHE A N   1 
ATOM   1033 C CA  . PHE A 1 132 ? 8.577   -1.119  -5.651  1.00 29.45 ? 225 PHE A CA  1 
ATOM   1034 C C   . PHE A 1 132 ? 7.438   -1.062  -6.718  1.00 30.39 ? 225 PHE A C   1 
ATOM   1035 O O   . PHE A 1 132 ? 6.549   -0.205  -6.597  1.00 31.22 ? 225 PHE A O   1 
ATOM   1036 C CB  . PHE A 1 132 ? 8.935   0.296   -5.164  1.00 27.41 ? 225 PHE A CB  1 
ATOM   1037 C CG  . PHE A 1 132 ? 9.942   0.319   -4.032  1.00 28.43 ? 225 PHE A CG  1 
ATOM   1038 C CD1 . PHE A 1 132 ? 9.596   -0.153  -2.753  1.00 27.72 ? 225 PHE A CD1 1 
ATOM   1039 C CD2 . PHE A 1 132 ? 11.238  0.788   -4.227  1.00 28.61 ? 225 PHE A CD2 1 
ATOM   1040 C CE1 . PHE A 1 132 ? 10.516  -0.144  -1.722  1.00 26.79 ? 225 PHE A CE1 1 
ATOM   1041 C CE2 . PHE A 1 132 ? 12.161  0.798   -3.186  1.00 28.10 ? 225 PHE A CE2 1 
ATOM   1042 C CZ  . PHE A 1 132 ? 11.801  0.340   -1.938  1.00 28.09 ? 225 PHE A CZ  1 
ATOM   1043 N N   . PHE A 1 133 ? 7.467   -1.958  -7.713  0.50 31.24 ? 226 PHE A N   1 
ATOM   1044 C CA  . PHE A 1 133 ? 6.497   -1.968  -8.832  0.50 31.89 ? 226 PHE A CA  1 
ATOM   1045 C C   . PHE A 1 133 ? 5.041   -1.839  -8.372  0.50 31.58 ? 226 PHE A C   1 
ATOM   1046 O O   . PHE A 1 133 ? 4.302   -0.988  -8.877  0.50 31.30 ? 226 PHE A O   1 
ATOM   1047 C CB  . PHE A 1 133 ? 6.675   -3.251  -9.660  0.50 32.94 ? 226 PHE A CB  1 
ATOM   1048 C CG  . PHE A 1 133 ? 5.745   -3.361  -10.846 0.50 33.95 ? 226 PHE A CG  1 
ATOM   1049 C CD1 . PHE A 1 133 ? 5.983   -2.633  -12.010 0.50 35.12 ? 226 PHE A CD1 1 
ATOM   1050 C CD2 . PHE A 1 133 ? 4.652   -4.213  -10.812 0.50 34.22 ? 226 PHE A CD2 1 
ATOM   1051 C CE1 . PHE A 1 133 ? 5.136   -2.740  -13.103 0.50 34.93 ? 226 PHE A CE1 1 
ATOM   1052 C CE2 . PHE A 1 133 ? 3.798   -4.321  -11.897 0.50 34.92 ? 226 PHE A CE2 1 
ATOM   1053 C CZ  . PHE A 1 133 ? 4.040   -3.584  -13.046 0.50 35.46 ? 226 PHE A CZ  1 
ATOM   1054 N N   . MET A 1 134 ? 4.649   -2.662  -7.400  1.00 30.59 ? 227 MET A N   1 
ATOM   1055 C CA  . MET A 1 134 ? 3.257   -2.688  -6.914  1.00 30.09 ? 227 MET A CA  1 
ATOM   1056 C C   . MET A 1 134 ? 2.787   -1.423  -6.156  1.00 29.67 ? 227 MET A C   1 
ATOM   1057 O O   . MET A 1 134 ? 1.615   -1.072  -6.213  1.00 28.69 ? 227 MET A O   1 
ATOM   1058 C CB  . MET A 1 134 ? 3.040   -3.921  -6.059  1.00 32.41 ? 227 MET A CB  1 
ATOM   1059 C CG  . MET A 1 134 ? 3.187   -5.190  -6.856  1.00 35.83 ? 227 MET A CG  1 
ATOM   1060 S SD  . MET A 1 134 ? 2.860   -6.630  -5.842  1.00 39.18 ? 227 MET A SD  1 
ATOM   1061 C CE  . MET A 1 134 ? 4.336   -6.748  -4.810  1.00 43.44 ? 227 MET A CE  1 
ATOM   1062 N N   . ALA A 1 135 ? 3.708   -0.750  -5.466  1.00 28.80 ? 228 ALA A N   1 
ATOM   1063 C CA  . ALA A 1 135 ? 3.425   0.497   -4.741  1.00 25.95 ? 228 ALA A CA  1 
ATOM   1064 C C   . ALA A 1 135 ? 3.423   1.765   -5.599  1.00 27.75 ? 228 ALA A C   1 
ATOM   1065 O O   . ALA A 1 135 ? 2.735   2.744   -5.269  1.00 28.09 ? 228 ALA A O   1 
ATOM   1066 C CB  . ALA A 1 135 ? 4.453   0.679   -3.638  1.00 24.25 ? 228 ALA A CB  1 
ATOM   1067 N N   . ILE A 1 136 ? 4.229   1.775   -6.657  1.00 26.87 ? 229 ILE A N   1 
ATOM   1068 C CA  . ILE A 1 136 ? 4.518   2.994   -7.425  1.00 27.30 ? 229 ILE A CA  1 
ATOM   1069 C C   . ILE A 1 136 ? 3.323   3.843   -7.844  1.00 26.23 ? 229 ILE A C   1 
ATOM   1070 O O   . ILE A 1 136 ? 3.343   5.056   -7.624  1.00 23.20 ? 229 ILE A O   1 
ATOM   1071 C CB  . ILE A 1 136 ? 5.452   2.691   -8.631  1.00 30.07 ? 229 ILE A CB  1 
ATOM   1072 C CG1 . ILE A 1 136 ? 6.894   2.600   -8.111  1.00 31.41 ? 229 ILE A CG1 1 
ATOM   1073 C CG2 . ILE A 1 136 ? 5.387   3.772   -9.697  1.00 31.98 ? 229 ILE A CG2 1 
ATOM   1074 C CD1 . ILE A 1 136 ? 7.833   1.723   -8.912  1.00 32.67 ? 229 ILE A CD1 1 
ATOM   1075 N N   . PRO A 1 137 ? 2.270   3.221   -8.406  1.00 29.29 ? 230 PRO A N   1 
ATOM   1076 C CA  . PRO A 1 137 ? 1.133   4.028   -8.851  1.00 27.99 ? 230 PRO A CA  1 
ATOM   1077 C C   . PRO A 1 137 ? 0.484   4.895   -7.767  1.00 28.58 ? 230 PRO A C   1 
ATOM   1078 O O   . PRO A 1 137 ? -0.068  5.950   -8.092  1.00 33.22 ? 230 PRO A O   1 
ATOM   1079 C CB  . PRO A 1 137 ? 0.129   2.973   -9.385  1.00 30.53 ? 230 PRO A CB  1 
ATOM   1080 C CG  . PRO A 1 137 ? 0.875   1.680   -9.539  1.00 28.83 ? 230 PRO A CG  1 
ATOM   1081 C CD  . PRO A 1 137 ? 2.054   1.764   -8.617  1.00 30.65 ? 230 PRO A CD  1 
ATOM   1082 N N   . PHE A 1 138 ? 0.552   4.476   -6.503  1.00 27.16 ? 231 PHE A N   1 
ATOM   1083 C CA  . PHE A 1 138 ? -0.064  5.230   -5.371  1.00 27.23 ? 231 PHE A CA  1 
ATOM   1084 C C   . PHE A 1 138 ? 0.781   6.379   -4.770  1.00 25.12 ? 231 PHE A C   1 
ATOM   1085 O O   . PHE A 1 138 ? 0.299   7.150   -3.952  1.00 22.67 ? 231 PHE A O   1 
ATOM   1086 C CB  . PHE A 1 138 ? -0.468  4.244   -4.238  1.00 26.66 ? 231 PHE A CB  1 
ATOM   1087 C CG  . PHE A 1 138 ? -1.504  3.231   -4.666  1.00 27.85 ? 231 PHE A CG  1 
ATOM   1088 C CD1 . PHE A 1 138 ? -2.860  3.508   -4.552  1.00 29.02 ? 231 PHE A CD1 1 
ATOM   1089 C CD2 . PHE A 1 138 ? -1.137  1.998   -5.161  1.00 29.80 ? 231 PHE A CD2 1 
ATOM   1090 C CE1 . PHE A 1 138 ? -3.810  2.596   -4.943  1.00 28.13 ? 231 PHE A CE1 1 
ATOM   1091 C CE2 . PHE A 1 138 ? -2.101  1.069   -5.561  1.00 29.11 ? 231 PHE A CE2 1 
ATOM   1092 C CZ  . PHE A 1 138 ? -3.435  1.376   -5.458  1.00 28.74 ? 231 PHE A CZ  1 
ATOM   1093 N N   . ILE A 1 139 ? 2.028   6.522   -5.167  1.00 27.62 ? 232 ILE A N   1 
ATOM   1094 C CA  . ILE A 1 139 ? 2.938   7.464   -4.470  1.00 29.28 ? 232 ILE A CA  1 
ATOM   1095 C C   . ILE A 1 139 ? 2.581   8.929   -4.755  1.00 30.14 ? 232 ILE A C   1 
ATOM   1096 O O   . ILE A 1 139 ? 2.459   9.728   -3.818  1.00 29.45 ? 232 ILE A O   1 
ATOM   1097 C CB  . ILE A 1 139 ? 4.401   7.182   -4.831  1.00 28.65 ? 232 ILE A CB  1 
ATOM   1098 C CG1 . ILE A 1 139 ? 4.756   5.767   -4.424  1.00 27.73 ? 232 ILE A CG1 1 
ATOM   1099 C CG2 . ILE A 1 139 ? 5.348   8.201   -4.188  1.00 30.97 ? 232 ILE A CG2 1 
ATOM   1100 C CD1 . ILE A 1 139 ? 4.440   5.405   -2.995  1.00 26.82 ? 232 ILE A CD1 1 
ATOM   1101 N N   . ARG A 1 140 ? 2.375   9.260   -6.027  1.00 30.96 ? 233 ARG A N   1 
ATOM   1102 C CA  . ARG A 1 140 ? 2.073   10.631  -6.396  1.00 32.96 ? 233 ARG A CA  1 
ATOM   1103 C C   . ARG A 1 140 ? 0.670   11.042  -5.943  1.00 28.52 ? 233 ARG A C   1 
ATOM   1104 O O   . ARG A 1 140 ? 0.501   12.107  -5.405  1.00 28.46 ? 233 ARG A O   1 
ATOM   1105 C CB  . ARG A 1 140 ? 2.333   10.878  -7.880  1.00 39.27 ? 233 ARG A CB  1 
ATOM   1106 C CG  . ARG A 1 140 ? 2.038   12.294  -8.358  1.00 48.14 ? 233 ARG A CG  1 
ATOM   1107 C CD  . ARG A 1 140 ? 2.731   13.377  -7.529  1.00 61.42 ? 233 ARG A CD  1 
ATOM   1108 N NE  . ARG A 1 140 ? 4.213   13.306  -7.529  1.00 73.74 ? 233 ARG A NE  1 
ATOM   1109 C CZ  . ARG A 1 140 ? 5.037   14.089  -6.802  1.00 78.86 ? 233 ARG A CZ  1 
ATOM   1110 N NH1 . ARG A 1 140 ? 4.572   15.029  -5.958  1.00 81.92 ? 233 ARG A NH1 1 
ATOM   1111 N NH2 . ARG A 1 140 ? 6.358   13.937  -6.916  1.00 75.07 ? 233 ARG A NH2 1 
ATOM   1112 N N   . PRO A 1 141 ? -0.335  10.178  -6.093  1.00 28.25 ? 234 PRO A N   1 
ATOM   1113 C CA  . PRO A 1 141 ? -1.591  10.535  -5.445  1.00 28.37 ? 234 PRO A CA  1 
ATOM   1114 C C   . PRO A 1 141 ? -1.467  10.735  -3.937  1.00 29.45 ? 234 PRO A C   1 
ATOM   1115 O O   . PRO A 1 141 ? -2.109  11.632  -3.394  1.00 34.82 ? 234 PRO A O   1 
ATOM   1116 C CB  . PRO A 1 141 ? -2.493  9.351   -5.766  1.00 28.72 ? 234 PRO A CB  1 
ATOM   1117 C CG  . PRO A 1 141 ? -2.005  8.903   -7.090  1.00 28.06 ? 234 PRO A CG  1 
ATOM   1118 C CD  . PRO A 1 141 ? -0.519  9.062   -7.035  1.00 28.01 ? 234 PRO A CD  1 
ATOM   1119 N N   . LEU A 1 142 ? -0.627  9.951   -3.275  1.00 29.25 ? 235 LEU A N   1 
ATOM   1120 C CA  . LEU A 1 142 ? -0.513  10.032  -1.827  1.00 31.50 ? 235 LEU A CA  1 
ATOM   1121 C C   . LEU A 1 142 ? 0.108   11.355  -1.443  1.00 31.46 ? 235 LEU A C   1 
ATOM   1122 O O   . LEU A 1 142 ? -0.341  11.987  -0.517  1.00 27.84 ? 235 LEU A O   1 
ATOM   1123 C CB  . LEU A 1 142 ? 0.316   8.880   -1.262  1.00 31.06 ? 235 LEU A CB  1 
ATOM   1124 C CG  . LEU A 1 142 ? 0.441   8.885   0.259   1.00 33.41 ? 235 LEU A CG  1 
ATOM   1125 C CD1 . LEU A 1 142 ? -0.908  8.682   0.928   1.00 31.63 ? 235 LEU A CD1 1 
ATOM   1126 C CD2 . LEU A 1 142 ? 1.419   7.820   0.706   1.00 32.41 ? 235 LEU A CD2 1 
ATOM   1127 N N   . ARG A 1 143 ? 1.146   11.758  -2.168  1.00 34.76 ? 236 ARG A N   1 
ATOM   1128 C CA  . ARG A 1 143 ? 1.802   13.033  -1.903  1.00 35.73 ? 236 ARG A CA  1 
ATOM   1129 C C   . ARG A 1 143 ? 0.886   14.242  -2.086  1.00 36.83 ? 236 ARG A C   1 
ATOM   1130 O O   . ARG A 1 143 ? 0.952   15.163  -1.267  1.00 34.55 ? 236 ARG A O   1 
ATOM   1131 C CB  . ARG A 1 143 ? 2.999   13.204  -2.807  1.00 38.14 ? 236 ARG A CB  1 
ATOM   1132 C CG  . ARG A 1 143 ? 4.174   12.333  -2.414  1.00 38.78 ? 236 ARG A CG  1 
ATOM   1133 C CD  . ARG A 1 143 ? 5.258   12.441  -3.467  1.00 38.77 ? 236 ARG A CD  1 
ATOM   1134 N NE  . ARG A 1 143 ? 6.435   11.646  -3.122  1.00 43.74 ? 236 ARG A NE  1 
ATOM   1135 C CZ  . ARG A 1 143 ? 7.349   11.185  -3.993  1.00 45.33 ? 236 ARG A CZ  1 
ATOM   1136 N NH1 . ARG A 1 143 ? 7.231   11.417  -5.311  1.00 43.78 ? 236 ARG A NH1 1 
ATOM   1137 N NH2 . ARG A 1 143 ? 8.385   10.459  -3.547  1.00 41.80 ? 236 ARG A NH2 1 
ATOM   1138 N N   . ASP A 1 144 ? 0.083   14.239  -3.164  1.00 35.11 ? 237 ASP A N   1 
ATOM   1139 C CA  . ASP A 1 144 ? -0.913  15.281  -3.410  1.00 37.17 ? 237 ASP A CA  1 
ATOM   1140 C C   . ASP A 1 144 ? -1.974  15.273  -2.309  1.00 38.36 ? 237 ASP A C   1 
ATOM   1141 O O   . ASP A 1 144 ? -2.285  16.320  -1.748  1.00 37.67 ? 237 ASP A O   1 
ATOM   1142 C CB  . ASP A 1 144 ? -1.635  15.104  -4.773  1.00 42.33 ? 237 ASP A CB  1 
ATOM   1143 C CG  . ASP A 1 144 ? -0.696  15.250  -6.001  1.00 45.43 ? 237 ASP A CG  1 
ATOM   1144 O OD1 . ASP A 1 144 ? 0.488   15.653  -5.869  1.00 43.97 ? 237 ASP A OD1 1 
ATOM   1145 O OD2 . ASP A 1 144 ? -1.158  14.930  -7.120  1.00 47.09 ? 237 ASP A OD2 1 
ATOM   1146 N N   . TRP A 1 145 ? -2.552  14.096  -2.016  1.00 35.52 ? 238 TRP A N   1 
ATOM   1147 C CA  . TRP A 1 145 ? -3.537  13.968  -0.925  1.00 33.24 ? 238 TRP A CA  1 
ATOM   1148 C C   . TRP A 1 145 ? -3.009  14.519  0.429   1.00 32.58 ? 238 TRP A C   1 
ATOM   1149 O O   . TRP A 1 145 ? -3.744  15.200  1.139   1.00 32.51 ? 238 TRP A O   1 
ATOM   1150 C CB  . TRP A 1 145 ? -3.979  12.503  -0.775  1.00 31.98 ? 238 TRP A CB  1 
ATOM   1151 C CG  . TRP A 1 145 ? -5.169  12.245  0.146   1.00 31.48 ? 238 TRP A CG  1 
ATOM   1152 C CD1 . TRP A 1 145 ? -6.456  11.974  -0.236  1.00 32.85 ? 238 TRP A CD1 1 
ATOM   1153 C CD2 . TRP A 1 145 ? -5.158  12.153  1.585   1.00 30.51 ? 238 TRP A CD2 1 
ATOM   1154 N NE1 . TRP A 1 145 ? -7.253  11.733  0.874   1.00 31.33 ? 238 TRP A NE1 1 
ATOM   1155 C CE2 . TRP A 1 145 ? -6.481  11.852  2.000   1.00 30.93 ? 238 TRP A CE2 1 
ATOM   1156 C CE3 . TRP A 1 145 ? -4.164  12.297  2.562   1.00 31.53 ? 238 TRP A CE3 1 
ATOM   1157 C CZ2 . TRP A 1 145 ? -6.834  11.701  3.355   1.00 30.56 ? 238 TRP A CZ2 1 
ATOM   1158 C CZ3 . TRP A 1 145 ? -4.513  12.138  3.911   1.00 31.51 ? 238 TRP A CZ3 1 
ATOM   1159 C CH2 . TRP A 1 145 ? -5.844  11.846  4.285   1.00 29.95 ? 238 TRP A CH2 1 
ATOM   1160 N N   . LEU A 1 146 ? -1.757  14.222  0.782   1.00 30.89 ? 239 LEU A N   1 
ATOM   1161 C CA  . LEU A 1 146 ? -1.128  14.791  1.982   1.00 32.19 ? 239 LEU A CA  1 
ATOM   1162 C C   . LEU A 1 146 ? -0.893  16.317  1.929   1.00 35.88 ? 239 LEU A C   1 
ATOM   1163 O O   . LEU A 1 146 ? -1.056  16.982  2.943   1.00 34.71 ? 239 LEU A O   1 
ATOM   1164 C CB  . LEU A 1 146 ? 0.206   14.107  2.271   1.00 31.63 ? 239 LEU A CB  1 
ATOM   1165 C CG  . LEU A 1 146 ? 0.172   12.616  2.607   1.00 34.29 ? 239 LEU A CG  1 
ATOM   1166 C CD1 . LEU A 1 146 ? 1.577   12.004  2.626   1.00 34.60 ? 239 LEU A CD1 1 
ATOM   1167 C CD2 . LEU A 1 146 ? -0.519  12.392  3.945   1.00 33.09 ? 239 LEU A CD2 1 
ATOM   1168 N N   . SER A 1 147 ? -0.468  16.854  0.781   1.00 38.49 ? 240 SER A N   1 
ATOM   1169 C CA  . SER A 1 147 ? -0.383  18.304  0.564   1.00 42.46 ? 240 SER A CA  1 
ATOM   1170 C C   . SER A 1 147 ? -1.716  18.972  0.900   1.00 45.45 ? 240 SER A C   1 
ATOM   1171 O O   . SER A 1 147 ? -1.790  19.864  1.741   1.00 51.12 ? 240 SER A O   1 
ATOM   1172 C CB  . SER A 1 147 ? -0.029  18.635  -0.898  1.00 45.45 ? 240 SER A CB  1 
ATOM   1173 O OG  . SER A 1 147 ? 1.368   18.595  -1.109  1.00 51.46 ? 240 SER A OG  1 
ATOM   1174 N N   . ARG A 1 148 ? -2.775  18.519  0.250   1.00 46.67 ? 241 ARG A N   1 
ATOM   1175 C CA  . ARG A 1 148 ? -4.089  19.066  0.496   1.00 49.24 ? 241 ARG A CA  1 
ATOM   1176 C C   . ARG A 1 148 ? -4.577  18.984  1.989   1.00 53.96 ? 241 ARG A C   1 
ATOM   1177 O O   . ARG A 1 148 ? -4.800  20.023  2.618   1.00 61.14 ? 241 ARG A O   1 
ATOM   1178 C CB  . ARG A 1 148 ? -5.099  18.478  -0.497  1.00 46.04 ? 241 ARG A CB  1 
ATOM   1179 C CG  . ARG A 1 148 ? -4.811  18.867  -1.936  1.00 44.91 ? 241 ARG A CG  1 
ATOM   1180 N N   . ARG A 1 149 ? -4.715  17.770  2.522   0.50 55.15 ? 242 ARG A N   1 
ATOM   1181 C CA  . ARG A 1 149 ? -5.249  17.556  3.877   0.50 54.95 ? 242 ARG A CA  1 
ATOM   1182 C C   . ARG A 1 149 ? -4.408  18.137  5.028   0.50 56.73 ? 242 ARG A C   1 
ATOM   1183 O O   . ARG A 1 149 ? -4.955  18.412  6.099   0.50 57.75 ? 242 ARG A O   1 
ATOM   1184 C CB  . ARG A 1 149 ? -5.470  16.060  4.114   0.50 55.26 ? 242 ARG A CB  1 
ATOM   1185 C CG  . ARG A 1 149 ? -5.474  15.643  5.583   0.50 55.36 ? 242 ARG A CG  1 
ATOM   1186 C CD  . ARG A 1 149 ? -6.792  15.946  6.284   0.50 55.15 ? 242 ARG A CD  1 
ATOM   1187 N NE  . ARG A 1 149 ? -7.953  15.445  5.552   0.50 54.69 ? 242 ARG A NE  1 
ATOM   1188 C CZ  . ARG A 1 149 ? -8.687  14.403  5.923   0.50 53.69 ? 242 ARG A CZ  1 
ATOM   1189 N NH1 . ARG A 1 149 ? -9.721  14.036  5.179   0.50 54.64 ? 242 ARG A NH1 1 
ATOM   1190 N NH2 . ARG A 1 149 ? -8.392  13.731  7.030   0.50 52.17 ? 242 ARG A NH2 1 
ATOM   1191 N N   . PHE A 1 150 ? -3.103  18.332  4.811   1.00 57.13 ? 243 PHE A N   1 
ATOM   1192 C CA  . PHE A 1 150 ? -2.164  18.830  5.880   1.00 54.88 ? 243 PHE A CA  1 
ATOM   1193 C C   . PHE A 1 150 ? -1.293  20.066  5.570   1.00 68.65 ? 243 PHE A C   1 
ATOM   1194 O O   . PHE A 1 150 ? -1.107  20.911  6.454   1.00 84.00 ? 243 PHE A O   1 
ATOM   1195 C CB  . PHE A 1 150 ? -1.212  17.707  6.297   1.00 51.45 ? 243 PHE A CB  1 
ATOM   1196 C CG  . PHE A 1 150 ? -1.878  16.577  7.060   1.00 50.90 ? 243 PHE A CG  1 
ATOM   1197 C CD1 . PHE A 1 150 ? -2.210  16.727  8.412   1.00 48.04 ? 243 PHE A CD1 1 
ATOM   1198 C CD2 . PHE A 1 150 ? -2.134  15.352  6.446   1.00 43.80 ? 243 PHE A CD2 1 
ATOM   1199 C CE1 . PHE A 1 150 ? -2.813  15.695  9.110   1.00 45.55 ? 243 PHE A CE1 1 
ATOM   1200 C CE2 . PHE A 1 150 ? -2.733  14.321  7.147   1.00 45.57 ? 243 PHE A CE2 1 
ATOM   1201 C CZ  . PHE A 1 150 ? -3.077  14.492  8.482   1.00 46.31 ? 243 PHE A CZ  1 
ATOM   1202 N N   . GLY A 1 151 ? -0.721  20.161  4.368   1.00 71.82 ? 244 GLY A N   1 
ATOM   1203 C CA  . GLY A 1 151 ? 0.264   21.215  4.044   1.00 71.43 ? 244 GLY A CA  1 
ATOM   1204 C C   . GLY A 1 151 ? 1.582   21.041  4.796   1.00 70.39 ? 244 GLY A C   1 
ATOM   1205 O O   . GLY A 1 151 ? 2.451   21.921  4.785   1.00 69.94 ? 244 GLY A O   1 
HETATM 1206 C C1  . EDO B 2 .   ? 14.753  -5.843  -8.416  1.00 67.63 ? 301 EDO A C1  1 
HETATM 1207 O O1  . EDO B 2 .   ? 13.523  -6.167  -9.087  1.00 65.14 ? 301 EDO A O1  1 
HETATM 1208 C C2  . EDO B 2 .   ? 15.266  -4.464  -8.844  1.00 67.06 ? 301 EDO A C2  1 
HETATM 1209 O O2  . EDO B 2 .   ? 15.762  -3.737  -7.708  1.00 62.04 ? 301 EDO A O2  1 
HETATM 1210 S S   . DMS C 3 .   ? 12.454  4.693   8.747   1.00 63.46 ? 302 DMS A S   1 
HETATM 1211 O O   . DMS C 3 .   ? 11.389  4.055   7.964   1.00 76.41 ? 302 DMS A O   1 
HETATM 1212 C C1  . DMS C 3 .   ? 13.576  3.469   9.128   1.00 65.91 ? 302 DMS A C1  1 
HETATM 1213 C C2  . DMS C 3 .   ? 13.320  5.676   7.658   1.00 61.02 ? 302 DMS A C2  1 
HETATM 1214 C C   . ACT D 4 .   ? 11.990  -14.421 -6.650  1.00 47.78 ? 303 ACT A C   1 
HETATM 1215 O O   . ACT D 4 .   ? 11.931  -13.628 -5.701  1.00 51.26 ? 303 ACT A O   1 
HETATM 1216 O OXT . ACT D 4 .   ? 10.959  -14.777 -7.215  1.00 47.95 ? 303 ACT A OXT 1 
HETATM 1217 C CH3 . ACT D 4 .   ? 13.298  -14.962 -7.143  1.00 48.53 ? 303 ACT A CH3 1 
HETATM 1218 C C   . ACT E 4 .   ? 9.392   -5.598  -11.941 1.00 60.53 ? 304 ACT A C   1 
HETATM 1219 O O   . ACT E 4 .   ? 9.627   -4.394  -11.789 1.00 60.94 ? 304 ACT A O   1 
HETATM 1220 O OXT . ACT E 4 .   ? 10.285  -6.435  -11.732 1.00 71.22 ? 304 ACT A OXT 1 
HETATM 1221 C CH3 . ACT E 4 .   ? 8.034   -6.050  -12.384 1.00 60.96 ? 304 ACT A CH3 1 
HETATM 1222 C C1  . PEG F 5 .   ? 1.408   -7.322  -2.107  1.00 55.09 ? 305 PEG A C1  1 
HETATM 1223 O O1  . PEG F 5 .   ? 2.710   -7.813  -1.906  1.00 43.72 ? 305 PEG A O1  1 
HETATM 1224 C C2  . PEG F 5 .   ? 0.556   -7.834  -0.944  1.00 69.19 ? 305 PEG A C2  1 
HETATM 1225 O O2  . PEG F 5 .   ? -0.876  -7.677  -1.143  1.00 80.47 ? 305 PEG A O2  1 
HETATM 1226 C C3  . PEG F 5 .   ? -1.527  -8.728  -1.893  1.00 85.31 ? 305 PEG A C3  1 
HETATM 1227 C C4  . PEG F 5 .   ? -2.153  -8.124  -3.158  1.00 89.16 ? 305 PEG A C4  1 
HETATM 1228 O O4  . PEG F 5 .   ? -3.229  -8.905  -3.710  1.00 93.73 ? 305 PEG A O4  1 
HETATM 1229 N N1  . AWS G 6 .   ? -14.613 -7.386  11.057  0.58 38.93 ? 306 AWS A N1  1 
HETATM 1230 C C4  . AWS G 6 .   ? -12.594 -11.287 9.210   0.58 40.88 ? 306 AWS A C4  1 
HETATM 1231 C C5  . AWS G 6 .   ? -11.830 -9.241  10.249  0.58 39.39 ? 306 AWS A C5  1 
HETATM 1232 C C6  . AWS G 6 .   ? -10.623 -9.825  10.662  0.58 38.96 ? 306 AWS A C6  1 
HETATM 1233 C C7  . AWS G 6 .   ? -9.720  -9.062  11.408  0.58 39.09 ? 306 AWS A C7  1 
HETATM 1234 C C8  . AWS G 6 .   ? -10.004 -7.753  11.734  0.58 39.11 ? 306 AWS A C8  1 
HETATM 1235 C C10 . AWS G 6 .   ? -12.146 -7.912  10.579  0.58 39.65 ? 306 AWS A C10 1 
HETATM 1236 C C13 . AWS G 6 .   ? -14.269 -7.153  12.487  0.58 38.92 ? 306 AWS A C13 1 
HETATM 1237 C C1  . AWS G 6 .   ? -9.019  -11.838 10.486  0.58 39.92 ? 306 AWS A C1  1 
HETATM 1238 C C2  . AWS G 6 .   ? -10.375 -11.212 10.290  0.58 39.92 ? 306 AWS A C2  1 
HETATM 1239 C C3  . AWS G 6 .   ? -11.400 -11.941 9.737   0.58 39.86 ? 306 AWS A C3  1 
HETATM 1240 O O1  . AWS G 6 .   ? -13.425 -11.810 8.512   0.58 41.24 ? 306 AWS A O1  1 
HETATM 1241 O O2  . AWS G 6 .   ? -12.789 -9.958  9.504   0.58 41.15 ? 306 AWS A O2  1 
HETATM 1242 C C9  . AWS G 6 .   ? -11.207 -7.174  11.316  0.58 39.65 ? 306 AWS A C9  1 
HETATM 1243 C C11 . AWS G 6 .   ? -13.431 -7.261  10.122  0.58 39.94 ? 306 AWS A C11 1 
HETATM 1244 C C12 . AWS G 6 .   ? -15.365 -8.661  10.885  0.58 39.11 ? 306 AWS A C12 1 
HETATM 1245 O O3  . AWS G 6 .   ? -11.453 -5.891  11.658  0.58 40.20 ? 306 AWS A O3  1 
HETATM 1246 O O   . HOH H 7 .   ? 5.676   15.562  7.743   1.00 39.39 ? 401 HOH A O   1 
HETATM 1247 O O   . HOH H 7 .   ? 2.484   16.577  -4.696  1.00 49.24 ? 402 HOH A O   1 
HETATM 1248 O O   . HOH H 7 .   ? -14.867 -12.182 5.165   1.00 47.02 ? 403 HOH A O   1 
HETATM 1249 O O   . HOH H 7 .   ? 11.194  -0.750  9.585   1.00 34.22 ? 404 HOH A O   1 
HETATM 1250 O O   . HOH H 7 .   ? -1.067  6.608   -10.363 1.00 40.16 ? 405 HOH A O   1 
HETATM 1251 O O   . HOH H 7 .   ? 6.896   -0.878  13.687  1.00 32.38 ? 406 HOH A O   1 
HETATM 1252 O O   . HOH H 7 .   ? 11.842  9.718   -4.933  1.00 35.27 ? 407 HOH A O   1 
HETATM 1253 O O   . HOH H 7 .   ? 13.128  14.238  9.446   1.00 50.10 ? 408 HOH A O   1 
HETATM 1254 O O   . HOH H 7 .   ? 10.030  -12.031 -2.457  1.00 23.70 ? 409 HOH A O   1 
HETATM 1255 O O   . HOH H 7 .   ? -16.515 -3.903  -3.679  1.00 36.36 ? 410 HOH A O   1 
HETATM 1256 O O   . HOH H 7 .   ? -6.517  -4.409  9.875   1.00 34.22 ? 411 HOH A O   1 
HETATM 1257 O O   . HOH H 7 .   ? -1.688  12.524  -8.054  1.00 55.08 ? 412 HOH A O   1 
HETATM 1258 O O   . HOH H 7 .   ? 0.351   0.446   4.623   1.00 24.96 ? 413 HOH A O   1 
HETATM 1259 O O   . HOH H 7 .   ? 0.102   -4.227  -2.886  1.00 41.34 ? 414 HOH A O   1 
HETATM 1260 O O   . HOH H 7 .   ? 17.843  0.442   -30.554 1.00 35.18 ? 415 HOH A O   1 
HETATM 1261 O O   . HOH H 7 .   ? -9.108  -1.223  15.287  1.00 30.43 ? 416 HOH A O   1 
HETATM 1262 O O   . HOH H 7 .   ? -9.056  6.091   6.476   1.00 19.08 ? 417 HOH A O   1 
HETATM 1263 O O   . HOH H 7 .   ? 2.890   7.608   -8.403  1.00 31.84 ? 418 HOH A O   1 
HETATM 1264 O O   . HOH H 7 .   ? 7.866   -15.805 5.871   1.00 45.95 ? 419 HOH A O   1 
HETATM 1265 O O   . HOH H 7 .   ? -14.790 -9.271  6.994   1.00 43.43 ? 420 HOH A O   1 
HETATM 1266 O O   . HOH H 7 .   ? 4.206   -27.018 3.089   1.00 46.91 ? 421 HOH A O   1 
HETATM 1267 O O   . HOH H 7 .   ? 4.579   0.122   -11.364 1.00 42.63 ? 422 HOH A O   1 
HETATM 1268 O O   . HOH H 7 .   ? -7.613  7.223   9.957   1.00 21.90 ? 423 HOH A O   1 
HETATM 1269 O O   . HOH H 7 .   ? 6.466   -4.333  -6.078  1.00 41.37 ? 424 HOH A O   1 
HETATM 1270 O O   . HOH H 7 .   ? 0.406   -1.794  -3.791  1.00 26.11 ? 425 HOH A O   1 
HETATM 1271 O O   . HOH H 7 .   ? 5.472   13.529  3.732   1.00 35.50 ? 426 HOH A O   1 
HETATM 1272 O O   . HOH H 7 .   ? -0.504  -2.490  -7.430  1.00 42.69 ? 427 HOH A O   1 
HETATM 1273 O O   . HOH H 7 .   ? 9.851   11.308  3.744   1.00 25.68 ? 428 HOH A O   1 
HETATM 1274 O O   . HOH H 7 .   ? 10.027  -15.319 -4.397  1.00 28.11 ? 429 HOH A O   1 
HETATM 1275 O O   . HOH H 7 .   ? -16.110 -14.810 -1.137  1.00 60.96 ? 430 HOH A O   1 
HETATM 1276 O O   . HOH H 7 .   ? -7.054  8.459   -6.896  1.00 50.12 ? 431 HOH A O   1 
HETATM 1277 O O   . HOH H 7 .   ? -15.789 3.913   2.219   1.00 47.56 ? 432 HOH A O   1 
HETATM 1278 O O   . HOH H 7 .   ? 13.216  2.850   -22.468 1.00 35.08 ? 433 HOH A O   1 
HETATM 1279 O O   . HOH H 7 .   ? -15.442 -12.217 -4.816  1.00 52.97 ? 434 HOH A O   1 
HETATM 1280 O O   . HOH H 7 .   ? -12.763 -4.196  -9.932  1.00 38.46 ? 435 HOH A O   1 
HETATM 1281 O O   . HOH H 7 .   ? -4.886  12.000  -4.464  1.00 39.73 ? 436 HOH A O   1 
HETATM 1282 O O   . HOH H 7 .   ? -3.723  13.435  -6.678  1.00 62.14 ? 437 HOH A O   1 
HETATM 1283 O O   . HOH H 7 .   ? -3.838  -4.422  16.579  1.00 39.85 ? 438 HOH A O   1 
HETATM 1284 O O   . HOH H 7 .   ? 13.436  4.377   3.156   1.00 24.29 ? 439 HOH A O   1 
HETATM 1285 O O   . HOH H 7 .   ? -10.241 11.196  0.126   1.00 31.37 ? 440 HOH A O   1 
HETATM 1286 O O   . HOH H 7 .   ? -5.183  -2.548  16.955  1.00 36.34 ? 441 HOH A O   1 
HETATM 1287 O O   . HOH H 7 .   ? 11.489  9.404   10.878  1.00 49.63 ? 442 HOH A O   1 
HETATM 1288 O O   . HOH H 7 .   ? 13.940  1.188   5.352   1.00 43.62 ? 443 HOH A O   1 
HETATM 1289 O O   . HOH H 7 .   ? -6.852  5.346   -12.057 1.00 33.17 ? 444 HOH A O   1 
HETATM 1290 O O   . HOH H 7 .   ? 4.323   -1.927  20.650  1.00 51.55 ? 445 HOH A O   1 
HETATM 1291 O O   . HOH H 7 .   ? 16.024  7.508   -16.499 1.00 54.46 ? 446 HOH A O   1 
HETATM 1292 O O   . HOH H 7 .   ? 12.880  4.587   -10.447 1.00 57.89 ? 447 HOH A O   1 
HETATM 1293 O O   . HOH H 7 .   ? -5.907  -11.115 -2.343  1.00 26.99 ? 448 HOH A O   1 
HETATM 1294 O O   . HOH H 7 .   ? -7.564  9.409   8.225   1.00 41.86 ? 449 HOH A O   1 
HETATM 1295 O O   . HOH H 7 .   ? 17.296  -2.056  -12.041 1.00 44.65 ? 450 HOH A O   1 
HETATM 1296 O O   . HOH H 7 .   ? 2.159   -2.906  19.230  1.00 38.57 ? 451 HOH A O   1 
HETATM 1297 O O   . HOH H 7 .   ? 13.382  10.740  -13.570 1.00 62.98 ? 452 HOH A O   1 
HETATM 1298 O O   . HOH H 7 .   ? -15.842 6.948   9.254   1.00 22.25 ? 453 HOH A O   1 
HETATM 1299 O O   . HOH H 7 .   ? -22.220 -5.175  1.395   1.00 51.35 ? 454 HOH A O   1 
HETATM 1300 O O   . HOH H 7 .   ? 13.222  7.482   -16.163 1.00 47.05 ? 455 HOH A O   1 
HETATM 1301 O O   . HOH H 7 .   ? -8.958  8.867   -5.015  1.00 38.29 ? 456 HOH A O   1 
HETATM 1302 O O   . HOH H 7 .   ? 16.361  6.767   -3.023  1.00 41.53 ? 457 HOH A O   1 
HETATM 1303 O O   . HOH H 7 .   ? 4.082   15.997  -0.064  1.00 62.39 ? 458 HOH A O   1 
HETATM 1304 O O   . HOH H 7 .   ? 3.091   -28.730 4.707   1.00 60.29 ? 459 HOH A O   1 
HETATM 1305 O O   . HOH H 7 .   ? -12.758 6.059   -17.357 1.00 41.02 ? 460 HOH A O   1 
HETATM 1306 O O   . HOH H 7 .   ? -0.667  -4.567  17.185  1.00 50.47 ? 461 HOH A O   1 
HETATM 1307 O O   . HOH H 7 .   ? -2.184  18.514  -4.844  1.00 56.61 ? 462 HOH A O   1 
HETATM 1308 O O   . HOH H 7 .   ? -5.434  -6.660  17.373  1.00 40.00 ? 463 HOH A O   1 
HETATM 1309 O O   . HOH H 7 .   ? -11.653 11.563  -2.110  1.00 45.56 ? 464 HOH A O   1 
HETATM 1310 O O   . HOH H 7 .   ? -15.976 4.515   13.424  1.00 44.21 ? 465 HOH A O   1 
HETATM 1311 O O   . HOH H 7 .   ? 14.779  2.993   -0.440  1.00 39.66 ? 466 HOH A O   1 
HETATM 1312 O O   . HOH H 7 .   ? -6.899  10.307  -5.400  1.00 48.42 ? 467 HOH A O   1 
# 
